data_3CBS
# 
_entry.id   3CBS 
# 
_audit_conform.dict_name       mmcif_pdbx.dic 
_audit_conform.dict_version    5.377 
_audit_conform.dict_location   http://mmcif.pdb.org/dictionaries/ascii/mmcif_pdbx.dic 
# 
loop_
_database_2.database_id 
_database_2.database_code 
_database_2.pdbx_database_accession 
_database_2.pdbx_DOI 
PDB   3CBS         pdb_00003cbs 10.2210/pdb3cbs/pdb 
RCSB  RCSB000535   ?            ?                   
WWPDB D_1000000535 ?            ?                   
# 
_pdbx_database_status.status_code                     REL 
_pdbx_database_status.entry_id                        3CBS 
_pdbx_database_status.recvd_initial_deposition_date   1999-02-22 
_pdbx_database_status.deposit_site                    PDBE 
_pdbx_database_status.process_site                    RCSB 
_pdbx_database_status.status_code_sf                  REL 
_pdbx_database_status.SG_entry                        . 
_pdbx_database_status.status_code_mr                  ? 
_pdbx_database_status.status_code_cs                  ? 
_pdbx_database_status.pdb_format_compatible           Y 
_pdbx_database_status.methods_development_category    ? 
_pdbx_database_status.status_code_nmr_data            ? 
# 
loop_
_audit_author.name 
_audit_author.pdbx_ordinal 
'Chaudhuri, B.'  1 
'Kleywegt, G.J.' 2 
'Bergfors, T.'   3 
'Jones, T.A.'    4 
# 
loop_
_citation.id 
_citation.title 
_citation.journal_abbrev 
_citation.journal_volume 
_citation.page_first 
_citation.page_last 
_citation.year 
_citation.journal_id_ASTM 
_citation.country 
_citation.journal_id_ISSN 
_citation.journal_id_CSD 
_citation.book_publisher 
_citation.pdbx_database_id_PubMed 
_citation.pdbx_database_id_DOI 
primary 'Structures of cellular retinoic acid binding proteins I and II in complex with synthetic retinoids.' 
'Acta Crystallogr.,Sect.D' 55 1850 1857 1999 ABCRE6 DK 0907-4449 0766 ? 10531482 10.1107/S0907444999011026       
1       
;Crystal structures of cellular retinoic acid binding proteins I and II in complex with all-trans-retinoic acid and a synthetic retinoid.
;
Structure                  2  1241 1258 1994 STRUE6 UK 0969-2126 2005 ? 7704533  '10.1016/s0969-2126(94)00125-1' 
2       'Lipid-binding proteins: a family of fatty acid and retinoid transport proteins.' 'Adv.Protein Chem.'        45 89   151  
1994 APCHA2 US 0065-3233 0433 ? 8154375  ?                               
3       'Crystallization and preliminary X-ray analysis of recombinant bovine cellular retinoic acid-binding protein.' 
'Acta Crystallogr.,Sect.D' 50 370  374  1994 ABCRE6 DK 0907-4449 0766 ? 15299387 10.1107/S0907444994001204       
# 
loop_
_citation_author.citation_id 
_citation_author.name 
_citation_author.ordinal 
_citation_author.identifier_ORCID 
primary 'Chaudhuri, B.N.'       1  ? 
primary 'Kleywegt, G.J.'        2  ? 
primary 
;Broutin-L'Hermite, I.
;
3  ? 
primary 'Bergfors, T.'          4  ? 
primary 'Senn, H.'              5  ? 
primary 'Le Motte, P.'          6  ? 
primary 'Partouche, O.'         7  ? 
primary 'Jones, T.A.'           8  ? 
1       'Kleywegt, G.J.'        9  ? 
1       'Bergfors, T.'          10 ? 
1       'Senn, H.'              11 ? 
1       'Le Motte, P.'          12 ? 
1       'Gsell, B.'             13 ? 
1       'Shudo, K.'             14 ? 
1       'Jones, T.A.'           15 ? 
2       'Banaszak, L.'          16 ? 
2       'Winter, N.'            17 ? 
2       'Xu, Z.'                18 ? 
2       'Bernlohr, D.A.'        19 ? 
2       'Cowan, S.'             20 ? 
2       'Jones, T.A.'           21 ? 
3       'Bergfors, T.'          22 ? 
3       'Kleywegt, G.J.'        23 ? 
3       'Jones, T.A.'           24 ? 
# 
_cell.entry_id           3CBS 
_cell.length_a           38.030 
_cell.length_b           48.320 
_cell.length_c           83.820 
_cell.angle_alpha        90.00 
_cell.angle_beta         90.00 
_cell.angle_gamma        90.00 
_cell.Z_PDB              4 
_cell.pdbx_unique_axis   ? 
# 
_symmetry.entry_id                         3CBS 
_symmetry.space_group_name_H-M             'P 21 21 21' 
_symmetry.pdbx_full_space_group_name_H-M   ? 
_symmetry.cell_setting                     ? 
_symmetry.Int_Tables_number                19 
# 
loop_
_entity.id 
_entity.type 
_entity.src_method 
_entity.pdbx_description 
_entity.formula_weight 
_entity.pdbx_number_of_molecules 
_entity.pdbx_ec 
_entity.pdbx_mutation 
_entity.pdbx_fragment 
_entity.details 
1 polymer     man 'PROTEIN (CRABP-II)'                                                                         15581.802 1  ? ? ? 
? 
2 non-polymer syn '(2E,4E,6E,8E)-9-(4-hydroxy-2,3,6-trimethylphenyl)-3,7-dimethylnona-2,4,6,8-tetraenoic acid' 312.403   1  ? ? ? 
? 
3 water       nat water                                                                                        18.015    57 ? ? ? 
? 
# 
_entity_poly.entity_id                      1 
_entity_poly.type                           'polypeptide(L)' 
_entity_poly.nstd_linkage                   no 
_entity_poly.nstd_monomer                   no 
_entity_poly.pdbx_seq_one_letter_code       
;PNFSGNWKIIRSENFEELLKVLGVNVMLRKIAVAAASKPAVEIKQEGDTFYIKTSTTVRTTEINFKVGEEFEEQTVDGRP
CKSLVKWESENKMVCEQKLLKGEGPKTSWTRELTNDGELILTMTADDVVCTRVYVRE
;
_entity_poly.pdbx_seq_one_letter_code_can   
;PNFSGNWKIIRSENFEELLKVLGVNVMLRKIAVAAASKPAVEIKQEGDTFYIKTSTTVRTTEINFKVGEEFEEQTVDGRP
CKSLVKWESENKMVCEQKLLKGEGPKTSWTRELTNDGELILTMTADDVVCTRVYVRE
;
_entity_poly.pdbx_strand_id                 A 
_entity_poly.pdbx_target_identifier         ? 
# 
loop_
_entity_poly_seq.entity_id 
_entity_poly_seq.num 
_entity_poly_seq.mon_id 
_entity_poly_seq.hetero 
1 1   PRO n 
1 2   ASN n 
1 3   PHE n 
1 4   SER n 
1 5   GLY n 
1 6   ASN n 
1 7   TRP n 
1 8   LYS n 
1 9   ILE n 
1 10  ILE n 
1 11  ARG n 
1 12  SER n 
1 13  GLU n 
1 14  ASN n 
1 15  PHE n 
1 16  GLU n 
1 17  GLU n 
1 18  LEU n 
1 19  LEU n 
1 20  LYS n 
1 21  VAL n 
1 22  LEU n 
1 23  GLY n 
1 24  VAL n 
1 25  ASN n 
1 26  VAL n 
1 27  MET n 
1 28  LEU n 
1 29  ARG n 
1 30  LYS n 
1 31  ILE n 
1 32  ALA n 
1 33  VAL n 
1 34  ALA n 
1 35  ALA n 
1 36  ALA n 
1 37  SER n 
1 38  LYS n 
1 39  PRO n 
1 40  ALA n 
1 41  VAL n 
1 42  GLU n 
1 43  ILE n 
1 44  LYS n 
1 45  GLN n 
1 46  GLU n 
1 47  GLY n 
1 48  ASP n 
1 49  THR n 
1 50  PHE n 
1 51  TYR n 
1 52  ILE n 
1 53  LYS n 
1 54  THR n 
1 55  SER n 
1 56  THR n 
1 57  THR n 
1 58  VAL n 
1 59  ARG n 
1 60  THR n 
1 61  THR n 
1 62  GLU n 
1 63  ILE n 
1 64  ASN n 
1 65  PHE n 
1 66  LYS n 
1 67  VAL n 
1 68  GLY n 
1 69  GLU n 
1 70  GLU n 
1 71  PHE n 
1 72  GLU n 
1 73  GLU n 
1 74  GLN n 
1 75  THR n 
1 76  VAL n 
1 77  ASP n 
1 78  GLY n 
1 79  ARG n 
1 80  PRO n 
1 81  CYS n 
1 82  LYS n 
1 83  SER n 
1 84  LEU n 
1 85  VAL n 
1 86  LYS n 
1 87  TRP n 
1 88  GLU n 
1 89  SER n 
1 90  GLU n 
1 91  ASN n 
1 92  LYS n 
1 93  MET n 
1 94  VAL n 
1 95  CYS n 
1 96  GLU n 
1 97  GLN n 
1 98  LYS n 
1 99  LEU n 
1 100 LEU n 
1 101 LYS n 
1 102 GLY n 
1 103 GLU n 
1 104 GLY n 
1 105 PRO n 
1 106 LYS n 
1 107 THR n 
1 108 SER n 
1 109 TRP n 
1 110 THR n 
1 111 ARG n 
1 112 GLU n 
1 113 LEU n 
1 114 THR n 
1 115 ASN n 
1 116 ASP n 
1 117 GLY n 
1 118 GLU n 
1 119 LEU n 
1 120 ILE n 
1 121 LEU n 
1 122 THR n 
1 123 MET n 
1 124 THR n 
1 125 ALA n 
1 126 ASP n 
1 127 ASP n 
1 128 VAL n 
1 129 VAL n 
1 130 CYS n 
1 131 THR n 
1 132 ARG n 
1 133 VAL n 
1 134 TYR n 
1 135 VAL n 
1 136 ARG n 
1 137 GLU n 
# 
_entity_src_gen.entity_id                          1 
_entity_src_gen.pdbx_src_id                        1 
_entity_src_gen.pdbx_alt_source_flag               sample 
_entity_src_gen.pdbx_seq_type                      ? 
_entity_src_gen.pdbx_beg_seq_num                   ? 
_entity_src_gen.pdbx_end_seq_num                   ? 
_entity_src_gen.gene_src_common_name               human 
_entity_src_gen.gene_src_genus                     Homo 
_entity_src_gen.pdbx_gene_src_gene                 ? 
_entity_src_gen.gene_src_species                   ? 
_entity_src_gen.gene_src_strain                    ? 
_entity_src_gen.gene_src_tissue                    ? 
_entity_src_gen.gene_src_tissue_fraction           ? 
_entity_src_gen.gene_src_details                   ? 
_entity_src_gen.pdbx_gene_src_fragment             ? 
_entity_src_gen.pdbx_gene_src_scientific_name      'Homo sapiens' 
_entity_src_gen.pdbx_gene_src_ncbi_taxonomy_id     9606 
_entity_src_gen.pdbx_gene_src_variant              ? 
_entity_src_gen.pdbx_gene_src_cell_line            ? 
_entity_src_gen.pdbx_gene_src_atcc                 ? 
_entity_src_gen.pdbx_gene_src_organ                ? 
_entity_src_gen.pdbx_gene_src_organelle            ? 
_entity_src_gen.pdbx_gene_src_cell                 ? 
_entity_src_gen.pdbx_gene_src_cellular_location    CYTOPLASM 
_entity_src_gen.host_org_common_name               ? 
_entity_src_gen.pdbx_host_org_scientific_name      'Escherichia coli BL21(DE3)' 
_entity_src_gen.pdbx_host_org_ncbi_taxonomy_id     469008 
_entity_src_gen.host_org_genus                     Escherichia 
_entity_src_gen.pdbx_host_org_gene                 ? 
_entity_src_gen.pdbx_host_org_organ                ? 
_entity_src_gen.host_org_species                   'Escherichia coli' 
_entity_src_gen.pdbx_host_org_tissue               ? 
_entity_src_gen.pdbx_host_org_tissue_fraction      ? 
_entity_src_gen.pdbx_host_org_strain               'BL21(DE3)' 
_entity_src_gen.pdbx_host_org_variant              ? 
_entity_src_gen.pdbx_host_org_cell_line            ? 
_entity_src_gen.pdbx_host_org_atcc                 ? 
_entity_src_gen.pdbx_host_org_culture_collection   ? 
_entity_src_gen.pdbx_host_org_cell                 ? 
_entity_src_gen.pdbx_host_org_organelle            ? 
_entity_src_gen.pdbx_host_org_cellular_location    CYTOPLASM 
_entity_src_gen.pdbx_host_org_vector_type          ? 
_entity_src_gen.pdbx_host_org_vector               ? 
_entity_src_gen.host_org_details                   ? 
_entity_src_gen.expression_system_id               ? 
_entity_src_gen.plasmid_name                       PET-1A 
_entity_src_gen.plasmid_details                    ? 
_entity_src_gen.pdbx_description                   ? 
# 
_struct_ref.id                         1 
_struct_ref.db_name                    UNP 
_struct_ref.db_code                    RABP2_HUMAN 
_struct_ref.entity_id                  1 
_struct_ref.pdbx_db_accession          P29373 
_struct_ref.pdbx_align_begin           ? 
_struct_ref.pdbx_seq_one_letter_code   ? 
_struct_ref.pdbx_db_isoform            ? 
# 
_struct_ref_seq.align_id                      1 
_struct_ref_seq.ref_id                        1 
_struct_ref_seq.pdbx_PDB_id_code              3CBS 
_struct_ref_seq.pdbx_strand_id                A 
_struct_ref_seq.seq_align_beg                 1 
_struct_ref_seq.pdbx_seq_align_beg_ins_code   ? 
_struct_ref_seq.seq_align_end                 137 
_struct_ref_seq.pdbx_seq_align_end_ins_code   ? 
_struct_ref_seq.pdbx_db_accession             P29373 
_struct_ref_seq.db_align_beg                  2 
_struct_ref_seq.pdbx_db_align_beg_ins_code    ? 
_struct_ref_seq.db_align_end                  138 
_struct_ref_seq.pdbx_db_align_end_ins_code    ? 
_struct_ref_seq.pdbx_auth_seq_align_beg       1 
_struct_ref_seq.pdbx_auth_seq_align_end       137 
# 
loop_
_chem_comp.id 
_chem_comp.type 
_chem_comp.mon_nstd_flag 
_chem_comp.name 
_chem_comp.pdbx_synonyms 
_chem_comp.formula 
_chem_comp.formula_weight 
ALA 'L-peptide linking' y ALANINE                                                                                      ? 
'C3 H7 N O2'     89.093  
ARG 'L-peptide linking' y ARGININE                                                                                     ? 
'C6 H15 N4 O2 1' 175.209 
ASN 'L-peptide linking' y ASPARAGINE                                                                                   ? 
'C4 H8 N2 O3'    132.118 
ASP 'L-peptide linking' y 'ASPARTIC ACID'                                                                              ? 
'C4 H7 N O4'     133.103 
CYS 'L-peptide linking' y CYSTEINE                                                                                     ? 
'C3 H7 N O2 S'   121.158 
GLN 'L-peptide linking' y GLUTAMINE                                                                                    ? 
'C5 H10 N2 O3'   146.144 
GLU 'L-peptide linking' y 'GLUTAMIC ACID'                                                                              ? 
'C5 H9 N O4'     147.129 
GLY 'peptide linking'   y GLYCINE                                                                                      ? 
'C2 H5 N O2'     75.067  
HOH non-polymer         . WATER                                                                                        ? 'H2 O' 
18.015  
ILE 'L-peptide linking' y ISOLEUCINE                                                                                   ? 
'C6 H13 N O2'    131.173 
LEU 'L-peptide linking' y LEUCINE                                                                                      ? 
'C6 H13 N O2'    131.173 
LYS 'L-peptide linking' y LYSINE                                                                                       ? 
'C6 H15 N2 O2 1' 147.195 
MET 'L-peptide linking' y METHIONINE                                                                                   ? 
'C5 H11 N O2 S'  149.211 
PHE 'L-peptide linking' y PHENYLALANINE                                                                                ? 
'C9 H11 N O2'    165.189 
PRO 'L-peptide linking' y PROLINE                                                                                      ? 
'C5 H9 N O2'     115.130 
R12 non-polymer         . '(2E,4E,6E,8E)-9-(4-hydroxy-2,3,6-trimethylphenyl)-3,7-dimethylnona-2,4,6,8-tetraenoic acid' ? 
'C20 H24 O3'     312.403 
SER 'L-peptide linking' y SERINE                                                                                       ? 
'C3 H7 N O3'     105.093 
THR 'L-peptide linking' y THREONINE                                                                                    ? 
'C4 H9 N O3'     119.119 
TRP 'L-peptide linking' y TRYPTOPHAN                                                                                   ? 
'C11 H12 N2 O2'  204.225 
TYR 'L-peptide linking' y TYROSINE                                                                                     ? 
'C9 H11 N O3'    181.189 
VAL 'L-peptide linking' y VALINE                                                                                       ? 
'C5 H11 N O2'    117.146 
# 
_exptl.entry_id          3CBS 
_exptl.method            'X-RAY DIFFRACTION' 
_exptl.crystals_number   1 
# 
_exptl_crystal.id                    1 
_exptl_crystal.density_meas          ? 
_exptl_crystal.density_Matthews      2.47 
_exptl_crystal.density_percent_sol   50.22 
_exptl_crystal.description           ? 
# 
_exptl_crystal_grow.crystal_id      1 
_exptl_crystal_grow.method          ? 
_exptl_crystal_grow.temp            ? 
_exptl_crystal_grow.temp_details    ? 
_exptl_crystal_grow.pH              8.5 
_exptl_crystal_grow.pdbx_details    
;20% MONOMETHYL PEG 5000 
0.2 M TRIS-HCL 
0.2 M LICL 
, pH 8.5
;
_exptl_crystal_grow.pdbx_pH_range   . 
# 
_diffrn.id                     1 
_diffrn.ambient_temp           298 
_diffrn.ambient_temp_details   ? 
_diffrn.crystal_id             1 
# 
_diffrn_detector.diffrn_id              1 
_diffrn_detector.detector               'IMAGE PLATE' 
_diffrn_detector.type                   RIGAKU 
_diffrn_detector.pdbx_collection_date   ? 
_diffrn_detector.details                ? 
# 
_diffrn_radiation.diffrn_id                        1 
_diffrn_radiation.wavelength_id                    1 
_diffrn_radiation.pdbx_monochromatic_or_laue_m_l   M 
_diffrn_radiation.monochromator                    ? 
_diffrn_radiation.pdbx_diffrn_protocol             'SINGLE WAVELENGTH' 
_diffrn_radiation.pdbx_scattering_type             x-ray 
# 
_diffrn_radiation_wavelength.id           1 
_diffrn_radiation_wavelength.wavelength   1.5418 
_diffrn_radiation_wavelength.wt           1.0 
# 
_diffrn_source.diffrn_id                   1 
_diffrn_source.source                      ? 
_diffrn_source.type                        ? 
_diffrn_source.pdbx_synchrotron_site       ? 
_diffrn_source.pdbx_synchrotron_beamline   ? 
_diffrn_source.pdbx_wavelength             1.5418 
_diffrn_source.pdbx_wavelength_list        ? 
# 
_reflns.entry_id                     3CBS 
_reflns.observed_criterion_sigma_I   ? 
_reflns.observed_criterion_sigma_F   ? 
_reflns.d_resolution_low             45.0 
_reflns.d_resolution_high            2.0 
_reflns.number_obs                   10051 
_reflns.number_all                   ? 
_reflns.percent_possible_obs         91.9 
_reflns.pdbx_Rmerge_I_obs            0.0290000 
_reflns.pdbx_Rsym_value              ? 
_reflns.pdbx_netI_over_sigmaI        35.1 
_reflns.B_iso_Wilson_estimate        13.9 
_reflns.pdbx_redundancy              3.2 
_reflns.R_free_details               ? 
_reflns.limit_h_max                  ? 
_reflns.limit_h_min                  ? 
_reflns.limit_k_max                  ? 
_reflns.limit_k_min                  ? 
_reflns.limit_l_max                  ? 
_reflns.limit_l_min                  ? 
_reflns.observed_criterion_F_max     ? 
_reflns.observed_criterion_F_min     ? 
_reflns.pdbx_ordinal                 1 
_reflns.pdbx_diffrn_id               1 
# 
_reflns_shell.d_res_high             2.0 
_reflns_shell.d_res_low              2.03 
_reflns_shell.percent_possible_all   93.3 
_reflns_shell.Rmerge_I_obs           0.1100000 
_reflns_shell.pdbx_Rsym_value        ? 
_reflns_shell.meanI_over_sigI_obs    12.2 
_reflns_shell.pdbx_redundancy        3.0 
_reflns_shell.percent_possible_obs   ? 
_reflns_shell.number_unique_all      ? 
_reflns_shell.pdbx_ordinal           1 
_reflns_shell.pdbx_diffrn_id         1 
# 
_refine.entry_id                                 3CBS 
_refine.ls_number_reflns_obs                     10016 
_refine.ls_number_reflns_all                     ? 
_refine.pdbx_ls_sigma_I                          ? 
_refine.pdbx_ls_sigma_F                          0.0 
_refine.pdbx_data_cutoff_high_absF               ? 
_refine.pdbx_data_cutoff_low_absF                ? 
_refine.pdbx_data_cutoff_high_rms_absF           28049066.30 
_refine.ls_d_res_low                             10.00 
_refine.ls_d_res_high                            2.00 
_refine.ls_percent_reflns_obs                    92.4 
_refine.ls_R_factor_obs                          ? 
_refine.ls_R_factor_all                          ? 
_refine.ls_R_factor_R_work                       0.2000000 
_refine.ls_R_factor_R_free                       0.2440000 
_refine.ls_R_factor_R_free_error                 0.009 
_refine.ls_R_factor_R_free_error_details         ? 
_refine.ls_percent_reflns_R_free                 8.2 
_refine.ls_number_reflns_R_free                  820 
_refine.ls_number_parameters                     ? 
_refine.ls_number_restraints                     ? 
_refine.occupancy_min                            ? 
_refine.occupancy_max                            ? 
_refine.B_iso_mean                               24.2 
_refine.aniso_B[1][1]                            -3.45 
_refine.aniso_B[2][2]                            0.53 
_refine.aniso_B[3][3]                            2.92 
_refine.aniso_B[1][2]                            0.00 
_refine.aniso_B[1][3]                            0.00 
_refine.aniso_B[2][3]                            0.00 
_refine.solvent_model_details                    ? 
_refine.solvent_model_param_ksol                 ? 
_refine.solvent_model_param_bsol                 ? 
_refine.pdbx_ls_cross_valid_method               THROUGHOUT 
_refine.details                                  'BULK SOLVENT MODEL USED' 
_refine.pdbx_starting_model                      1CBS 
_refine.pdbx_method_to_determine_struct          'MOLECULAR REPLACEMENT' 
_refine.pdbx_isotropic_thermal_model             RESTRAINED 
_refine.pdbx_stereochemistry_target_values       ? 
_refine.pdbx_stereochem_target_val_spec_case     ? 
_refine.pdbx_R_Free_selection_details            RANDOM 
_refine.pdbx_overall_ESU_R                       ? 
_refine.pdbx_overall_ESU_R_Free                  ? 
_refine.overall_SU_ML                            ? 
_refine.overall_SU_B                             ? 
_refine.ls_redundancy_reflns_obs                 ? 
_refine.B_iso_min                                ? 
_refine.B_iso_max                                ? 
_refine.pdbx_refine_id                           'X-RAY DIFFRACTION' 
_refine.pdbx_diffrn_id                           1 
_refine.pdbx_TLS_residual_ADP_flag               ? 
_refine.correlation_coeff_Fo_to_Fc               ? 
_refine.correlation_coeff_Fo_to_Fc_free          ? 
_refine.pdbx_solvent_vdw_probe_radii             ? 
_refine.pdbx_solvent_ion_probe_radii             ? 
_refine.pdbx_solvent_shrinkage_radii             ? 
_refine.pdbx_overall_phase_error                 ? 
_refine.overall_SU_R_Cruickshank_DPI             ? 
_refine.pdbx_overall_SU_R_free_Cruickshank_DPI   ? 
_refine.pdbx_overall_SU_R_Blow_DPI               ? 
_refine.pdbx_overall_SU_R_free_Blow_DPI          ? 
# 
_refine_analyze.entry_id                        3CBS 
_refine_analyze.Luzzati_coordinate_error_obs    0.23 
_refine_analyze.Luzzati_sigma_a_obs             0.09 
_refine_analyze.Luzzati_d_res_low_obs           5.00 
_refine_analyze.Luzzati_coordinate_error_free   0.28 
_refine_analyze.Luzzati_sigma_a_free            0.12 
_refine_analyze.Luzzati_d_res_low_free          ? 
_refine_analyze.number_disordered_residues      ? 
_refine_analyze.occupancy_sum_hydrogen          ? 
_refine_analyze.occupancy_sum_non_hydrogen      ? 
_refine_analyze.pdbx_Luzzati_d_res_high_obs     ? 
_refine_analyze.pdbx_refine_id                  'X-RAY DIFFRACTION' 
# 
_refine_hist.pdbx_refine_id                   'X-RAY DIFFRACTION' 
_refine_hist.cycle_id                         LAST 
_refine_hist.pdbx_number_atoms_protein        1091 
_refine_hist.pdbx_number_atoms_nucleic_acid   0 
_refine_hist.pdbx_number_atoms_ligand         22 
_refine_hist.number_atoms_solvent             57 
_refine_hist.number_atoms_total               1170 
_refine_hist.d_res_high                       2.00 
_refine_hist.d_res_low                        10.00 
# 
loop_
_refine_ls_restr.type 
_refine_ls_restr.dev_ideal 
_refine_ls_restr.dev_ideal_target 
_refine_ls_restr.weight 
_refine_ls_restr.number 
_refine_ls_restr.pdbx_refine_id 
_refine_ls_restr.pdbx_restraint_function 
x_bond_d                0.006 ?    ? ? 'X-RAY DIFFRACTION' ? 
x_bond_d_na             ?     ?    ? ? 'X-RAY DIFFRACTION' ? 
x_bond_d_prot           ?     ?    ? ? 'X-RAY DIFFRACTION' ? 
x_angle_d               ?     ?    ? ? 'X-RAY DIFFRACTION' ? 
x_angle_d_na            ?     ?    ? ? 'X-RAY DIFFRACTION' ? 
x_angle_d_prot          ?     ?    ? ? 'X-RAY DIFFRACTION' ? 
x_angle_deg             1.5   ?    ? ? 'X-RAY DIFFRACTION' ? 
x_angle_deg_na          ?     ?    ? ? 'X-RAY DIFFRACTION' ? 
x_angle_deg_prot        ?     ?    ? ? 'X-RAY DIFFRACTION' ? 
x_dihedral_angle_d      25.6  ?    ? ? 'X-RAY DIFFRACTION' ? 
x_dihedral_angle_d_na   ?     ?    ? ? 'X-RAY DIFFRACTION' ? 
x_dihedral_angle_d_prot ?     ?    ? ? 'X-RAY DIFFRACTION' ? 
x_improper_angle_d      0.69  ?    ? ? 'X-RAY DIFFRACTION' ? 
x_improper_angle_d_na   ?     ?    ? ? 'X-RAY DIFFRACTION' ? 
x_improper_angle_d_prot ?     ?    ? ? 'X-RAY DIFFRACTION' ? 
x_mcbond_it             0.94  1.50 ? ? 'X-RAY DIFFRACTION' ? 
x_mcangle_it            1.53  2.00 ? ? 'X-RAY DIFFRACTION' ? 
x_scbond_it             1.87  2.00 ? ? 'X-RAY DIFFRACTION' ? 
x_scangle_it            2.82  2.50 ? ? 'X-RAY DIFFRACTION' ? 
# 
_refine_ls_shell.pdbx_total_number_of_bins_used   6 
_refine_ls_shell.d_res_high                       2.00 
_refine_ls_shell.d_res_low                        2.12 
_refine_ls_shell.number_reflns_R_work             1517 
_refine_ls_shell.R_factor_R_work                  0.2090000 
_refine_ls_shell.percent_reflns_obs               93.2 
_refine_ls_shell.R_factor_R_free                  0.2670000 
_refine_ls_shell.R_factor_R_free_error            0.024 
_refine_ls_shell.percent_reflns_R_free            7.5 
_refine_ls_shell.number_reflns_R_free             123 
_refine_ls_shell.redundancy_reflns_obs            ? 
_refine_ls_shell.number_reflns_all                ? 
_refine_ls_shell.number_reflns_obs                ? 
_refine_ls_shell.pdbx_refine_id                   'X-RAY DIFFRACTION' 
_refine_ls_shell.R_factor_all                     ? 
# 
loop_
_pdbx_xplor_file.serial_no 
_pdbx_xplor_file.param_file 
_pdbx_xplor_file.topol_file 
_pdbx_xplor_file.pdbx_refine_id 
1 PROTEIN_REP.PARAM PROTEIN.TOP   'X-RAY DIFFRACTION' 
2 REA.PAR           REA.TOP       'X-RAY DIFFRACTION' 
3 WATER_REP.PARAM   WATER_REP.TOP 'X-RAY DIFFRACTION' 
# 
_struct.entry_id                  3CBS 
_struct.title                     
'CELLULAR RETINOIC ACID BINDING PROTEIN II IN COMPLEX WITH A SYNTHETIC RETINOIC ACID (RO-12 7310)' 
_struct.pdbx_model_details        ? 
_struct.pdbx_CASP_flag            ? 
_struct.pdbx_model_type_details   ? 
# 
_struct_keywords.entry_id        3CBS 
_struct_keywords.pdbx_keywords   'TRANSPORT PROTEIN' 
_struct_keywords.text            'RETINOIC-ACID TRANSPORT, TRANSPORT PROTEIN' 
# 
loop_
_struct_asym.id 
_struct_asym.pdbx_blank_PDB_chainid_flag 
_struct_asym.pdbx_modified 
_struct_asym.entity_id 
_struct_asym.details 
A N N 1 ? 
B N N 2 ? 
C N N 3 ? 
# 
_struct_biol.id   1 
# 
loop_
_struct_conf.conf_type_id 
_struct_conf.id 
_struct_conf.pdbx_PDB_helix_id 
_struct_conf.beg_label_comp_id 
_struct_conf.beg_label_asym_id 
_struct_conf.beg_label_seq_id 
_struct_conf.pdbx_beg_PDB_ins_code 
_struct_conf.end_label_comp_id 
_struct_conf.end_label_asym_id 
_struct_conf.end_label_seq_id 
_struct_conf.pdbx_end_PDB_ins_code 
_struct_conf.beg_auth_comp_id 
_struct_conf.beg_auth_asym_id 
_struct_conf.beg_auth_seq_id 
_struct_conf.end_auth_comp_id 
_struct_conf.end_auth_asym_id 
_struct_conf.end_auth_seq_id 
_struct_conf.pdbx_PDB_helix_class 
_struct_conf.details 
_struct_conf.pdbx_PDB_helix_length 
HELX_P HELX_P1 1 PHE A 15 ? VAL A 21 ? PHE A 15 VAL A 21 1 ? 7  
HELX_P HELX_P2 2 VAL A 26 ? LYS A 38 ? VAL A 26 LYS A 38 1 ? 13 
# 
_struct_conf_type.id          HELX_P 
_struct_conf_type.criteria    ? 
_struct_conf_type.reference   ? 
# 
_struct_sheet.id               A 
_struct_sheet.type             ? 
_struct_sheet.number_strands   10 
_struct_sheet.details          ? 
# 
loop_
_struct_sheet_order.sheet_id 
_struct_sheet_order.range_id_1 
_struct_sheet_order.range_id_2 
_struct_sheet_order.offset 
_struct_sheet_order.sense 
A 1 2  ? anti-parallel 
A 2 3  ? anti-parallel 
A 3 4  ? anti-parallel 
A 4 5  ? anti-parallel 
A 5 6  ? anti-parallel 
A 6 7  ? anti-parallel 
A 7 8  ? anti-parallel 
A 8 9  ? anti-parallel 
A 9 10 ? anti-parallel 
# 
loop_
_struct_sheet_range.sheet_id 
_struct_sheet_range.id 
_struct_sheet_range.beg_label_comp_id 
_struct_sheet_range.beg_label_asym_id 
_struct_sheet_range.beg_label_seq_id 
_struct_sheet_range.pdbx_beg_PDB_ins_code 
_struct_sheet_range.end_label_comp_id 
_struct_sheet_range.end_label_asym_id 
_struct_sheet_range.end_label_seq_id 
_struct_sheet_range.pdbx_end_PDB_ins_code 
_struct_sheet_range.beg_auth_comp_id 
_struct_sheet_range.beg_auth_asym_id 
_struct_sheet_range.beg_auth_seq_id 
_struct_sheet_range.end_auth_comp_id 
_struct_sheet_range.end_auth_asym_id 
_struct_sheet_range.end_auth_seq_id 
A 1  THR A 60  ? LYS A 66  ? THR A 60  LYS A 66  
A 2  THR A 49  ? SER A 55  ? THR A 49  SER A 55  
A 3  ALA A 40  ? GLU A 46  ? ALA A 40  GLU A 46  
A 4  GLY A 5   ? GLU A 13  ? GLY A 5   GLU A 13  
A 5  VAL A 128 ? ARG A 136 ? VAL A 128 ARG A 136 
A 6  LEU A 119 ? ALA A 125 ? LEU A 119 ALA A 125 
A 7  THR A 107 ? LEU A 113 ? THR A 107 LEU A 113 
A 8  LYS A 92  ? LEU A 99  ? LYS A 92  LEU A 99  
A 9  PRO A 80  ? TRP A 87  ? PRO A 80  TRP A 87  
A 10 PHE A 71  ? GLN A 74  ? PHE A 71  GLN A 74  
# 
loop_
_pdbx_struct_sheet_hbond.sheet_id 
_pdbx_struct_sheet_hbond.range_id_1 
_pdbx_struct_sheet_hbond.range_id_2 
_pdbx_struct_sheet_hbond.range_1_label_atom_id 
_pdbx_struct_sheet_hbond.range_1_label_comp_id 
_pdbx_struct_sheet_hbond.range_1_label_asym_id 
_pdbx_struct_sheet_hbond.range_1_label_seq_id 
_pdbx_struct_sheet_hbond.range_1_PDB_ins_code 
_pdbx_struct_sheet_hbond.range_1_auth_atom_id 
_pdbx_struct_sheet_hbond.range_1_auth_comp_id 
_pdbx_struct_sheet_hbond.range_1_auth_asym_id 
_pdbx_struct_sheet_hbond.range_1_auth_seq_id 
_pdbx_struct_sheet_hbond.range_2_label_atom_id 
_pdbx_struct_sheet_hbond.range_2_label_comp_id 
_pdbx_struct_sheet_hbond.range_2_label_asym_id 
_pdbx_struct_sheet_hbond.range_2_label_seq_id 
_pdbx_struct_sheet_hbond.range_2_PDB_ins_code 
_pdbx_struct_sheet_hbond.range_2_auth_atom_id 
_pdbx_struct_sheet_hbond.range_2_auth_comp_id 
_pdbx_struct_sheet_hbond.range_2_auth_asym_id 
_pdbx_struct_sheet_hbond.range_2_auth_seq_id 
A 1 2  O THR A 61  ? O THR A 61  N THR A 54  ? N THR A 54  
A 2 3  O THR A 49  ? O THR A 49  N GLU A 46  ? N GLU A 46  
A 3 4  O VAL A 41  ? O VAL A 41  N TRP A 7   ? N TRP A 7   
A 4 5  O LYS A 8   ? O LYS A 8   N VAL A 135 ? N VAL A 135 
A 5 6  O VAL A 128 ? O VAL A 128 N ALA A 125 ? N ALA A 125 
A 6 7  O ILE A 120 ? O ILE A 120 N GLU A 112 ? N GLU A 112 
A 7 8  O TRP A 109 ? O TRP A 109 N CYS A 95  ? N CYS A 95  
A 8 9  O VAL A 94  ? O VAL A 94  N LYS A 86  ? N LYS A 86  
A 9 10 O CYS A 81  ? O CYS A 81  N GLU A 73  ? N GLU A 73  
# 
_struct_site.id                   AC1 
_struct_site.pdbx_evidence_code   Software 
_struct_site.pdbx_auth_asym_id    A 
_struct_site.pdbx_auth_comp_id    R12 
_struct_site.pdbx_auth_seq_id     200 
_struct_site.pdbx_auth_ins_code   ? 
_struct_site.pdbx_num_residues    12 
_struct_site.details              'BINDING SITE FOR RESIDUE R12 A 200' 
# 
loop_
_struct_site_gen.id 
_struct_site_gen.site_id 
_struct_site_gen.pdbx_num_res 
_struct_site_gen.label_comp_id 
_struct_site_gen.label_asym_id 
_struct_site_gen.label_seq_id 
_struct_site_gen.pdbx_auth_ins_code 
_struct_site_gen.auth_comp_id 
_struct_site_gen.auth_asym_id 
_struct_site_gen.auth_seq_id 
_struct_site_gen.label_atom_id 
_struct_site_gen.label_alt_id 
_struct_site_gen.symmetry 
_struct_site_gen.details 
1  AC1 12 ARG A 11  ? ARG A 11  . ? 3_645 ? 
2  AC1 12 GLU A 13  ? GLU A 13  . ? 3_645 ? 
3  AC1 12 LEU A 28  ? LEU A 28  . ? 1_555 ? 
4  AC1 12 THR A 56  ? THR A 56  . ? 1_555 ? 
5  AC1 12 VAL A 58  ? VAL A 58  . ? 1_555 ? 
6  AC1 12 ARG A 59  ? ARG A 59  . ? 1_555 ? 
7  AC1 12 LEU A 121 ? LEU A 121 . ? 1_555 ? 
8  AC1 12 ARG A 132 ? ARG A 132 . ? 1_555 ? 
9  AC1 12 TYR A 134 ? TYR A 134 . ? 1_555 ? 
10 AC1 12 HOH C .   ? HOH A 306 . ? 1_555 ? 
11 AC1 12 HOH C .   ? HOH A 308 . ? 1_555 ? 
12 AC1 12 HOH C .   ? HOH A 334 . ? 1_555 ? 
# 
_atom_sites.entry_id                    3CBS 
_atom_sites.fract_transf_matrix[1][1]   -0.00187297 
_atom_sites.fract_transf_matrix[1][2]   -0.01855488 
_atom_sites.fract_transf_matrix[1][3]   -0.01853741 
_atom_sites.fract_transf_matrix[2][1]   0.01757486 
_atom_sites.fract_transf_matrix[2][2]   -0.00855992 
_atom_sites.fract_transf_matrix[2][3]   0.00679227 
_atom_sites.fract_transf_matrix[3][1]   -0.00624169 
_atom_sites.fract_transf_matrix[3][2]   -0.00686348 
_atom_sites.fract_transf_matrix[3][3]   0.00750059 
_atom_sites.fract_transf_vector[1]      0.427420 
_atom_sites.fract_transf_vector[2]      0.053945 
_atom_sites.fract_transf_vector[3]      0.149387 
# 
loop_
_atom_type.symbol 
C 
N 
O 
S 
# 
loop_
_atom_site.group_PDB 
_atom_site.id 
_atom_site.type_symbol 
_atom_site.label_atom_id 
_atom_site.label_alt_id 
_atom_site.label_comp_id 
_atom_site.label_asym_id 
_atom_site.label_entity_id 
_atom_site.label_seq_id 
_atom_site.pdbx_PDB_ins_code 
_atom_site.Cartn_x 
_atom_site.Cartn_y 
_atom_site.Cartn_z 
_atom_site.occupancy 
_atom_site.B_iso_or_equiv 
_atom_site.pdbx_formal_charge 
_atom_site.auth_seq_id 
_atom_site.auth_comp_id 
_atom_site.auth_asym_id 
_atom_site.auth_atom_id 
_atom_site.pdbx_PDB_model_num 
ATOM   1    N N   . PRO A 1 1   ? 15.411  -1.341  -11.082 1.00 31.62 ? 1   PRO A N   1 
ATOM   2    C CA  . PRO A 1 1   ? 15.485  -0.039  -10.380 1.00 31.16 ? 1   PRO A CA  1 
ATOM   3    C C   . PRO A 1 1   ? 14.290  0.774   -10.850 1.00 29.86 ? 1   PRO A C   1 
ATOM   4    O O   . PRO A 1 1   ? 14.158  1.964   -10.559 1.00 30.08 ? 1   PRO A O   1 
ATOM   5    C CB  . PRO A 1 1   ? 16.794  0.596   -10.826 1.00 31.63 ? 1   PRO A CB  1 
ATOM   6    C CG  . PRO A 1 1   ? 16.891  0.026   -12.253 1.00 32.44 ? 1   PRO A CG  1 
ATOM   7    C CD  . PRO A 1 1   ? 16.564  -1.451  -11.992 1.00 31.82 ? 1   PRO A CD  1 
ATOM   8    N N   . ASN A 1 2   ? 13.423  0.101   -11.593 1.00 27.88 ? 2   ASN A N   1 
ATOM   9    C CA  . ASN A 1 2   ? 12.225  0.715   -12.138 1.00 25.61 ? 2   ASN A CA  1 
ATOM   10   C C   . ASN A 1 2   ? 11.026  -0.023  -11.544 1.00 23.37 ? 2   ASN A C   1 
ATOM   11   O O   . ASN A 1 2   ? 10.906  -1.232  -11.712 1.00 21.71 ? 2   ASN A O   1 
ATOM   12   C CB  . ASN A 1 2   ? 12.226  0.559   -13.659 1.00 27.00 ? 2   ASN A CB  1 
ATOM   13   C CG  . ASN A 1 2   ? 11.122  1.345   -14.325 1.00 28.52 ? 2   ASN A CG  1 
ATOM   14   O OD1 . ASN A 1 2   ? 9.981   1.337   -13.871 1.00 27.40 ? 2   ASN A OD1 1 
ATOM   15   N ND2 . ASN A 1 2   ? 11.453  2.016   -15.423 1.00 30.35 ? 2   ASN A ND2 1 
ATOM   16   N N   . PHE A 1 3   ? 10.148  0.695   -10.850 1.00 22.09 ? 3   PHE A N   1 
ATOM   17   C CA  . PHE A 1 3   ? 8.968   0.067   -10.247 1.00 21.61 ? 3   PHE A CA  1 
ATOM   18   C C   . PHE A 1 3   ? 7.903   -0.312  -11.271 1.00 21.04 ? 3   PHE A C   1 
ATOM   19   O O   . PHE A 1 3   ? 7.006   -1.097  -10.978 1.00 21.00 ? 3   PHE A O   1 
ATOM   20   C CB  . PHE A 1 3   ? 8.312   0.992   -9.212  1.00 21.04 ? 3   PHE A CB  1 
ATOM   21   C CG  . PHE A 1 3   ? 9.111   1.184   -7.956  1.00 22.53 ? 3   PHE A CG  1 
ATOM   22   C CD1 . PHE A 1 3   ? 10.222  2.014   -7.937  1.00 22.51 ? 3   PHE A CD1 1 
ATOM   23   C CD2 . PHE A 1 3   ? 8.731   0.544   -6.776  1.00 22.85 ? 3   PHE A CD2 1 
ATOM   24   C CE1 . PHE A 1 3   ? 10.945  2.214   -6.759  1.00 23.84 ? 3   PHE A CE1 1 
ATOM   25   C CE2 . PHE A 1 3   ? 9.447   0.734   -5.592  1.00 23.60 ? 3   PHE A CE2 1 
ATOM   26   C CZ  . PHE A 1 3   ? 10.554  1.572   -5.584  1.00 23.88 ? 3   PHE A CZ  1 
ATOM   27   N N   . SER A 1 4   ? 7.993   0.260   -12.464 1.00 21.26 ? 4   SER A N   1 
ATOM   28   C CA  . SER A 1 4   ? 7.019   -0.005  -13.516 1.00 21.29 ? 4   SER A CA  1 
ATOM   29   C C   . SER A 1 4   ? 6.839   -1.484  -13.793 1.00 21.69 ? 4   SER A C   1 
ATOM   30   O O   . SER A 1 4   ? 7.809   -2.238  -13.844 1.00 21.61 ? 4   SER A O   1 
ATOM   31   C CB  . SER A 1 4   ? 7.429   0.703   -14.812 1.00 21.23 ? 4   SER A CB  1 
ATOM   32   O OG  . SER A 1 4   ? 7.491   2.104   -14.619 1.00 21.68 ? 4   SER A OG  1 
ATOM   33   N N   . GLY A 1 5   ? 5.589   -1.895  -13.972 1.00 20.85 ? 5   GLY A N   1 
ATOM   34   C CA  . GLY A 1 5   ? 5.323   -3.287  -14.261 1.00 21.23 ? 5   GLY A CA  1 
ATOM   35   C C   . GLY A 1 5   ? 4.040   -3.800  -13.648 1.00 21.89 ? 5   GLY A C   1 
ATOM   36   O O   . GLY A 1 5   ? 3.307   -3.063  -12.981 1.00 21.71 ? 5   GLY A O   1 
ATOM   37   N N   . ASN A 1 6   ? 3.764   -5.072  -13.904 1.00 21.65 ? 6   ASN A N   1 
ATOM   38   C CA  . ASN A 1 6   ? 2.594   -5.733  -13.363 1.00 23.01 ? 6   ASN A CA  1 
ATOM   39   C C   . ASN A 1 6   ? 3.137   -6.631  -12.264 1.00 22.54 ? 6   ASN A C   1 
ATOM   40   O O   . ASN A 1 6   ? 4.076   -7.398  -12.487 1.00 21.92 ? 6   ASN A O   1 
ATOM   41   C CB  . ASN A 1 6   ? 1.899   -6.550  -14.450 1.00 25.23 ? 6   ASN A CB  1 
ATOM   42   C CG  . ASN A 1 6   ? 1.327   -5.672  -15.550 1.00 27.17 ? 6   ASN A CG  1 
ATOM   43   O OD1 . ASN A 1 6   ? 0.428   -4.865  -15.310 1.00 29.12 ? 6   ASN A OD1 1 
ATOM   44   N ND2 . ASN A 1 6   ? 1.857   -5.811  -16.755 1.00 29.04 ? 6   ASN A ND2 1 
ATOM   45   N N   . TRP A 1 7   ? 2.565   -6.515  -11.072 1.00 21.39 ? 7   TRP A N   1 
ATOM   46   C CA  . TRP A 1 7   ? 3.042   -7.308  -9.954  1.00 20.63 ? 7   TRP A CA  1 
ATOM   47   C C   . TRP A 1 7   ? 2.009   -8.271  -9.397  1.00 21.15 ? 7   TRP A C   1 
ATOM   48   O O   . TRP A 1 7   ? 0.817   -7.973  -9.350  1.00 20.88 ? 7   TRP A O   1 
ATOM   49   C CB  . TRP A 1 7   ? 3.544   -6.391  -8.837  1.00 19.33 ? 7   TRP A CB  1 
ATOM   50   C CG  . TRP A 1 7   ? 4.634   -5.459  -9.268  1.00 18.69 ? 7   TRP A CG  1 
ATOM   51   C CD1 . TRP A 1 7   ? 4.487   -4.257  -9.903  1.00 19.41 ? 7   TRP A CD1 1 
ATOM   52   C CD2 . TRP A 1 7   ? 6.042   -5.669  -9.120  1.00 17.58 ? 7   TRP A CD2 1 
ATOM   53   N NE1 . TRP A 1 7   ? 5.723   -3.702  -10.152 1.00 18.27 ? 7   TRP A NE1 1 
ATOM   54   C CE2 . TRP A 1 7   ? 6.693   -4.549  -9.682  1.00 17.73 ? 7   TRP A CE2 1 
ATOM   55   C CE3 . TRP A 1 7   ? 6.818   -6.694  -8.564  1.00 18.24 ? 7   TRP A CE3 1 
ATOM   56   C CZ2 . TRP A 1 7   ? 8.088   -4.425  -9.704  1.00 17.13 ? 7   TRP A CZ2 1 
ATOM   57   C CZ3 . TRP A 1 7   ? 8.208   -6.570  -8.585  1.00 17.62 ? 7   TRP A CZ3 1 
ATOM   58   C CH2 . TRP A 1 7   ? 8.826   -5.440  -9.152  1.00 17.62 ? 7   TRP A CH2 1 
ATOM   59   N N   . LYS A 1 8   ? 2.500   -9.429  -8.972  1.00 21.30 ? 8   LYS A N   1 
ATOM   60   C CA  . LYS A 1 8   ? 1.672   -10.483 -8.408  1.00 22.22 ? 8   LYS A CA  1 
ATOM   61   C C   . LYS A 1 8   ? 2.165   -10.737 -6.988  1.00 20.76 ? 8   LYS A C   1 
ATOM   62   O O   . LYS A 1 8   ? 3.367   -10.778 -6.739  1.00 20.82 ? 8   LYS A O   1 
ATOM   63   C CB  . LYS A 1 8   ? 1.821   -11.748 -9.257  1.00 24.92 ? 8   LYS A CB  1 
ATOM   64   C CG  . LYS A 1 8   ? 1.039   -12.947 -8.764  1.00 29.06 ? 8   LYS A CG  1 
ATOM   65   C CD  . LYS A 1 8   ? 1.286   -14.150 -9.663  1.00 30.98 ? 8   LYS A CD  1 
ATOM   66   C CE  . LYS A 1 8   ? 2.759   -14.529 -9.679  1.00 32.77 ? 8   LYS A CE  1 
ATOM   67   N NZ  . LYS A 1 8   ? 3.018   -15.722 -10.529 1.00 34.29 ? 8   LYS A NZ  1 
ATOM   68   N N   . ILE A 1 9   ? 1.245   -10.914 -6.052  1.00 20.22 ? 9   ILE A N   1 
ATOM   69   C CA  . ILE A 1 9   ? 1.656   -11.139 -4.678  1.00 19.24 ? 9   ILE A CA  1 
ATOM   70   C C   . ILE A 1 9   ? 2.082   -12.591 -4.448  1.00 19.04 ? 9   ILE A C   1 
ATOM   71   O O   . ILE A 1 9   ? 1.512   -13.509 -5.034  1.00 18.71 ? 9   ILE A O   1 
ATOM   72   C CB  . ILE A 1 9   ? 0.522   -10.763 -3.709  1.00 18.81 ? 9   ILE A CB  1 
ATOM   73   C CG1 . ILE A 1 9   ? 1.071   -10.682 -2.284  1.00 18.33 ? 9   ILE A CG1 1 
ATOM   74   C CG2 . ILE A 1 9   ? -0.614  -11.782 -3.812  1.00 19.33 ? 9   ILE A CG2 1 
ATOM   75   C CD1 . ILE A 1 9   ? 0.096   -10.090 -1.282  1.00 19.34 ? 9   ILE A CD1 1 
ATOM   76   N N   . ILE A 1 10  ? 3.101   -12.793 -3.611  1.00 18.19 ? 10  ILE A N   1 
ATOM   77   C CA  . ILE A 1 10  ? 3.583   -14.142 -3.306  1.00 18.33 ? 10  ILE A CA  1 
ATOM   78   C C   . ILE A 1 10  ? 3.587   -14.417 -1.805  1.00 18.23 ? 10  ILE A C   1 
ATOM   79   O O   . ILE A 1 10  ? 3.597   -15.568 -1.379  1.00 17.10 ? 10  ILE A O   1 
ATOM   80   C CB  . ILE A 1 10  ? 5.011   -14.388 -3.840  1.00 18.70 ? 10  ILE A CB  1 
ATOM   81   C CG1 . ILE A 1 10  ? 5.985   -13.379 -3.228  1.00 19.87 ? 10  ILE A CG1 1 
ATOM   82   C CG2 . ILE A 1 10  ? 5.010   -14.317 -5.357  1.00 18.84 ? 10  ILE A CG2 1 
ATOM   83   C CD1 . ILE A 1 10  ? 7.450   -13.650 -3.567  1.00 19.99 ? 10  ILE A CD1 1 
ATOM   84   N N   . ARG A 1 11  ? 3.582   -13.354 -1.008  1.00 17.91 ? 11  ARG A N   1 
ATOM   85   C CA  . ARG A 1 11  ? 3.571   -13.487 0.444   1.00 18.79 ? 11  ARG A CA  1 
ATOM   86   C C   . ARG A 1 11  ? 2.814   -12.330 1.068   1.00 18.89 ? 11  ARG A C   1 
ATOM   87   O O   . ARG A 1 11  ? 2.791   -11.218 0.527   1.00 17.77 ? 11  ARG A O   1 
ATOM   88   C CB  . ARG A 1 11  ? 4.998   -13.493 1.003   1.00 20.99 ? 11  ARG A CB  1 
ATOM   89   C CG  . ARG A 1 11  ? 5.825   -14.708 0.657   1.00 23.43 ? 11  ARG A CG  1 
ATOM   90   C CD  . ARG A 1 11  ? 5.372   -15.949 1.415   1.00 25.73 ? 11  ARG A CD  1 
ATOM   91   N NE  . ARG A 1 11  ? 6.285   -17.059 1.157   1.00 27.77 ? 11  ARG A NE  1 
ATOM   92   C CZ  . ARG A 1 11  ? 6.428   -17.659 -0.020  1.00 29.56 ? 11  ARG A CZ  1 
ATOM   93   N NH1 . ARG A 1 11  ? 5.712   -17.267 -1.065  1.00 30.95 ? 11  ARG A NH1 1 
ATOM   94   N NH2 . ARG A 1 11  ? 7.308   -18.641 -0.159  1.00 30.58 ? 11  ARG A NH2 1 
ATOM   95   N N   . SER A 1 12  ? 2.198   -12.600 2.213   1.00 18.45 ? 12  SER A N   1 
ATOM   96   C CA  . SER A 1 12  ? 1.452   -11.585 2.938   1.00 18.25 ? 12  SER A CA  1 
ATOM   97   C C   . SER A 1 12  ? 1.390   -11.985 4.403   1.00 18.96 ? 12  SER A C   1 
ATOM   98   O O   . SER A 1 12  ? 0.929   -13.076 4.729   1.00 18.41 ? 12  SER A O   1 
ATOM   99   C CB  . SER A 1 12  ? 0.030   -11.457 2.380   1.00 18.12 ? 12  SER A CB  1 
ATOM   100  O OG  . SER A 1 12  ? -0.703  -10.479 3.097   1.00 19.04 ? 12  SER A OG  1 
ATOM   101  N N   . GLU A 1 13  ? 1.870   -11.098 5.271   1.00 18.49 ? 13  GLU A N   1 
ATOM   102  C CA  . GLU A 1 13  ? 1.866   -11.320 6.713   1.00 19.18 ? 13  GLU A CA  1 
ATOM   103  C C   . GLU A 1 13  ? 1.118   -10.202 7.419   1.00 18.67 ? 13  GLU A C   1 
ATOM   104  O O   . GLU A 1 13  ? 1.225   -9.036  7.037   1.00 19.11 ? 13  GLU A O   1 
ATOM   105  C CB  . GLU A 1 13  ? 3.289   -11.347 7.278   1.00 19.74 ? 13  GLU A CB  1 
ATOM   106  C CG  . GLU A 1 13  ? 4.089   -12.613 7.049   1.00 24.13 ? 13  GLU A CG  1 
ATOM   107  C CD  . GLU A 1 13  ? 3.464   -13.827 7.710   1.00 22.94 ? 13  GLU A CD  1 
ATOM   108  O OE1 . GLU A 1 13  ? 2.987   -13.715 8.860   1.00 24.84 ? 13  GLU A OE1 1 
ATOM   109  O OE2 . GLU A 1 13  ? 3.468   -14.900 7.085   1.00 27.53 ? 13  GLU A OE2 1 
ATOM   110  N N   . ASN A 1 14  ? 0.380   -10.572 8.463   1.00 18.51 ? 14  ASN A N   1 
ATOM   111  C CA  . ASN A 1 14  ? -0.377  -9.643  9.292   1.00 17.47 ? 14  ASN A CA  1 
ATOM   112  C C   . ASN A 1 14  ? -1.404  -8.736  8.626   1.00 18.48 ? 14  ASN A C   1 
ATOM   113  O O   . ASN A 1 14  ? -1.800  -7.719  9.204   1.00 17.32 ? 14  ASN A O   1 
ATOM   114  C CB  . ASN A 1 14  ? 0.574   -8.762  10.115  1.00 17.90 ? 14  ASN A CB  1 
ATOM   115  C CG  . ASN A 1 14  ? 1.413   -9.561  11.104  1.00 18.35 ? 14  ASN A CG  1 
ATOM   116  O OD1 . ASN A 1 14  ? 1.035   -10.655 11.510  1.00 19.16 ? 14  ASN A OD1 1 
ATOM   117  N ND2 . ASN A 1 14  ? 2.539   -8.996  11.518  1.00 18.10 ? 14  ASN A ND2 1 
ATOM   118  N N   . PHE A 1 15  ? -1.866  -9.085  7.435   1.00 18.24 ? 15  PHE A N   1 
ATOM   119  C CA  . PHE A 1 15  ? -2.844  -8.223  6.795   1.00 18.57 ? 15  PHE A CA  1 
ATOM   120  C C   . PHE A 1 15  ? -4.127  -8.193  7.626   1.00 18.95 ? 15  PHE A C   1 
ATOM   121  O O   . PHE A 1 15  ? -4.727  -7.137  7.816   1.00 17.78 ? 15  PHE A O   1 
ATOM   122  C CB  . PHE A 1 15  ? -3.137  -8.703  5.374   1.00 18.69 ? 15  PHE A CB  1 
ATOM   123  C CG  . PHE A 1 15  ? -4.075  -7.809  4.619   1.00 19.44 ? 15  PHE A CG  1 
ATOM   124  C CD1 . PHE A 1 15  ? -3.732  -6.488  4.355   1.00 20.21 ? 15  PHE A CD1 1 
ATOM   125  C CD2 . PHE A 1 15  ? -5.301  -8.285  4.172   1.00 19.30 ? 15  PHE A CD2 1 
ATOM   126  C CE1 . PHE A 1 15  ? -4.600  -5.651  3.652   1.00 20.84 ? 15  PHE A CE1 1 
ATOM   127  C CE2 . PHE A 1 15  ? -6.174  -7.459  3.470   1.00 19.69 ? 15  PHE A CE2 1 
ATOM   128  C CZ  . PHE A 1 15  ? -5.820  -6.138  3.209   1.00 20.41 ? 15  PHE A CZ  1 
ATOM   129  N N   . GLU A 1 16  ? -4.537  -9.346  8.145   1.00 19.56 ? 16  GLU A N   1 
ATOM   130  C CA  . GLU A 1 16  ? -5.755  -9.391  8.943   1.00 22.17 ? 16  GLU A CA  1 
ATOM   131  C C   . GLU A 1 16  ? -5.580  -8.605  10.235  1.00 21.71 ? 16  GLU A C   1 
ATOM   132  O O   . GLU A 1 16  ? -6.472  -7.861  10.649  1.00 20.95 ? 16  GLU A O   1 
ATOM   133  C CB  . GLU A 1 16  ? -6.147  -10.830 9.286   1.00 24.27 ? 16  GLU A CB  1 
ATOM   134  C CG  . GLU A 1 16  ? -7.611  -10.917 9.656   1.00 29.40 ? 16  GLU A CG  1 
ATOM   135  C CD  . GLU A 1 16  ? -8.040  -12.253 10.221  1.00 31.41 ? 16  GLU A CD  1 
ATOM   136  O OE1 . GLU A 1 16  ? -7.698  -13.300 9.635   1.00 31.74 ? 16  GLU A OE1 1 
ATOM   137  O OE2 . GLU A 1 16  ? -8.750  -12.242 11.251  1.00 34.50 ? 16  GLU A OE2 1 
ATOM   138  N N   . GLU A 1 17  ? -4.433  -8.786  10.882  1.00 21.50 ? 17  GLU A N   1 
ATOM   139  C CA  . GLU A 1 17  ? -4.145  -8.077  12.124  1.00 22.04 ? 17  GLU A CA  1 
ATOM   140  C C   . GLU A 1 17  ? -4.211  -6.571  11.868  1.00 21.28 ? 17  GLU A C   1 
ATOM   141  O O   . GLU A 1 17  ? -4.732  -5.803  12.688  1.00 19.92 ? 17  GLU A O   1 
ATOM   142  C CB  . GLU A 1 17  ? -2.748  -8.438  12.637  1.00 24.99 ? 17  GLU A CB  1 
ATOM   143  C CG  . GLU A 1 17  ? -2.562  -9.874  13.135  1.00 29.28 ? 17  GLU A CG  1 
ATOM   144  C CD  . GLU A 1 17  ? -2.935  -10.940 12.116  1.00 33.09 ? 17  GLU A CD  1 
ATOM   145  O OE1 . GLU A 1 17  ? -2.523  -10.840 10.936  1.00 33.87 ? 17  GLU A OE1 1 
ATOM   146  O OE2 . GLU A 1 17  ? -3.629  -11.906 12.508  1.00 37.16 ? 17  GLU A OE2 1 
ATOM   147  N N   . LEU A 1 18  ? -3.667  -6.157  10.727  1.00 19.60 ? 18  LEU A N   1 
ATOM   148  C CA  . LEU A 1 18  ? -3.660  -4.746  10.354  1.00 19.35 ? 18  LEU A CA  1 
ATOM   149  C C   . LEU A 1 18  ? -5.093  -4.228  10.313  1.00 19.27 ? 18  LEU A C   1 
ATOM   150  O O   . LEU A 1 18  ? -5.414  -3.198  10.907  1.00 19.21 ? 18  LEU A O   1 
ATOM   151  C CB  . LEU A 1 18  ? -3.028  -4.560  8.969   1.00 18.76 ? 18  LEU A CB  1 
ATOM   152  C CG  . LEU A 1 18  ? -2.904  -3.105  8.495   1.00 19.65 ? 18  LEU A CG  1 
ATOM   153  C CD1 . LEU A 1 18  ? -1.716  -2.456  9.183   1.00 19.32 ? 18  LEU A CD1 1 
ATOM   154  C CD2 . LEU A 1 18  ? -2.691  -3.068  6.991   1.00 20.94 ? 18  LEU A CD2 1 
ATOM   155  N N   . LEU A 1 19  ? -5.954  -4.942  9.595   1.00 18.79 ? 19  LEU A N   1 
ATOM   156  C CA  . LEU A 1 19  ? -7.347  -4.532  9.475   1.00 19.78 ? 19  LEU A CA  1 
ATOM   157  C C   . LEU A 1 19  ? -8.025  -4.506  10.839  1.00 20.07 ? 19  LEU A C   1 
ATOM   158  O O   . LEU A 1 19  ? -8.820  -3.620  11.123  1.00 21.14 ? 19  LEU A O   1 
ATOM   159  C CB  . LEU A 1 19  ? -8.097  -5.473  8.527   1.00 19.11 ? 19  LEU A CB  1 
ATOM   160  C CG  . LEU A 1 19  ? -7.506  -5.581  7.116   1.00 19.71 ? 19  LEU A CG  1 
ATOM   161  C CD1 . LEU A 1 19  ? -8.398  -6.467  6.260   1.00 18.79 ? 19  LEU A CD1 1 
ATOM   162  C CD2 . LEU A 1 19  ? -7.376  -4.196  6.489   1.00 18.29 ? 19  LEU A CD2 1 
ATOM   163  N N   . LYS A 1 20  ? -7.698  -5.474  11.683  1.00 21.85 ? 20  LYS A N   1 
ATOM   164  C CA  . LYS A 1 20  ? -8.284  -5.543  13.014  1.00 23.55 ? 20  LYS A CA  1 
ATOM   165  C C   . LYS A 1 20  ? -7.990  -4.238  13.751  1.00 23.03 ? 20  LYS A C   1 
ATOM   166  O O   . LYS A 1 20  ? -8.876  -3.643  14.358  1.00 22.18 ? 20  LYS A O   1 
ATOM   167  C CB  . LYS A 1 20  ? -7.697  -6.729  13.782  1.00 26.46 ? 20  LYS A CB  1 
ATOM   168  C CG  . LYS A 1 20  ? -8.459  -7.096  15.050  1.00 30.59 ? 20  LYS A CG  1 
ATOM   169  C CD  . LYS A 1 20  ? -7.744  -8.188  15.852  1.00 33.19 ? 20  LYS A CD  1 
ATOM   170  C CE  . LYS A 1 20  ? -7.422  -9.418  15.008  1.00 34.70 ? 20  LYS A CE  1 
ATOM   171  N NZ  . LYS A 1 20  ? -8.632  -10.040 14.408  1.00 37.46 ? 20  LYS A NZ  1 
ATOM   172  N N   . VAL A 1 21  ? -6.743  -3.784  13.685  1.00 22.64 ? 21  VAL A N   1 
ATOM   173  C CA  . VAL A 1 21  ? -6.362  -2.541  14.342  1.00 22.39 ? 21  VAL A CA  1 
ATOM   174  C C   . VAL A 1 21  ? -7.155  -1.364  13.790  1.00 22.90 ? 21  VAL A C   1 
ATOM   175  O O   . VAL A 1 21  ? -7.471  -0.417  14.511  1.00 22.11 ? 21  VAL A O   1 
ATOM   176  C CB  . VAL A 1 21  ? -4.857  -2.251  14.159  1.00 23.03 ? 21  VAL A CB  1 
ATOM   177  C CG1 . VAL A 1 21  ? -4.518  -0.875  14.713  1.00 23.95 ? 21  VAL A CG1 1 
ATOM   178  C CG2 . VAL A 1 21  ? -4.036  -3.310  14.883  1.00 23.60 ? 21  VAL A CG2 1 
ATOM   179  N N   . LEU A 1 22  ? -7.481  -1.430  12.508  1.00 23.08 ? 22  LEU A N   1 
ATOM   180  C CA  . LEU A 1 22  ? -8.221  -0.358  11.861  1.00 23.20 ? 22  LEU A CA  1 
ATOM   181  C C   . LEU A 1 22  ? -9.729  -0.381  12.094  1.00 23.89 ? 22  LEU A C   1 
ATOM   182  O O   . LEU A 1 22  ? -10.451 0.448   11.551  1.00 25.11 ? 22  LEU A O   1 
ATOM   183  C CB  . LEU A 1 22  ? -7.921  -0.369  10.367  1.00 23.40 ? 22  LEU A CB  1 
ATOM   184  C CG  . LEU A 1 22  ? -6.454  -0.042  10.070  1.00 23.18 ? 22  LEU A CG  1 
ATOM   185  C CD1 . LEU A 1 22  ? -6.172  -0.252  8.609   1.00 23.61 ? 22  LEU A CD1 1 
ATOM   186  C CD2 . LEU A 1 22  ? -6.153  1.395   10.479  1.00 22.76 ? 22  LEU A CD2 1 
ATOM   187  N N   . GLY A 1 23  ? -10.203 -1.338  12.884  1.00 23.82 ? 23  GLY A N   1 
ATOM   188  C CA  . GLY A 1 23  ? -11.624 -1.408  13.184  1.00 23.06 ? 23  GLY A CA  1 
ATOM   189  C C   . GLY A 1 23  ? -12.515 -2.117  12.179  1.00 22.82 ? 23  GLY A C   1 
ATOM   190  O O   . GLY A 1 23  ? -13.738 -2.076  12.300  1.00 23.11 ? 23  GLY A O   1 
ATOM   191  N N   . VAL A 1 24  ? -11.918 -2.764  11.187  1.00 21.88 ? 24  VAL A N   1 
ATOM   192  C CA  . VAL A 1 24  ? -12.693 -3.486  10.179  1.00 20.98 ? 24  VAL A CA  1 
ATOM   193  C C   . VAL A 1 24  ? -13.378 -4.679  10.866  1.00 21.01 ? 24  VAL A C   1 
ATOM   194  O O   . VAL A 1 24  ? -12.704 -5.484  11.516  1.00 20.71 ? 24  VAL A O   1 
ATOM   195  C CB  . VAL A 1 24  ? -11.764 -3.976  9.049   1.00 21.06 ? 24  VAL A CB  1 
ATOM   196  C CG1 . VAL A 1 24  ? -12.568 -4.688  7.976   1.00 21.25 ? 24  VAL A CG1 1 
ATOM   197  C CG2 . VAL A 1 24  ? -11.008 -2.788  8.453   1.00 21.44 ? 24  VAL A CG2 1 
ATOM   198  N N   . ASN A 1 25  ? -14.700 -4.804  10.728  1.00 20.16 ? 25  ASN A N   1 
ATOM   199  C CA  . ASN A 1 25  ? -15.409 -5.896  11.399  1.00 20.12 ? 25  ASN A CA  1 
ATOM   200  C C   . ASN A 1 25  ? -14.930 -7.283  10.977  1.00 19.91 ? 25  ASN A C   1 
ATOM   201  O O   . ASN A 1 25  ? -14.360 -7.456  9.905   1.00 20.43 ? 25  ASN A O   1 
ATOM   202  C CB  . ASN A 1 25  ? -16.939 -5.767  11.238  1.00 19.12 ? 25  ASN A CB  1 
ATOM   203  C CG  . ASN A 1 25  ? -17.439 -6.126  9.851   1.00 17.56 ? 25  ASN A CG  1 
ATOM   204  O OD1 . ASN A 1 25  ? -17.267 -7.251  9.387   1.00 18.52 ? 25  ASN A OD1 1 
ATOM   205  N ND2 . ASN A 1 25  ? -18.095 -5.172  9.194   1.00 17.18 ? 25  ASN A ND2 1 
ATOM   206  N N   . VAL A 1 26  ? -15.163 -8.266  11.841  1.00 21.28 ? 26  VAL A N   1 
ATOM   207  C CA  . VAL A 1 26  ? -14.714 -9.635  11.603  1.00 22.03 ? 26  VAL A CA  1 
ATOM   208  C C   . VAL A 1 26  ? -15.021 -10.219 10.230  1.00 23.26 ? 26  VAL A C   1 
ATOM   209  O O   . VAL A 1 26  ? -14.156 -10.841 9.621   1.00 23.29 ? 26  VAL A O   1 
ATOM   210  C CB  . VAL A 1 26  ? -15.256 -10.601 12.694  1.00 23.00 ? 26  VAL A CB  1 
ATOM   211  C CG1 . VAL A 1 26  ? -16.769 -10.683 12.631  1.00 22.28 ? 26  VAL A CG1 1 
ATOM   212  C CG2 . VAL A 1 26  ? -14.633 -11.982 12.522  1.00 23.39 ? 26  VAL A CG2 1 
ATOM   213  N N   . MET A 1 27  ? -16.231 -10.020 9.722   1.00 23.43 ? 27  MET A N   1 
ATOM   214  C CA  . MET A 1 27  ? -16.561 -10.592 8.422   1.00 24.21 ? 27  MET A CA  1 
ATOM   215  C C   . MET A 1 27  ? -15.896 -9.847  7.264   1.00 23.68 ? 27  MET A C   1 
ATOM   216  O O   . MET A 1 27  ? -15.363 -10.468 6.342   1.00 23.21 ? 27  MET A O   1 
ATOM   217  C CB  . MET A 1 27  ? -18.075 -10.627 8.224   1.00 26.61 ? 27  MET A CB  1 
ATOM   218  C CG  . MET A 1 27  ? -18.502 -11.510 7.080   1.00 28.69 ? 27  MET A CG  1 
ATOM   219  S SD  . MET A 1 27  ? -17.832 -13.176 7.316   1.00 34.89 ? 27  MET A SD  1 
ATOM   220  C CE  . MET A 1 27  ? -18.454 -13.570 8.949   1.00 30.35 ? 27  MET A CE  1 
ATOM   221  N N   . LEU A 1 28  ? -15.929 -8.519  7.306   1.00 22.48 ? 28  LEU A N   1 
ATOM   222  C CA  . LEU A 1 28  ? -15.301 -7.722  6.255   1.00 22.38 ? 28  LEU A CA  1 
ATOM   223  C C   . LEU A 1 28  ? -13.835 -8.094  6.187   1.00 22.25 ? 28  LEU A C   1 
ATOM   224  O O   . LEU A 1 28  ? -13.214 -8.099  5.126   1.00 22.11 ? 28  LEU A O   1 
ATOM   225  C CB  . LEU A 1 28  ? -15.403 -6.232  6.569   1.00 22.75 ? 28  LEU A CB  1 
ATOM   226  C CG  . LEU A 1 28  ? -16.359 -5.389  5.737   1.00 24.17 ? 28  LEU A CG  1 
ATOM   227  C CD1 . LEU A 1 28  ? -16.201 -3.929  6.141   1.00 24.68 ? 28  LEU A CD1 1 
ATOM   228  C CD2 . LEU A 1 28  ? -16.049 -5.566  4.262   1.00 24.28 ? 28  LEU A CD2 1 
ATOM   229  N N   . ARG A 1 29  ? -13.287 -8.386  7.354   1.00 23.56 ? 29  ARG A N   1 
ATOM   230  C CA  . ARG A 1 29  ? -11.898 -8.763  7.495   1.00 24.74 ? 29  ARG A CA  1 
ATOM   231  C C   . ARG A 1 29  ? -11.640 -10.013 6.648   1.00 24.63 ? 29  ARG A C   1 
ATOM   232  O O   . ARG A 1 29  ? -10.681 -10.063 5.878   1.00 24.93 ? 29  ARG A O   1 
ATOM   233  C CB  . ARG A 1 29  ? -11.631 -9.021  8.977   1.00 26.98 ? 29  ARG A CB  1 
ATOM   234  C CG  . ARG A 1 29  ? -10.201 -9.149  9.398   1.00 29.53 ? 29  ARG A CG  1 
ATOM   235  C CD  . ARG A 1 29  ? -10.186 -9.474  10.888  1.00 30.87 ? 29  ARG A CD  1 
ATOM   236  N NE  . ARG A 1 29  ? -10.904 -8.459  11.639  1.00 30.26 ? 29  ARG A NE  1 
ATOM   237  C CZ  . ARG A 1 29  ? -11.389 -8.629  12.863  1.00 29.59 ? 29  ARG A CZ  1 
ATOM   238  N NH1 . ARG A 1 29  ? -11.238 -9.787  13.492  1.00 29.68 ? 29  ARG A NH1 1 
ATOM   239  N NH2 . ARG A 1 29  ? -12.028 -7.634  13.453  1.00 29.08 ? 29  ARG A NH2 1 
ATOM   240  N N   . LYS A 1 30  ? -12.506 -11.016 6.773   1.00 24.31 ? 30  LYS A N   1 
ATOM   241  C CA  . LYS A 1 30  ? -12.340 -12.245 5.999   1.00 24.24 ? 30  LYS A CA  1 
ATOM   242  C C   . LYS A 1 30  ? -12.530 -11.989 4.513   1.00 22.98 ? 30  LYS A C   1 
ATOM   243  O O   . LYS A 1 30  ? -11.782 -12.508 3.684   1.00 22.09 ? 30  LYS A O   1 
ATOM   244  C CB  . LYS A 1 30  ? -13.307 -13.329 6.492   1.00 26.55 ? 30  LYS A CB  1 
ATOM   245  C CG  . LYS A 1 30  ? -12.798 -14.076 7.725   1.00 29.84 ? 30  LYS A CG  1 
ATOM   246  C CD  . LYS A 1 30  ? -12.448 -13.120 8.861   1.00 33.95 ? 30  LYS A CD  1 
ATOM   247  C CE  . LYS A 1 30  ? -11.709 -13.831 9.988   1.00 35.43 ? 30  LYS A CE  1 
ATOM   248  N NZ  . LYS A 1 30  ? -10.406 -14.401 9.521   1.00 38.17 ? 30  LYS A NZ  1 
ATOM   249  N N   . ILE A 1 31  ? -13.520 -11.169 4.176   1.00 21.75 ? 31  ILE A N   1 
ATOM   250  C CA  . ILE A 1 31  ? -13.778 -10.825 2.787   1.00 21.51 ? 31  ILE A CA  1 
ATOM   251  C C   . ILE A 1 31  ? -12.559 -10.098 2.207   1.00 21.11 ? 31  ILE A C   1 
ATOM   252  O O   . ILE A 1 31  ? -12.109 -10.400 1.100   1.00 20.50 ? 31  ILE A O   1 
ATOM   253  C CB  . ILE A 1 31  ? -15.011 -9.901  2.671   1.00 22.75 ? 31  ILE A CB  1 
ATOM   254  C CG1 . ILE A 1 31  ? -16.262 -10.637 3.158   1.00 22.87 ? 31  ILE A CG1 1 
ATOM   255  C CG2 . ILE A 1 31  ? -15.177 -9.436  1.231   1.00 22.60 ? 31  ILE A CG2 1 
ATOM   256  C CD1 . ILE A 1 31  ? -17.494 -9.763  3.233   1.00 24.84 ? 31  ILE A CD1 1 
ATOM   257  N N   . ALA A 1 32  ? -12.033 -9.140  2.970   1.00 20.47 ? 32  ALA A N   1 
ATOM   258  C CA  . ALA A 1 32  ? -10.879 -8.353  2.547   1.00 20.68 ? 32  ALA A CA  1 
ATOM   259  C C   . ALA A 1 32  ? -9.646  -9.220  2.322   1.00 20.60 ? 32  ALA A C   1 
ATOM   260  O O   . ALA A 1 32  ? -8.984  -9.108  1.294   1.00 21.28 ? 32  ALA A O   1 
ATOM   261  C CB  . ALA A 1 32  ? -10.572 -7.281  3.586   1.00 19.80 ? 32  ALA A CB  1 
ATOM   262  N N   . VAL A 1 33  ? -9.339  -10.072 3.294   1.00 20.54 ? 33  VAL A N   1 
ATOM   263  C CA  . VAL A 1 33  ? -8.189  -10.959 3.203   1.00 21.22 ? 33  VAL A CA  1 
ATOM   264  C C   . VAL A 1 33  ? -8.274  -11.809 1.944   1.00 21.16 ? 33  VAL A C   1 
ATOM   265  O O   . VAL A 1 33  ? -7.295  -11.948 1.209   1.00 21.28 ? 33  VAL A O   1 
ATOM   266  C CB  . VAL A 1 33  ? -8.104  -11.880 4.444   1.00 20.98 ? 33  VAL A CB  1 
ATOM   267  C CG1 . VAL A 1 33  ? -7.027  -12.932 4.256   1.00 23.34 ? 33  VAL A CG1 1 
ATOM   268  C CG2 . VAL A 1 33  ? -7.790  -11.049 5.669   1.00 22.62 ? 33  VAL A CG2 1 
ATOM   269  N N   . ALA A 1 34  ? -9.452  -12.371 1.695   1.00 20.89 ? 34  ALA A N   1 
ATOM   270  C CA  . ALA A 1 34  ? -9.659  -13.204 0.517   1.00 20.89 ? 34  ALA A CA  1 
ATOM   271  C C   . ALA A 1 34  ? -9.414  -12.408 -0.755  1.00 20.94 ? 34  ALA A C   1 
ATOM   272  O O   . ALA A 1 34  ? -8.644  -12.821 -1.621  1.00 21.47 ? 34  ALA A O   1 
ATOM   273  C CB  . ALA A 1 34  ? -11.072 -13.762 0.515   1.00 21.25 ? 34  ALA A CB  1 
ATOM   274  N N   . ALA A 1 35  ? -10.076 -11.263 -0.864  1.00 20.63 ? 35  ALA A N   1 
ATOM   275  C CA  . ALA A 1 35  ? -9.931  -10.422 -2.040  1.00 20.57 ? 35  ALA A CA  1 
ATOM   276  C C   . ALA A 1 35  ? -8.490  -9.970  -2.231  1.00 20.13 ? 35  ALA A C   1 
ATOM   277  O O   . ALA A 1 35  ? -7.979  -9.961  -3.347  1.00 19.25 ? 35  ALA A O   1 
ATOM   278  C CB  . ALA A 1 35  ? -10.846 -9.209  -1.927  1.00 20.44 ? 35  ALA A CB  1 
ATOM   279  N N   . ALA A 1 36  ? -7.843  -9.608  -1.131  1.00 20.15 ? 36  ALA A N   1 
ATOM   280  C CA  . ALA A 1 36  ? -6.469  -9.122  -1.158  1.00 21.26 ? 36  ALA A CA  1 
ATOM   281  C C   . ALA A 1 36  ? -5.425  -10.212 -1.352  1.00 21.93 ? 36  ALA A C   1 
ATOM   282  O O   . ALA A 1 36  ? -4.231  -9.915  -1.440  1.00 21.90 ? 36  ALA A O   1 
ATOM   283  C CB  . ALA A 1 36  ? -6.173  -8.344  0.124   1.00 19.80 ? 36  ALA A CB  1 
ATOM   284  N N   . SER A 1 37  ? -5.861  -11.466 -1.419  1.00 22.14 ? 37  SER A N   1 
ATOM   285  C CA  . SER A 1 37  ? -4.919  -12.560 -1.605  1.00 23.75 ? 37  SER A CA  1 
ATOM   286  C C   . SER A 1 37  ? -4.562  -12.725 -3.079  1.00 24.04 ? 37  SER A C   1 
ATOM   287  O O   . SER A 1 37  ? -3.592  -13.395 -3.414  1.00 24.48 ? 37  SER A O   1 
ATOM   288  C CB  . SER A 1 37  ? -5.489  -13.874 -1.052  1.00 24.37 ? 37  SER A CB  1 
ATOM   289  O OG  . SER A 1 37  ? -6.616  -14.308 -1.794  1.00 28.40 ? 37  SER A OG  1 
ATOM   290  N N   . LYS A 1 38  ? -5.342  -12.107 -3.961  1.00 24.05 ? 38  LYS A N   1 
ATOM   291  C CA  . LYS A 1 38  ? -5.076  -12.201 -5.392  1.00 24.89 ? 38  LYS A CA  1 
ATOM   292  C C   . LYS A 1 38  ? -5.316  -10.878 -6.109  1.00 24.46 ? 38  LYS A C   1 
ATOM   293  O O   . LYS A 1 38  ? -6.105  -10.790 -7.047  1.00 24.22 ? 38  LYS A O   1 
ATOM   294  C CB  . LYS A 1 38  ? -5.935  -13.302 -6.012  1.00 26.88 ? 38  LYS A CB  1 
ATOM   295  C CG  . LYS A 1 38  ? -7.410  -13.203 -5.676  1.00 29.74 ? 38  LYS A CG  1 
ATOM   296  C CD  . LYS A 1 38  ? -8.162  -14.407 -6.231  1.00 33.45 ? 38  LYS A CD  1 
ATOM   297  C CE  . LYS A 1 38  ? -7.589  -15.708 -5.680  1.00 35.13 ? 38  LYS A CE  1 
ATOM   298  N NZ  . LYS A 1 38  ? -8.227  -16.911 -6.289  1.00 37.61 ? 38  LYS A NZ  1 
ATOM   299  N N   . PRO A 1 39  ? -4.638  -9.818  -5.657  1.00 23.42 ? 39  PRO A N   1 
ATOM   300  C CA  . PRO A 1 39  ? -4.792  -8.505  -6.273  1.00 23.08 ? 39  PRO A CA  1 
ATOM   301  C C   . PRO A 1 39  ? -4.042  -8.419  -7.595  1.00 22.95 ? 39  PRO A C   1 
ATOM   302  O O   . PRO A 1 39  ? -3.177  -9.243  -7.890  1.00 22.44 ? 39  PRO A O   1 
ATOM   303  C CB  . PRO A 1 39  ? -4.180  -7.586  -5.228  1.00 23.53 ? 39  PRO A CB  1 
ATOM   304  C CG  . PRO A 1 39  ? -2.998  -8.420  -4.773  1.00 23.67 ? 39  PRO A CG  1 
ATOM   305  C CD  . PRO A 1 39  ? -3.724  -9.734  -4.501  1.00 23.31 ? 39  PRO A CD  1 
ATOM   306  N N   . ALA A 1 40  ? -4.404  -7.426  -8.395  1.00 22.09 ? 40  ALA A N   1 
ATOM   307  C CA  . ALA A 1 40  ? -3.725  -7.176  -9.655  1.00 22.54 ? 40  ALA A CA  1 
ATOM   308  C C   . ALA A 1 40  ? -3.065  -5.831  -9.378  1.00 21.87 ? 40  ALA A C   1 
ATOM   309  O O   . ALA A 1 40  ? -3.743  -4.865  -9.024  1.00 21.60 ? 40  ALA A O   1 
ATOM   310  C CB  . ALA A 1 40  ? -4.724  -7.052  -10.797 1.00 23.05 ? 40  ALA A CB  1 
ATOM   311  N N   . VAL A 1 41  ? -1.746  -5.771  -9.495  1.00 21.17 ? 41  VAL A N   1 
ATOM   312  C CA  . VAL A 1 41  ? -1.045  -4.528  -9.231  1.00 20.70 ? 41  VAL A CA  1 
ATOM   313  C C   . VAL A 1 41  ? -0.328  -4.043  -10.473 1.00 21.37 ? 41  VAL A C   1 
ATOM   314  O O   . VAL A 1 41  ? 0.486   -4.756  -11.054 1.00 21.95 ? 41  VAL A O   1 
ATOM   315  C CB  . VAL A 1 41  ? -0.033  -4.690  -8.084  1.00 20.65 ? 41  VAL A CB  1 
ATOM   316  C CG1 . VAL A 1 41  ? 0.719   -3.383  -7.856  1.00 19.39 ? 41  VAL A CG1 1 
ATOM   317  C CG2 . VAL A 1 41  ? -0.763  -5.105  -6.820  1.00 20.85 ? 41  VAL A CG2 1 
ATOM   318  N N   . GLU A 1 42  ? -0.651  -2.822  -10.873 1.00 21.30 ? 42  GLU A N   1 
ATOM   319  C CA  . GLU A 1 42  ? -0.057  -2.210  -12.048 1.00 22.42 ? 42  GLU A CA  1 
ATOM   320  C C   . GLU A 1 42  ? 0.609   -0.922  -11.610 1.00 21.78 ? 42  GLU A C   1 
ATOM   321  O O   . GLU A 1 42  ? -0.023  -0.068  -10.990 1.00 20.93 ? 42  GLU A O   1 
ATOM   322  C CB  . GLU A 1 42  ? -1.143  -1.898  -13.074 1.00 25.28 ? 42  GLU A CB  1 
ATOM   323  C CG  . GLU A 1 42  ? -0.652  -1.249  -14.347 1.00 29.47 ? 42  GLU A CG  1 
ATOM   324  C CD  . GLU A 1 42  ? -1.796  -0.890  -15.276 1.00 32.06 ? 42  GLU A CD  1 
ATOM   325  O OE1 . GLU A 1 42  ? -2.589  -1.790  -15.614 1.00 34.82 ? 42  GLU A OE1 1 
ATOM   326  O OE2 . GLU A 1 42  ? -1.907  0.289   -15.668 1.00 34.57 ? 42  GLU A OE2 1 
ATOM   327  N N   . ILE A 1 43  ? 1.892   -0.786  -11.924 1.00 21.61 ? 43  ILE A N   1 
ATOM   328  C CA  . ILE A 1 43  ? 2.619   0.418   -11.563 1.00 20.84 ? 43  ILE A CA  1 
ATOM   329  C C   . ILE A 1 43  ? 3.289   0.997   -12.785 1.00 22.26 ? 43  ILE A C   1 
ATOM   330  O O   . ILE A 1 43  ? 3.824   0.266   -13.614 1.00 21.22 ? 43  ILE A O   1 
ATOM   331  C CB  . ILE A 1 43  ? 3.716   0.144   -10.518 1.00 20.25 ? 43  ILE A CB  1 
ATOM   332  C CG1 . ILE A 1 43  ? 3.101   -0.405  -9.229  1.00 19.89 ? 43  ILE A CG1 1 
ATOM   333  C CG2 . ILE A 1 43  ? 4.478   1.439   -10.208 1.00 18.96 ? 43  ILE A CG2 1 
ATOM   334  C CD1 . ILE A 1 43  ? 4.128   -0.704  -8.152  1.00 19.98 ? 43  ILE A CD1 1 
ATOM   335  N N   . LYS A 1 44  ? 3.230   2.318   -12.902 1.00 23.70 ? 44  LYS A N   1 
ATOM   336  C CA  . LYS A 1 44  ? 3.889   3.019   -13.987 1.00 25.20 ? 44  LYS A CA  1 
ATOM   337  C C   . LYS A 1 44  ? 4.700   4.133   -13.357 1.00 25.30 ? 44  LYS A C   1 
ATOM   338  O O   . LYS A 1 44  ? 4.157   5.012   -12.690 1.00 24.92 ? 44  LYS A O   1 
ATOM   339  C CB  . LYS A 1 44  ? 2.874   3.560   -15.000 1.00 27.45 ? 44  LYS A CB  1 
ATOM   340  C CG  . LYS A 1 44  ? 2.515   2.517   -16.065 1.00 31.78 ? 44  LYS A CG  1 
ATOM   341  C CD  . LYS A 1 44  ? 1.017   2.301   -16.233 1.00 34.46 ? 44  LYS A CD  1 
ATOM   342  C CE  . LYS A 1 44  ? 0.297   3.544   -16.737 1.00 36.16 ? 44  LYS A CE  1 
ATOM   343  N NZ  . LYS A 1 44  ? -1.166  3.282   -16.897 1.00 38.58 ? 44  LYS A NZ  1 
ATOM   344  N N   . GLN A 1 45  ? 6.014   4.048   -13.530 1.00 25.47 ? 45  GLN A N   1 
ATOM   345  C CA  . GLN A 1 45  ? 6.922   5.035   -12.984 1.00 26.50 ? 45  GLN A CA  1 
ATOM   346  C C   . GLN A 1 45  ? 7.598   5.860   -14.068 1.00 27.68 ? 45  GLN A C   1 
ATOM   347  O O   . GLN A 1 45  ? 8.160   5.324   -15.025 1.00 27.05 ? 45  GLN A O   1 
ATOM   348  C CB  . GLN A 1 45  ? 8.000   4.369   -12.122 1.00 26.01 ? 45  GLN A CB  1 
ATOM   349  C CG  . GLN A 1 45  ? 9.185   5.291   -11.829 1.00 26.92 ? 45  GLN A CG  1 
ATOM   350  C CD  . GLN A 1 45  ? 10.215  4.675   -10.905 1.00 26.96 ? 45  GLN A CD  1 
ATOM   351  O OE1 . GLN A 1 45  ? 10.431  3.463   -10.912 1.00 26.60 ? 45  GLN A OE1 1 
ATOM   352  N NE2 . GLN A 1 45  ? 10.880  5.515   -10.123 1.00 28.07 ? 45  GLN A NE2 1 
ATOM   353  N N   . GLU A 1 46  ? 7.532   7.170   -13.890 1.00 28.85 ? 46  GLU A N   1 
ATOM   354  C CA  . GLU A 1 46  ? 8.135   8.142   -14.792 1.00 31.04 ? 46  GLU A CA  1 
ATOM   355  C C   . GLU A 1 46  ? 8.961   9.041   -13.878 1.00 30.25 ? 46  GLU A C   1 
ATOM   356  O O   . GLU A 1 46  ? 8.451   10.022  -13.341 1.00 29.93 ? 46  GLU A O   1 
ATOM   357  C CB  . GLU A 1 46  ? 7.043   8.960   -15.483 1.00 33.64 ? 46  GLU A CB  1 
ATOM   358  C CG  . GLU A 1 46  ? 6.871   8.676   -16.958 1.00 38.31 ? 46  GLU A CG  1 
ATOM   359  C CD  . GLU A 1 46  ? 8.023   9.213   -17.781 1.00 41.53 ? 46  GLU A CD  1 
ATOM   360  O OE1 . GLU A 1 46  ? 8.265   10.440  -17.719 1.00 43.65 ? 46  GLU A OE1 1 
ATOM   361  O OE2 . GLU A 1 46  ? 8.682   8.420   -18.488 1.00 44.22 ? 46  GLU A OE2 1 
ATOM   362  N N   . GLY A 1 47  ? 10.226  8.683   -13.685 1.00 30.18 ? 47  GLY A N   1 
ATOM   363  C CA  . GLY A 1 47  ? 11.080  9.461   -12.807 1.00 30.10 ? 47  GLY A CA  1 
ATOM   364  C C   . GLY A 1 47  ? 10.556  9.397   -11.385 1.00 29.73 ? 47  GLY A C   1 
ATOM   365  O O   . GLY A 1 47  ? 10.506  8.324   -10.788 1.00 30.60 ? 47  GLY A O   1 
ATOM   366  N N   . ASP A 1 48  ? 10.167  10.547  -10.841 1.00 28.84 ? 48  ASP A N   1 
ATOM   367  C CA  . ASP A 1 48  ? 9.635   10.633  -9.484  1.00 28.34 ? 48  ASP A CA  1 
ATOM   368  C C   . ASP A 1 48  ? 8.111   10.622  -9.482  1.00 27.02 ? 48  ASP A C   1 
ATOM   369  O O   . ASP A 1 48  ? 7.488   10.805  -8.440  1.00 27.10 ? 48  ASP A O   1 
ATOM   370  C CB  . ASP A 1 48  ? 10.115  11.915  -8.796  1.00 30.25 ? 48  ASP A CB  1 
ATOM   371  C CG  . ASP A 1 48  ? 11.461  11.758  -8.117  1.00 32.18 ? 48  ASP A CG  1 
ATOM   372  O OD1 . ASP A 1 48  ? 12.000  12.782  -7.643  1.00 34.45 ? 48  ASP A OD1 1 
ATOM   373  O OD2 . ASP A 1 48  ? 11.970  10.617  -8.036  1.00 32.18 ? 48  ASP A OD2 1 
ATOM   374  N N   . THR A 1 49  ? 7.508   10.420  -10.647 1.00 25.63 ? 49  THR A N   1 
ATOM   375  C CA  . THR A 1 49  ? 6.057   10.405  -10.728 1.00 24.96 ? 49  THR A CA  1 
ATOM   376  C C   . THR A 1 49  ? 5.557   8.972   -10.816 1.00 23.71 ? 49  THR A C   1 
ATOM   377  O O   . THR A 1 49  ? 6.047   8.175   -11.619 1.00 23.22 ? 49  THR A O   1 
ATOM   378  C CB  . THR A 1 49  ? 5.569   11.223  -11.934 1.00 25.85 ? 49  THR A CB  1 
ATOM   379  O OG1 . THR A 1 49  ? 6.016   12.577  -11.789 1.00 26.60 ? 49  THR A OG1 1 
ATOM   380  C CG2 . THR A 1 49  ? 4.051   11.212  -12.011 1.00 27.17 ? 49  THR A CG2 1 
ATOM   381  N N   . PHE A 1 50  ? 4.579   8.654   -9.977  1.00 22.25 ? 50  PHE A N   1 
ATOM   382  C CA  . PHE A 1 50  ? 4.029   7.312   -9.929  1.00 21.84 ? 50  PHE A CA  1 
ATOM   383  C C   . PHE A 1 50  ? 2.536   7.176   -10.136 1.00 21.10 ? 50  PHE A C   1 
ATOM   384  O O   . PHE A 1 50  ? 1.747   8.054   -9.793  1.00 20.92 ? 50  PHE A O   1 
ATOM   385  C CB  . PHE A 1 50  ? 4.367   6.634   -8.593  1.00 20.50 ? 50  PHE A CB  1 
ATOM   386  C CG  . PHE A 1 50  ? 5.825   6.369   -8.394  1.00 21.20 ? 50  PHE A CG  1 
ATOM   387  C CD1 . PHE A 1 50  ? 6.707   7.406   -8.112  1.00 21.64 ? 50  PHE A CD1 1 
ATOM   388  C CD2 . PHE A 1 50  ? 6.325   5.076   -8.512  1.00 22.25 ? 50  PHE A CD2 1 
ATOM   389  C CE1 . PHE A 1 50  ? 8.069   7.157   -7.951  1.00 22.65 ? 50  PHE A CE1 1 
ATOM   390  C CE2 . PHE A 1 50  ? 7.688   4.817   -8.353  1.00 22.74 ? 50  PHE A CE2 1 
ATOM   391  C CZ  . PHE A 1 50  ? 8.559   5.859   -8.073  1.00 21.79 ? 50  PHE A CZ  1 
ATOM   392  N N   . TYR A 1 51  ? 2.180   6.030   -10.697 1.00 21.68 ? 51  TYR A N   1 
ATOM   393  C CA  . TYR A 1 51  ? 0.804   5.638   -10.938 1.00 21.67 ? 51  TYR A CA  1 
ATOM   394  C C   . TYR A 1 51  ? 0.751   4.213   -10.411 1.00 21.40 ? 51  TYR A C   1 
ATOM   395  O O   . TYR A 1 51  ? 1.487   3.345   -10.886 1.00 21.27 ? 51  TYR A O   1 
ATOM   396  C CB  . TYR A 1 51  ? 0.476   5.619   -12.426 1.00 22.97 ? 51  TYR A CB  1 
ATOM   397  C CG  . TYR A 1 51  ? -0.881  5.004   -12.702 1.00 24.73 ? 51  TYR A CG  1 
ATOM   398  C CD1 . TYR A 1 51  ? -2.055  5.701   -12.427 1.00 26.12 ? 51  TYR A CD1 1 
ATOM   399  C CD2 . TYR A 1 51  ? -0.987  3.706   -13.191 1.00 25.11 ? 51  TYR A CD2 1 
ATOM   400  C CE1 . TYR A 1 51  ? -3.308  5.117   -12.633 1.00 27.21 ? 51  TYR A CE1 1 
ATOM   401  C CE2 . TYR A 1 51  ? -2.230  3.112   -13.399 1.00 25.91 ? 51  TYR A CE2 1 
ATOM   402  C CZ  . TYR A 1 51  ? -3.384  3.823   -13.119 1.00 27.02 ? 51  TYR A CZ  1 
ATOM   403  O OH  . TYR A 1 51  ? -4.611  3.236   -13.323 1.00 27.87 ? 51  TYR A OH  1 
ATOM   404  N N   . ILE A 1 52  ? -0.096  3.975   -9.421  1.00 20.86 ? 52  ILE A N   1 
ATOM   405  C CA  . ILE A 1 52  ? -0.230  2.647   -8.846  1.00 20.11 ? 52  ILE A CA  1 
ATOM   406  C C   . ILE A 1 52  ? -1.696  2.256   -8.782  1.00 20.19 ? 52  ILE A C   1 
ATOM   407  O O   . ILE A 1 52  ? -2.499  2.915   -8.121  1.00 20.84 ? 52  ILE A O   1 
ATOM   408  C CB  . ILE A 1 52  ? 0.353   2.578   -7.416  1.00 19.26 ? 52  ILE A CB  1 
ATOM   409  C CG1 . ILE A 1 52  ? 1.853   2.867   -7.452  1.00 19.53 ? 52  ILE A CG1 1 
ATOM   410  C CG2 . ILE A 1 52  ? 0.087   1.201   -6.810  1.00 18.76 ? 52  ILE A CG2 1 
ATOM   411  C CD1 . ILE A 1 52  ? 2.518   2.817   -6.088  1.00 20.56 ? 52  ILE A CD1 1 
ATOM   412  N N   . LYS A 1 53  ? -2.034  1.181   -9.479  1.00 19.98 ? 53  LYS A N   1 
ATOM   413  C CA  . LYS A 1 53  ? -3.396  0.682   -9.504  1.00 20.34 ? 53  LYS A CA  1 
ATOM   414  C C   . LYS A 1 53  ? -3.395  -0.684  -8.843  1.00 19.15 ? 53  LYS A C   1 
ATOM   415  O O   . LYS A 1 53  ? -2.671  -1.584  -9.263  1.00 18.61 ? 53  LYS A O   1 
ATOM   416  C CB  . LYS A 1 53  ? -3.890  0.560   -10.946 1.00 21.59 ? 53  LYS A CB  1 
ATOM   417  C CG  . LYS A 1 53  ? -5.344  0.127   -11.075 1.00 25.19 ? 53  LYS A CG  1 
ATOM   418  C CD  . LYS A 1 53  ? -5.733  0.026   -12.537 1.00 27.73 ? 53  LYS A CD  1 
ATOM   419  C CE  . LYS A 1 53  ? -7.187  -0.352  -12.706 1.00 30.29 ? 53  LYS A CE  1 
ATOM   420  N NZ  . LYS A 1 53  ? -7.532  -0.471  -14.149 1.00 33.01 ? 53  LYS A NZ  1 
ATOM   421  N N   . THR A 1 54  ? -4.196  -0.828  -7.794  1.00 17.88 ? 54  THR A N   1 
ATOM   422  C CA  . THR A 1 54  ? -4.287  -2.092  -7.077  1.00 18.04 ? 54  THR A CA  1 
ATOM   423  C C   . THR A 1 54  ? -5.743  -2.530  -7.158  1.00 18.50 ? 54  THR A C   1 
ATOM   424  O O   . THR A 1 54  ? -6.623  -1.883  -6.597  1.00 18.15 ? 54  THR A O   1 
ATOM   425  C CB  . THR A 1 54  ? -3.865  -1.918  -5.602  1.00 17.61 ? 54  THR A CB  1 
ATOM   426  O OG1 . THR A 1 54  ? -2.555  -1.338  -5.550  1.00 17.40 ? 54  THR A OG1 1 
ATOM   427  C CG2 . THR A 1 54  ? -3.833  -3.275  -4.890  1.00 16.62 ? 54  THR A CG2 1 
ATOM   428  N N   . SER A 1 55  ? -5.990  -3.627  -7.864  1.00 18.95 ? 55  SER A N   1 
ATOM   429  C CA  . SER A 1 55  ? -7.348  -4.112  -8.050  1.00 20.03 ? 55  SER A CA  1 
ATOM   430  C C   . SER A 1 55  ? -7.694  -5.435  -7.392  1.00 18.85 ? 55  SER A C   1 
ATOM   431  O O   . SER A 1 55  ? -6.926  -6.389  -7.435  1.00 19.38 ? 55  SER A O   1 
ATOM   432  C CB  . SER A 1 55  ? -7.650  -4.237  -9.545  1.00 20.30 ? 55  SER A CB  1 
ATOM   433  O OG  . SER A 1 55  ? -7.479  -2.995  -10.205 1.00 26.10 ? 55  SER A OG  1 
ATOM   434  N N   . THR A 1 56  ? -8.870  -5.472  -6.783  1.00 19.10 ? 56  THR A N   1 
ATOM   435  C CA  . THR A 1 56  ? -9.393  -6.687  -6.173  1.00 18.38 ? 56  THR A CA  1 
ATOM   436  C C   . THR A 1 56  ? -10.872 -6.616  -6.510  1.00 19.03 ? 56  THR A C   1 
ATOM   437  O O   . THR A 1 56  ? -11.371 -5.569  -6.929  1.00 17.98 ? 56  THR A O   1 
ATOM   438  C CB  . THR A 1 56  ? -9.245  -6.717  -4.639  1.00 18.49 ? 56  THR A CB  1 
ATOM   439  O OG1 . THR A 1 56  ? -10.140 -5.768  -4.046  1.00 17.54 ? 56  THR A OG1 1 
ATOM   440  C CG2 . THR A 1 56  ? -7.818  -6.402  -4.237  1.00 18.19 ? 56  THR A CG2 1 
ATOM   441  N N   . THR A 1 57  ? -11.573 -7.721  -6.329  1.00 19.23 ? 57  THR A N   1 
ATOM   442  C CA  . THR A 1 57  ? -12.995 -7.759  -6.631  1.00 20.11 ? 57  THR A CA  1 
ATOM   443  C C   . THR A 1 57  ? -13.841 -6.781  -5.810  1.00 18.99 ? 57  THR A C   1 
ATOM   444  O O   . THR A 1 57  ? -14.819 -6.238  -6.319  1.00 20.14 ? 57  THR A O   1 
ATOM   445  C CB  . THR A 1 57  ? -13.545 -9.172  -6.414  1.00 20.22 ? 57  THR A CB  1 
ATOM   446  O OG1 . THR A 1 57  ? -13.224 -9.593  -5.086  1.00 22.41 ? 57  THR A OG1 1 
ATOM   447  C CG2 . THR A 1 57  ? -12.942 -10.140 -7.409  1.00 21.44 ? 57  THR A CG2 1 
ATOM   448  N N   . VAL A 1 58  ? -13.473 -6.547  -4.551  1.00 18.13 ? 58  VAL A N   1 
ATOM   449  C CA  . VAL A 1 58  ? -14.268 -5.658  -3.709  1.00 17.61 ? 58  VAL A CA  1 
ATOM   450  C C   . VAL A 1 58  ? -13.745 -4.243  -3.544  1.00 18.00 ? 58  VAL A C   1 
ATOM   451  O O   . VAL A 1 58  ? -14.448 -3.388  -3.020  1.00 17.54 ? 58  VAL A O   1 
ATOM   452  C CB  . VAL A 1 58  ? -14.490 -6.256  -2.296  1.00 18.35 ? 58  VAL A CB  1 
ATOM   453  C CG1 . VAL A 1 58  ? -15.204 -7.593  -2.402  1.00 18.59 ? 58  VAL A CG1 1 
ATOM   454  C CG2 . VAL A 1 58  ? -13.173 -6.416  -1.574  1.00 18.87 ? 58  VAL A CG2 1 
ATOM   455  N N   . ARG A 1 59  ? -12.516 -3.985  -3.980  1.00 17.88 ? 59  ARG A N   1 
ATOM   456  C CA  . ARG A 1 59  ? -11.956 -2.644  -3.853  1.00 19.67 ? 59  ARG A CA  1 
ATOM   457  C C   . ARG A 1 59  ? -10.765 -2.442  -4.769  1.00 19.88 ? 59  ARG A C   1 
ATOM   458  O O   . ARG A 1 59  ? -9.842  -3.254  -4.807  1.00 20.24 ? 59  ARG A O   1 
ATOM   459  C CB  . ARG A 1 59  ? -11.547 -2.371  -2.401  1.00 20.84 ? 59  ARG A CB  1 
ATOM   460  C CG  . ARG A 1 59  ? -10.867 -1.017  -2.143  1.00 23.15 ? 59  ARG A CG  1 
ATOM   461  C CD  . ARG A 1 59  ? -10.560 -0.884  -0.654  1.00 25.41 ? 59  ARG A CD  1 
ATOM   462  N NE  . ARG A 1 59  ? -9.674  0.224   -0.306  1.00 27.97 ? 59  ARG A NE  1 
ATOM   463  C CZ  . ARG A 1 59  ? -9.990  1.514   -0.384  1.00 29.61 ? 59  ARG A CZ  1 
ATOM   464  N NH1 . ARG A 1 59  ? -11.190 1.892   -0.806  1.00 29.33 ? 59  ARG A NH1 1 
ATOM   465  N NH2 . ARG A 1 59  ? -9.095  2.431   -0.032  1.00 29.52 ? 59  ARG A NH2 1 
ATOM   466  N N   . THR A 1 60  ? -10.807 -1.354  -5.519  1.00 21.30 ? 60  THR A N   1 
ATOM   467  C CA  . THR A 1 60  ? -9.738  -1.013  -6.440  1.00 21.24 ? 60  THR A CA  1 
ATOM   468  C C   . THR A 1 60  ? -9.332  0.416   -6.140  1.00 22.04 ? 60  THR A C   1 
ATOM   469  O O   . THR A 1 60  ? -10.176 1.313   -6.077  1.00 22.04 ? 60  THR A O   1 
ATOM   470  C CB  . THR A 1 60  ? -10.213 -1.097  -7.892  1.00 21.70 ? 60  THR A CB  1 
ATOM   471  O OG1 . THR A 1 60  ? -10.595 -2.445  -8.190  1.00 21.28 ? 60  THR A OG1 1 
ATOM   472  C CG2 . THR A 1 60  ? -9.106  -0.651  -8.839  1.00 22.27 ? 60  THR A CG2 1 
ATOM   473  N N   . THR A 1 61  ? -8.042  0.618   -5.925  1.00 21.08 ? 61  THR A N   1 
ATOM   474  C CA  . THR A 1 61  ? -7.532  1.940   -5.633  1.00 21.74 ? 61  THR A CA  1 
ATOM   475  C C   . THR A 1 61  ? -6.619  2.341   -6.768  1.00 22.16 ? 61  THR A C   1 
ATOM   476  O O   . THR A 1 61  ? -5.920  1.508   -7.343  1.00 20.49 ? 61  THR A O   1 
ATOM   477  C CB  . THR A 1 61  ? -6.742  1.962   -4.324  1.00 20.94 ? 61  THR A CB  1 
ATOM   478  O OG1 . THR A 1 61  ? -5.625  1.070   -4.424  1.00 21.24 ? 61  THR A OG1 1 
ATOM   479  C CG2 . THR A 1 61  ? -7.628  1.536   -3.169  1.00 21.94 ? 61  THR A CG2 1 
ATOM   480  N N   . GLU A 1 62  ? -6.637  3.627   -7.082  1.00 23.31 ? 62  GLU A N   1 
ATOM   481  C CA  . GLU A 1 62  ? -5.829  4.166   -8.157  1.00 25.55 ? 62  GLU A CA  1 
ATOM   482  C C   . GLU A 1 62  ? -5.220  5.442   -7.598  1.00 25.18 ? 62  GLU A C   1 
ATOM   483  O O   . GLU A 1 62  ? -5.946  6.375   -7.264  1.00 25.84 ? 62  GLU A O   1 
ATOM   484  C CB  . GLU A 1 62  ? -6.736  4.487   -9.342  1.00 27.30 ? 62  GLU A CB  1 
ATOM   485  C CG  . GLU A 1 62  ? -6.107  4.311   -10.702 1.00 31.92 ? 62  GLU A CG  1 
ATOM   486  C CD  . GLU A 1 62  ? -7.064  4.671   -11.822 1.00 32.37 ? 62  GLU A CD  1 
ATOM   487  O OE1 . GLU A 1 62  ? -6.802  4.288   -12.977 1.00 34.31 ? 62  GLU A OE1 1 
ATOM   488  O OE2 . GLU A 1 62  ? -8.075  5.353   -11.549 1.00 35.24 ? 62  GLU A OE2 1 
ATOM   489  N N   . ILE A 1 63  ? -3.900  5.477   -7.462  1.00 24.34 ? 63  ILE A N   1 
ATOM   490  C CA  . ILE A 1 63  ? -3.248  6.664   -6.928  1.00 24.13 ? 63  ILE A CA  1 
ATOM   491  C C   . ILE A 1 63  ? -2.179  7.198   -7.862  1.00 23.69 ? 63  ILE A C   1 
ATOM   492  O O   . ILE A 1 63  ? -1.442  6.438   -8.499  1.00 22.84 ? 63  ILE A O   1 
ATOM   493  C CB  . ILE A 1 63  ? -2.603  6.402   -5.548  1.00 24.01 ? 63  ILE A CB  1 
ATOM   494  C CG1 . ILE A 1 63  ? -1.553  5.295   -5.654  1.00 24.61 ? 63  ILE A CG1 1 
ATOM   495  C CG2 . ILE A 1 63  ? -3.679  6.049   -4.534  1.00 24.74 ? 63  ILE A CG2 1 
ATOM   496  C CD1 . ILE A 1 63  ? -0.829  5.020   -4.353  1.00 26.46 ? 63  ILE A CD1 1 
ATOM   497  N N   . ASN A 1 64  ? -2.113  8.520   -7.933  1.00 23.64 ? 64  ASN A N   1 
ATOM   498  C CA  . ASN A 1 64  ? -1.153  9.226   -8.766  1.00 24.25 ? 64  ASN A CA  1 
ATOM   499  C C   . ASN A 1 64  ? -0.441  10.189  -7.854  1.00 22.98 ? 64  ASN A C   1 
ATOM   500  O O   . ASN A 1 64  ? -1.083  10.988  -7.183  1.00 22.22 ? 64  ASN A O   1 
ATOM   501  C CB  . ASN A 1 64  ? -1.876  10.016  -9.846  1.00 26.50 ? 64  ASN A CB  1 
ATOM   502  C CG  . ASN A 1 64  ? -2.559  9.129   -10.840 1.00 29.35 ? 64  ASN A CG  1 
ATOM   503  O OD1 . ASN A 1 64  ? -1.902  8.446   -11.627 1.00 32.83 ? 64  ASN A OD1 1 
ATOM   504  N ND2 . ASN A 1 64  ? -3.886  9.120   -10.813 1.00 30.34 ? 64  ASN A ND2 1 
ATOM   505  N N   . PHE A 1 65  ? 0.881   10.114  -7.820  1.00 22.30 ? 65  PHE A N   1 
ATOM   506  C CA  . PHE A 1 65  ? 1.629   11.004  -6.957  1.00 21.79 ? 65  PHE A CA  1 
ATOM   507  C C   . PHE A 1 65  ? 3.026   11.250  -7.481  1.00 21.89 ? 65  PHE A C   1 
ATOM   508  O O   . PHE A 1 65  ? 3.526   10.535  -8.355  1.00 21.70 ? 65  PHE A O   1 
ATOM   509  C CB  . PHE A 1 65  ? 1.690   10.420  -5.540  1.00 21.29 ? 65  PHE A CB  1 
ATOM   510  C CG  . PHE A 1 65  ? 2.517   9.167   -5.427  1.00 20.61 ? 65  PHE A CG  1 
ATOM   511  C CD1 . PHE A 1 65  ? 3.896   9.238   -5.271  1.00 20.77 ? 65  PHE A CD1 1 
ATOM   512  C CD2 . PHE A 1 65  ? 1.918   7.916   -5.489  1.00 20.95 ? 65  PHE A CD2 1 
ATOM   513  C CE1 . PHE A 1 65  ? 4.668   8.081   -5.172  1.00 20.78 ? 65  PHE A CE1 1 
ATOM   514  C CE2 . PHE A 1 65  ? 2.681   6.751   -5.394  1.00 21.34 ? 65  PHE A CE2 1 
ATOM   515  C CZ  . PHE A 1 65  ? 4.058   6.836   -5.235  1.00 20.94 ? 65  PHE A CZ  1 
ATOM   516  N N   . LYS A 1 66  ? 3.639   12.291  -6.941  1.00 22.40 ? 66  LYS A N   1 
ATOM   517  C CA  . LYS A 1 66  ? 4.990   12.662  -7.301  1.00 24.17 ? 66  LYS A CA  1 
ATOM   518  C C   . LYS A 1 66  ? 5.698   12.660  -5.960  1.00 23.20 ? 66  LYS A C   1 
ATOM   519  O O   . LYS A 1 66  ? 5.177   13.204  -4.981  1.00 22.70 ? 66  LYS A O   1 
ATOM   520  C CB  . LYS A 1 66  ? 5.006   14.065  -7.909  1.00 26.64 ? 66  LYS A CB  1 
ATOM   521  C CG  . LYS A 1 66  ? 6.286   14.425  -8.646  1.00 30.04 ? 66  LYS A CG  1 
ATOM   522  C CD  . LYS A 1 66  ? 6.239   15.872  -9.134  1.00 32.99 ? 66  LYS A CD  1 
ATOM   523  C CE  . LYS A 1 66  ? 5.010   16.138  -10.007 1.00 35.08 ? 66  LYS A CE  1 
ATOM   524  N NZ  . LYS A 1 66  ? 4.909   17.577  -10.408 1.00 36.84 ? 66  LYS A NZ  1 
ATOM   525  N N   . VAL A 1 67  ? 6.862   12.026  -5.899  1.00 22.91 ? 67  VAL A N   1 
ATOM   526  C CA  . VAL A 1 67  ? 7.611   11.973  -4.654  1.00 22.92 ? 67  VAL A CA  1 
ATOM   527  C C   . VAL A 1 67  ? 7.863   13.395  -4.188  1.00 23.36 ? 67  VAL A C   1 
ATOM   528  O O   . VAL A 1 67  ? 8.318   14.229  -4.965  1.00 22.82 ? 67  VAL A O   1 
ATOM   529  C CB  . VAL A 1 67  ? 8.967   11.255  -4.840  1.00 22.99 ? 67  VAL A CB  1 
ATOM   530  C CG1 . VAL A 1 67  ? 9.742   11.245  -3.525  1.00 22.83 ? 67  VAL A CG1 1 
ATOM   531  C CG2 . VAL A 1 67  ? 8.733   9.834   -5.327  1.00 23.21 ? 67  VAL A CG2 1 
ATOM   532  N N   . GLY A 1 68  ? 7.544   13.672  -2.927  1.00 24.43 ? 68  GLY A N   1 
ATOM   533  C CA  . GLY A 1 68  ? 7.768   15.002  -2.390  1.00 25.51 ? 68  GLY A CA  1 
ATOM   534  C C   . GLY A 1 68  ? 6.570   15.936  -2.404  1.00 26.18 ? 68  GLY A C   1 
ATOM   535  O O   . GLY A 1 68  ? 6.593   16.971  -1.738  1.00 26.31 ? 68  GLY A O   1 
ATOM   536  N N   . GLU A 1 69  ? 5.526   15.586  -3.149  1.00 26.74 ? 69  GLU A N   1 
ATOM   537  C CA  . GLU A 1 69  ? 4.339   16.436  -3.210  1.00 26.96 ? 69  GLU A CA  1 
ATOM   538  C C   . GLU A 1 69  ? 3.126   15.732  -2.622  1.00 26.76 ? 69  GLU A C   1 
ATOM   539  O O   . GLU A 1 69  ? 2.796   14.609  -3.010  1.00 25.36 ? 69  GLU A O   1 
ATOM   540  C CB  . GLU A 1 69  ? 4.036   16.846  -4.655  1.00 28.12 ? 69  GLU A CB  1 
ATOM   541  C CG  . GLU A 1 69  ? 5.237   17.398  -5.409  1.00 31.31 ? 69  GLU A CG  1 
ATOM   542  C CD  . GLU A 1 69  ? 4.856   18.102  -6.701  1.00 32.75 ? 69  GLU A CD  1 
ATOM   543  O OE1 . GLU A 1 69  ? 3.927   17.632  -7.394  1.00 33.00 ? 69  GLU A OE1 1 
ATOM   544  O OE2 . GLU A 1 69  ? 5.504   19.119  -7.032  1.00 33.54 ? 69  GLU A OE2 1 
ATOM   545  N N   . GLU A 1 70  ? 2.465   16.401  -1.685  1.00 26.61 ? 70  GLU A N   1 
ATOM   546  C CA  . GLU A 1 70  ? 1.288   15.841  -1.038  1.00 27.47 ? 70  GLU A CA  1 
ATOM   547  C C   . GLU A 1 70  ? 0.160   15.551  -2.005  1.00 26.11 ? 70  GLU A C   1 
ATOM   548  O O   . GLU A 1 70  ? -0.051  16.279  -2.971  1.00 24.56 ? 70  GLU A O   1 
ATOM   549  C CB  . GLU A 1 70  ? 0.765   16.782  0.051   1.00 30.44 ? 70  GLU A CB  1 
ATOM   550  C CG  . GLU A 1 70  ? 1.527   16.707  1.355   1.00 35.09 ? 70  GLU A CG  1 
ATOM   551  C CD  . GLU A 1 70  ? 0.942   17.611  2.421   1.00 38.17 ? 70  GLU A CD  1 
ATOM   552  O OE1 . GLU A 1 70  ? -0.294  17.569  2.631   1.00 38.45 ? 70  GLU A OE1 1 
ATOM   553  O OE2 . GLU A 1 70  ? 1.722   18.354  3.058   1.00 40.25 ? 70  GLU A OE2 1 
ATOM   554  N N   . PHE A 1 71  ? -0.554  14.466  -1.734  1.00 25.05 ? 71  PHE A N   1 
ATOM   555  C CA  . PHE A 1 71  ? -1.698  14.081  -2.543  1.00 24.39 ? 71  PHE A CA  1 
ATOM   556  C C   . PHE A 1 71  ? -2.719  13.459  -1.615  1.00 24.19 ? 71  PHE A C   1 
ATOM   557  O O   . PHE A 1 71  ? -2.438  13.243  -0.437  1.00 24.54 ? 71  PHE A O   1 
ATOM   558  C CB  . PHE A 1 71  ? -1.310  13.080  -3.638  1.00 24.01 ? 71  PHE A CB  1 
ATOM   559  C CG  . PHE A 1 71  ? -0.765  11.770  -3.124  1.00 23.81 ? 71  PHE A CG  1 
ATOM   560  C CD1 . PHE A 1 71  ? 0.491   11.702  -2.529  1.00 24.00 ? 71  PHE A CD1 1 
ATOM   561  C CD2 . PHE A 1 71  ? -1.502  10.597  -3.271  1.00 24.36 ? 71  PHE A CD2 1 
ATOM   562  C CE1 . PHE A 1 71  ? 1.011   10.484  -2.094  1.00 24.13 ? 71  PHE A CE1 1 
ATOM   563  C CE2 . PHE A 1 71  ? -0.990  9.369   -2.837  1.00 25.00 ? 71  PHE A CE2 1 
ATOM   564  C CZ  . PHE A 1 71  ? 0.270   9.316   -2.249  1.00 24.30 ? 71  PHE A CZ  1 
ATOM   565  N N   . GLU A 1 72  ? -3.909  13.187  -2.132  1.00 24.67 ? 72  GLU A N   1 
ATOM   566  C CA  . GLU A 1 72  ? -4.936  12.568  -1.318  1.00 25.16 ? 72  GLU A CA  1 
ATOM   567  C C   . GLU A 1 72  ? -5.174  11.145  -1.769  1.00 24.53 ? 72  GLU A C   1 
ATOM   568  O O   . GLU A 1 72  ? -5.145  10.846  -2.959  1.00 24.57 ? 72  GLU A O   1 
ATOM   569  C CB  . GLU A 1 72  ? -6.253  13.351  -1.383  1.00 27.38 ? 72  GLU A CB  1 
ATOM   570  C CG  . GLU A 1 72  ? -6.216  14.692  -0.663  1.00 30.80 ? 72  GLU A CG  1 
ATOM   571  C CD  . GLU A 1 72  ? -7.595  15.320  -0.520  1.00 32.65 ? 72  GLU A CD  1 
ATOM   572  O OE1 . GLU A 1 72  ? -7.686  16.418  0.068   1.00 33.92 ? 72  GLU A OE1 1 
ATOM   573  O OE2 . GLU A 1 72  ? -8.583  14.714  -0.988  1.00 33.55 ? 72  GLU A OE2 1 
ATOM   574  N N   . GLU A 1 73  ? -5.383  10.263  -0.803  1.00 23.61 ? 73  GLU A N   1 
ATOM   575  C CA  . GLU A 1 73  ? -5.657  8.871   -1.095  1.00 23.63 ? 73  GLU A CA  1 
ATOM   576  C C   . GLU A 1 73  ? -6.490  8.379   0.081   1.00 23.31 ? 73  GLU A C   1 
ATOM   577  O O   . GLU A 1 73  ? -7.153  9.170   0.750   1.00 21.94 ? 73  GLU A O   1 
ATOM   578  C CB  . GLU A 1 73  ? -4.353  8.066   -1.230  1.00 23.19 ? 73  GLU A CB  1 
ATOM   579  C CG  . GLU A 1 73  ? -3.595  7.824   0.068   1.00 24.16 ? 73  GLU A CG  1 
ATOM   580  C CD  . GLU A 1 73  ? -2.398  6.906   -0.125  1.00 23.70 ? 73  GLU A CD  1 
ATOM   581  O OE1 . GLU A 1 73  ? -2.529  5.911   -0.863  1.00 24.17 ? 73  GLU A OE1 1 
ATOM   582  O OE2 . GLU A 1 73  ? -1.336  7.160   0.477   1.00 24.79 ? 73  GLU A OE2 1 
ATOM   583  N N   . GLN A 1 74  ? -6.463  7.082   0.337   1.00 22.88 ? 74  GLN A N   1 
ATOM   584  C CA  . GLN A 1 74  ? -7.232  6.543   1.444   1.00 23.98 ? 74  GLN A CA  1 
ATOM   585  C C   . GLN A 1 74  ? -6.420  5.492   2.160   1.00 22.49 ? 74  GLN A C   1 
ATOM   586  O O   . GLN A 1 74  ? -5.548  4.864   1.561   1.00 22.64 ? 74  GLN A O   1 
ATOM   587  C CB  . GLN A 1 74  ? -8.525  5.896   0.941   1.00 26.31 ? 74  GLN A CB  1 
ATOM   588  C CG  . GLN A 1 74  ? -9.420  6.811   0.127   1.00 30.61 ? 74  GLN A CG  1 
ATOM   589  C CD  . GLN A 1 74  ? -10.711 6.132   -0.296  1.00 33.76 ? 74  GLN A CD  1 
ATOM   590  O OE1 . GLN A 1 74  ? -10.695 5.037   -0.863  1.00 36.73 ? 74  GLN A OE1 1 
ATOM   591  N NE2 . GLN A 1 74  ? -11.835 6.784   -0.033  1.00 35.45 ? 74  GLN A NE2 1 
ATOM   592  N N   . THR A 1 75  ? -6.697  5.315   3.446   1.00 21.16 ? 75  THR A N   1 
ATOM   593  C CA  . THR A 1 75  ? -6.016  4.285   4.211   1.00 20.70 ? 75  THR A CA  1 
ATOM   594  C C   . THR A 1 75  ? -6.561  2.990   3.626   1.00 21.20 ? 75  THR A C   1 
ATOM   595  O O   . THR A 1 75  ? -7.481  3.013   2.807   1.00 19.82 ? 75  THR A O   1 
ATOM   596  C CB  . THR A 1 75  ? -6.385  4.345   5.697   1.00 20.29 ? 75  THR A CB  1 
ATOM   597  O OG1 . THR A 1 75  ? -7.802  4.175   5.838   1.00 19.68 ? 75  THR A OG1 1 
ATOM   598  C CG2 . THR A 1 75  ? -5.965  5.686   6.296   1.00 20.18 ? 75  THR A CG2 1 
ATOM   599  N N   . VAL A 1 76  ? -6.008  1.861   4.047   1.00 22.56 ? 76  VAL A N   1 
ATOM   600  C CA  . VAL A 1 76  ? -6.450  0.583   3.526   1.00 23.40 ? 76  VAL A CA  1 
ATOM   601  C C   . VAL A 1 76  ? -7.922  0.295   3.816   1.00 24.04 ? 76  VAL A C   1 
ATOM   602  O O   . VAL A 1 76  ? -8.567  -0.423  3.059   1.00 24.51 ? 76  VAL A O   1 
ATOM   603  C CB  . VAL A 1 76  ? -5.564  -0.563  4.076   1.00 23.89 ? 76  VAL A CB  1 
ATOM   604  C CG1 . VAL A 1 76  ? -5.540  -0.520  5.580   1.00 23.70 ? 76  VAL A CG1 1 
ATOM   605  C CG2 . VAL A 1 76  ? -6.074  -1.900  3.592   1.00 24.11 ? 76  VAL A CG2 1 
ATOM   606  N N   . ASP A 1 77  ? -8.467  0.862   4.889   1.00 24.38 ? 77  ASP A N   1 
ATOM   607  C CA  . ASP A 1 77  ? -9.869  0.607   5.212   1.00 25.20 ? 77  ASP A CA  1 
ATOM   608  C C   . ASP A 1 77  ? -10.830 1.665   4.659   1.00 25.71 ? 77  ASP A C   1 
ATOM   609  O O   . ASP A 1 77  ? -11.992 1.755   5.078   1.00 26.15 ? 77  ASP A O   1 
ATOM   610  C CB  . ASP A 1 77  ? -10.060 0.441   6.727   1.00 25.22 ? 77  ASP A CB  1 
ATOM   611  C CG  . ASP A 1 77  ? -9.833  1.725   7.497   1.00 26.48 ? 77  ASP A CG  1 
ATOM   612  O OD1 . ASP A 1 77  ? -8.746  2.326   7.361   1.00 25.59 ? 77  ASP A OD1 1 
ATOM   613  O OD2 . ASP A 1 77  ? -10.751 2.123   8.249   1.00 26.74 ? 77  ASP A OD2 1 
ATOM   614  N N   . GLY A 1 78  ? -10.338 2.466   3.720   1.00 25.23 ? 78  GLY A N   1 
ATOM   615  C CA  . GLY A 1 78  ? -11.173 3.466   3.077   1.00 25.63 ? 78  GLY A CA  1 
ATOM   616  C C   . GLY A 1 78  ? -11.328 4.850   3.677   1.00 26.18 ? 78  GLY A C   1 
ATOM   617  O O   . GLY A 1 78  ? -12.247 5.574   3.301   1.00 26.65 ? 78  GLY A O   1 
ATOM   618  N N   . ARG A 1 79  ? -10.454 5.243   4.595   1.00 26.28 ? 79  ARG A N   1 
ATOM   619  C CA  . ARG A 1 79  ? -10.576 6.574   5.180   1.00 26.88 ? 79  ARG A CA  1 
ATOM   620  C C   . ARG A 1 79  ? -9.737  7.561   4.367   1.00 26.45 ? 79  ARG A C   1 
ATOM   621  O O   . ARG A 1 79  ? -8.565  7.306   4.085   1.00 25.08 ? 79  ARG A O   1 
ATOM   622  C CB  . ARG A 1 79  ? -10.088 6.569   6.627   1.00 29.14 ? 79  ARG A CB  1 
ATOM   623  C CG  . ARG A 1 79  ? -10.675 5.468   7.492   1.00 31.70 ? 79  ARG A CG  1 
ATOM   624  C CD  . ARG A 1 79  ? -10.184 5.617   8.917   1.00 34.06 ? 79  ARG A CD  1 
ATOM   625  N NE  . ARG A 1 79  ? -10.467 4.449   9.744   1.00 36.34 ? 79  ARG A NE  1 
ATOM   626  C CZ  . ARG A 1 79  ? -10.269 4.411   11.058  1.00 37.30 ? 79  ARG A CZ  1 
ATOM   627  N NH1 . ARG A 1 79  ? -9.792  5.479   11.684  1.00 37.46 ? 79  ARG A NH1 1 
ATOM   628  N NH2 . ARG A 1 79  ? -10.530 3.306   11.743  1.00 37.17 ? 79  ARG A NH2 1 
ATOM   629  N N   . PRO A 1 80  ? -10.329 8.701   3.970   1.00 26.32 ? 80  PRO A N   1 
ATOM   630  C CA  . PRO A 1 80  ? -9.587  9.694   3.191   1.00 25.92 ? 80  PRO A CA  1 
ATOM   631  C C   . PRO A 1 80  ? -8.406  10.223  3.996   1.00 24.67 ? 80  PRO A C   1 
ATOM   632  O O   . PRO A 1 80  ? -8.510  10.425  5.204   1.00 24.15 ? 80  PRO A O   1 
ATOM   633  C CB  . PRO A 1 80  ? -10.644 10.767  2.921   1.00 26.23 ? 80  PRO A CB  1 
ATOM   634  C CG  . PRO A 1 80  ? -11.514 10.666  4.160   1.00 28.04 ? 80  PRO A CG  1 
ATOM   635  C CD  . PRO A 1 80  ? -11.709 9.165   4.184   1.00 26.83 ? 80  PRO A CD  1 
ATOM   636  N N   . CYS A 1 81  ? -7.283  10.446  3.327   1.00 24.14 ? 81  CYS A N   1 
ATOM   637  C CA  . CYS A 1 81  ? -6.107  10.938  4.021   1.00 23.54 ? 81  CYS A CA  1 
ATOM   638  C C   . CYS A 1 81  ? -5.179  11.728  3.113   1.00 23.53 ? 81  CYS A C   1 
ATOM   639  O O   . CYS A 1 81  ? -5.258  11.642  1.890   1.00 23.63 ? 81  CYS A O   1 
ATOM   640  C CB  . CYS A 1 81  ? -5.330  9.765   4.619   1.00 23.17 ? 81  CYS A CB  1 
ATOM   641  S SG  . CYS A 1 81  ? -4.681  8.605   3.384   1.00 23.50 ? 81  CYS A SG  1 
ATOM   642  N N   . LYS A 1 82  ? -4.314  12.515  3.739   1.00 23.48 ? 82  LYS A N   1 
ATOM   643  C CA  . LYS A 1 82  ? -3.315  13.296  3.029   1.00 24.22 ? 82  LYS A CA  1 
ATOM   644  C C   . LYS A 1 82  ? -2.047  12.464  3.118   1.00 22.84 ? 82  LYS A C   1 
ATOM   645  O O   . LYS A 1 82  ? -1.644  12.065  4.212   1.00 23.23 ? 82  LYS A O   1 
ATOM   646  C CB  . LYS A 1 82  ? -3.070  14.637  3.722   1.00 26.11 ? 82  LYS A CB  1 
ATOM   647  C CG  . LYS A 1 82  ? -4.063  15.735  3.402   1.00 30.72 ? 82  LYS A CG  1 
ATOM   648  C CD  . LYS A 1 82  ? -3.913  16.203  1.966   1.00 32.42 ? 82  LYS A CD  1 
ATOM   649  C CE  . LYS A 1 82  ? -4.792  17.410  1.682   1.00 34.35 ? 82  LYS A CE  1 
ATOM   650  N NZ  . LYS A 1 82  ? -4.600  17.892  0.283   1.00 36.50 ? 82  LYS A NZ  1 
ATOM   651  N N   . SER A 1 83  ? -1.425  12.191  1.980   1.00 22.34 ? 83  SER A N   1 
ATOM   652  C CA  . SER A 1 83  ? -0.203  11.401  1.978   1.00 21.17 ? 83  SER A CA  1 
ATOM   653  C C   . SER A 1 83  ? 0.969   12.174  1.399   1.00 21.17 ? 83  SER A C   1 
ATOM   654  O O   . SER A 1 83  ? 0.790   13.083  0.590   1.00 20.90 ? 83  SER A O   1 
ATOM   655  C CB  . SER A 1 83  ? -0.406  10.113  1.180   1.00 21.44 ? 83  SER A CB  1 
ATOM   656  O OG  . SER A 1 83  ? -1.355  9.273   1.806   1.00 21.19 ? 83  SER A OG  1 
ATOM   657  N N   . LEU A 1 84  ? 2.168   11.807  1.836   1.00 20.52 ? 84  LEU A N   1 
ATOM   658  C CA  . LEU A 1 84  ? 3.392   12.427  1.352   1.00 20.80 ? 84  LEU A CA  1 
ATOM   659  C C   . LEU A 1 84  ? 4.434   11.320  1.251   1.00 20.61 ? 84  LEU A C   1 
ATOM   660  O O   . LEU A 1 84  ? 4.781   10.679  2.243   1.00 20.79 ? 84  LEU A O   1 
ATOM   661  C CB  . LEU A 1 84  ? 3.872   13.521  2.311   1.00 20.21 ? 84  LEU A CB  1 
ATOM   662  C CG  . LEU A 1 84  ? 5.170   14.237  1.919   1.00 21.90 ? 84  LEU A CG  1 
ATOM   663  C CD1 . LEU A 1 84  ? 5.033   14.857  0.531   1.00 22.27 ? 84  LEU A CD1 1 
ATOM   664  C CD2 . LEU A 1 84  ? 5.495   15.305  2.954   1.00 22.36 ? 84  LEU A CD2 1 
ATOM   665  N N   . VAL A 1 85  ? 4.905   11.075  0.039   1.00 19.98 ? 85  VAL A N   1 
ATOM   666  C CA  . VAL A 1 85  ? 5.903   10.048  -0.180  1.00 20.04 ? 85  VAL A CA  1 
ATOM   667  C C   . VAL A 1 85  ? 7.284   10.675  -0.308  1.00 20.06 ? 85  VAL A C   1 
ATOM   668  O O   . VAL A 1 85  ? 7.448   11.727  -0.928  1.00 18.94 ? 85  VAL A O   1 
ATOM   669  C CB  . VAL A 1 85  ? 5.602   9.236   -1.449  1.00 19.33 ? 85  VAL A CB  1 
ATOM   670  C CG1 . VAL A 1 85  ? 6.713   8.218   -1.689  1.00 20.87 ? 85  VAL A CG1 1 
ATOM   671  C CG2 . VAL A 1 85  ? 4.253   8.527   -1.303  1.00 19.77 ? 85  VAL A CG2 1 
ATOM   672  N N   . LYS A 1 86  ? 8.265   10.017  0.295   1.00 20.25 ? 86  LYS A N   1 
ATOM   673  C CA  . LYS A 1 86  ? 9.652   10.465  0.265   1.00 20.71 ? 86  LYS A CA  1 
ATOM   674  C C   . LYS A 1 86  ? 10.530  9.249   0.009   1.00 21.02 ? 86  LYS A C   1 
ATOM   675  O O   . LYS A 1 86  ? 10.099  8.116   0.225   1.00 21.44 ? 86  LYS A O   1 
ATOM   676  C CB  . LYS A 1 86  ? 10.055  11.059  1.613   1.00 21.90 ? 86  LYS A CB  1 
ATOM   677  C CG  . LYS A 1 86  ? 9.260   12.262  2.061   1.00 24.02 ? 86  LYS A CG  1 
ATOM   678  C CD  . LYS A 1 86  ? 9.687   12.664  3.461   1.00 26.41 ? 86  LYS A CD  1 
ATOM   679  C CE  . LYS A 1 86  ? 8.909   13.864  3.949   1.00 27.99 ? 86  LYS A CE  1 
ATOM   680  N NZ  . LYS A 1 86  ? 9.277   14.177  5.351   1.00 30.11 ? 86  LYS A NZ  1 
ATOM   681  N N   . TRP A 1 87  ? 11.755  9.482   -0.452  1.00 20.48 ? 87  TRP A N   1 
ATOM   682  C CA  . TRP A 1 87  ? 12.679  8.384   -0.670  1.00 20.77 ? 87  TRP A CA  1 
ATOM   683  C C   . TRP A 1 87  ? 13.423  8.125   0.633   1.00 21.90 ? 87  TRP A C   1 
ATOM   684  O O   . TRP A 1 87  ? 14.090  9.020   1.153   1.00 20.53 ? 87  TRP A O   1 
ATOM   685  C CB  . TRP A 1 87  ? 13.699  8.714   -1.766  1.00 20.14 ? 87  TRP A CB  1 
ATOM   686  C CG  . TRP A 1 87  ? 13.126  8.761   -3.145  1.00 19.85 ? 87  TRP A CG  1 
ATOM   687  C CD1 . TRP A 1 87  ? 12.925  9.870   -3.918  1.00 20.54 ? 87  TRP A CD1 1 
ATOM   688  C CD2 . TRP A 1 87  ? 12.678  7.643   -3.922  1.00 20.15 ? 87  TRP A CD2 1 
ATOM   689  N NE1 . TRP A 1 87  ? 12.383  9.510   -5.130  1.00 19.80 ? 87  TRP A NE1 1 
ATOM   690  C CE2 . TRP A 1 87  ? 12.220  8.151   -5.157  1.00 20.10 ? 87  TRP A CE2 1 
ATOM   691  C CE3 . TRP A 1 87  ? 12.619  6.262   -3.693  1.00 20.73 ? 87  TRP A CE3 1 
ATOM   692  C CZ2 . TRP A 1 87  ? 11.709  7.323   -6.163  1.00 20.17 ? 87  TRP A CZ2 1 
ATOM   693  C CZ3 . TRP A 1 87  ? 12.110  5.439   -4.696  1.00 20.73 ? 87  TRP A CZ3 1 
ATOM   694  C CH2 . TRP A 1 87  ? 11.661  5.975   -5.912  1.00 20.25 ? 87  TRP A CH2 1 
ATOM   695  N N   . GLU A 1 88  ? 13.293  6.917   1.173   1.00 22.30 ? 88  GLU A N   1 
ATOM   696  C CA  . GLU A 1 88  ? 14.005  6.572   2.396   1.00 24.78 ? 88  GLU A CA  1 
ATOM   697  C C   . GLU A 1 88  ? 15.406  6.178   1.954   1.00 25.13 ? 88  GLU A C   1 
ATOM   698  O O   . GLU A 1 88  ? 16.382  6.392   2.669   1.00 24.68 ? 88  GLU A O   1 
ATOM   699  C CB  . GLU A 1 88  ? 13.336  5.399   3.108   1.00 26.30 ? 88  GLU A CB  1 
ATOM   700  C CG  . GLU A 1 88  ? 14.050  4.968   4.379   1.00 30.07 ? 88  GLU A CG  1 
ATOM   701  C CD  . GLU A 1 88  ? 13.331  3.833   5.085   1.00 32.21 ? 88  GLU A CD  1 
ATOM   702  O OE1 . GLU A 1 88  ? 12.161  4.032   5.475   1.00 33.62 ? 88  GLU A OE1 1 
ATOM   703  O OE2 . GLU A 1 88  ? 13.928  2.746   5.242   1.00 33.59 ? 88  GLU A OE2 1 
ATOM   704  N N   . SER A 1 89  ? 15.485  5.601   0.761   1.00 25.35 ? 89  SER A N   1 
ATOM   705  C CA  . SER A 1 89  ? 16.754  5.193   0.174   1.00 26.38 ? 89  SER A CA  1 
ATOM   706  C C   . SER A 1 89  ? 16.577  5.214   -1.337  1.00 26.49 ? 89  SER A C   1 
ATOM   707  O O   . SER A 1 89  ? 15.549  5.669   -1.846  1.00 26.25 ? 89  SER A O   1 
ATOM   708  C CB  . SER A 1 89  ? 17.149  3.780   0.622   1.00 26.42 ? 89  SER A CB  1 
ATOM   709  O OG  . SER A 1 89  ? 16.320  2.794   0.027   1.00 27.21 ? 89  SER A OG  1 
ATOM   710  N N   . GLU A 1 90  ? 17.576  4.708   -2.043  1.00 26.44 ? 90  GLU A N   1 
ATOM   711  C CA  . GLU A 1 90  ? 17.561  4.654   -3.498  1.00 27.36 ? 90  GLU A CA  1 
ATOM   712  C C   . GLU A 1 90  ? 16.439  3.795   -4.089  1.00 26.37 ? 90  GLU A C   1 
ATOM   713  O O   . GLU A 1 90  ? 15.934  4.087   -5.173  1.00 25.51 ? 90  GLU A O   1 
ATOM   714  C CB  . GLU A 1 90  ? 18.914  4.129   -3.986  1.00 30.86 ? 90  GLU A CB  1 
ATOM   715  C CG  . GLU A 1 90  ? 19.012  3.889   -5.475  1.00 35.73 ? 90  GLU A CG  1 
ATOM   716  C CD  . GLU A 1 90  ? 20.398  3.416   -5.885  1.00 38.84 ? 90  GLU A CD  1 
ATOM   717  O OE1 . GLU A 1 90  ? 20.595  3.106   -7.083  1.00 40.60 ? 90  GLU A OE1 1 
ATOM   718  O OE2 . GLU A 1 90  ? 21.291  3.363   -5.008  1.00 40.01 ? 90  GLU A OE2 1 
ATOM   719  N N   . ASN A 1 91  ? 16.043  2.746   -3.376  1.00 24.37 ? 91  ASN A N   1 
ATOM   720  C CA  . ASN A 1 91  ? 15.013  1.850   -3.884  1.00 23.90 ? 91  ASN A CA  1 
ATOM   721  C C   . ASN A 1 91  ? 13.792  1.761   -2.979  1.00 22.07 ? 91  ASN A C   1 
ATOM   722  O O   . ASN A 1 91  ? 12.900  0.949   -3.218  1.00 20.21 ? 91  ASN A O   1 
ATOM   723  C CB  . ASN A 1 91  ? 15.589  0.442   -4.045  1.00 26.63 ? 91  ASN A CB  1 
ATOM   724  C CG  . ASN A 1 91  ? 16.897  0.428   -4.808  1.00 27.97 ? 91  ASN A CG  1 
ATOM   725  O OD1 . ASN A 1 91  ? 16.970  0.889   -5.945  1.00 30.60 ? 91  ASN A OD1 1 
ATOM   726  N ND2 . ASN A 1 91  ? 17.940  -0.108  -4.185  1.00 29.17 ? 91  ASN A ND2 1 
ATOM   727  N N   . LYS A 1 92  ? 13.742  2.591   -1.947  1.00 20.27 ? 92  LYS A N   1 
ATOM   728  C CA  . LYS A 1 92  ? 12.626  2.531   -1.016  1.00 20.00 ? 92  LYS A CA  1 
ATOM   729  C C   . LYS A 1 92  ? 11.931  3.868   -0.792  1.00 19.01 ? 92  LYS A C   1 
ATOM   730  O O   . LYS A 1 92  ? 12.575  4.873   -0.508  1.00 17.36 ? 92  LYS A O   1 
ATOM   731  C CB  . LYS A 1 92  ? 13.118  1.969   0.322   1.00 20.04 ? 92  LYS A CB  1 
ATOM   732  C CG  . LYS A 1 92  ? 12.037  1.794   1.374   1.00 21.42 ? 92  LYS A CG  1 
ATOM   733  C CD  . LYS A 1 92  ? 12.626  1.193   2.637   1.00 23.44 ? 92  LYS A CD  1 
ATOM   734  C CE  . LYS A 1 92  ? 11.571  0.990   3.707   1.00 24.26 ? 92  LYS A CE  1 
ATOM   735  N NZ  . LYS A 1 92  ? 12.187  0.405   4.925   1.00 25.31 ? 92  LYS A NZ  1 
ATOM   736  N N   . MET A 1 93  ? 10.611  3.871   -0.934  1.00 17.93 ? 93  MET A N   1 
ATOM   737  C CA  . MET A 1 93  ? 9.836   5.076   -0.710  1.00 18.46 ? 93  MET A CA  1 
ATOM   738  C C   . MET A 1 93  ? 8.990   4.856   0.532   1.00 18.45 ? 93  MET A C   1 
ATOM   739  O O   . MET A 1 93  ? 8.505   3.749   0.785   1.00 17.28 ? 93  MET A O   1 
ATOM   740  C CB  . MET A 1 93  ? 8.929   5.377   -1.899  1.00 19.98 ? 93  MET A CB  1 
ATOM   741  C CG  . MET A 1 93  ? 7.881   4.314   -2.167  1.00 22.85 ? 93  MET A CG  1 
ATOM   742  S SD  . MET A 1 93  ? 6.859   4.758   -3.584  1.00 27.28 ? 93  MET A SD  1 
ATOM   743  C CE  . MET A 1 93  ? 8.079   5.007   -4.793  1.00 25.48 ? 93  MET A CE  1 
ATOM   744  N N   . VAL A 1 94  ? 8.825   5.911   1.315   1.00 18.28 ? 94  VAL A N   1 
ATOM   745  C CA  . VAL A 1 94  ? 8.034   5.824   2.525   1.00 19.40 ? 94  VAL A CA  1 
ATOM   746  C C   . VAL A 1 94  ? 6.922   6.858   2.454   1.00 19.91 ? 94  VAL A C   1 
ATOM   747  O O   . VAL A 1 94  ? 7.137   7.991   2.025   1.00 19.25 ? 94  VAL A O   1 
ATOM   748  C CB  . VAL A 1 94  ? 8.899   6.063   3.783   1.00 18.86 ? 94  VAL A CB  1 
ATOM   749  C CG1 . VAL A 1 94  ? 9.616   7.401   3.685   1.00 20.69 ? 94  VAL A CG1 1 
ATOM   750  C CG2 . VAL A 1 94  ? 8.027   6.020   5.020   1.00 20.20 ? 94  VAL A CG2 1 
ATOM   751  N N   . CYS A 1 95  ? 5.727   6.455   2.860   1.00 20.61 ? 95  CYS A N   1 
ATOM   752  C CA  . CYS A 1 95  ? 4.588   7.350   2.827   1.00 21.80 ? 95  CYS A CA  1 
ATOM   753  C C   . CYS A 1 95  ? 3.943   7.480   4.193   1.00 22.71 ? 95  CYS A C   1 
ATOM   754  O O   . CYS A 1 95  ? 3.572   6.488   4.816   1.00 22.72 ? 95  CYS A O   1 
ATOM   755  C CB  . CYS A 1 95  ? 3.553   6.849   1.821   1.00 21.91 ? 95  CYS A CB  1 
ATOM   756  S SG  . CYS A 1 95  ? 2.098   7.914   1.676   1.00 23.28 ? 95  CYS A SG  1 
ATOM   757  N N   . GLU A 1 96  ? 3.833   8.713   4.660   1.00 24.32 ? 96  GLU A N   1 
ATOM   758  C CA  . GLU A 1 96  ? 3.204   8.993   5.939   1.00 26.50 ? 96  GLU A CA  1 
ATOM   759  C C   . GLU A 1 96  ? 1.812   9.505   5.603   1.00 26.00 ? 96  GLU A C   1 
ATOM   760  O O   . GLU A 1 96  ? 1.655   10.355  4.729   1.00 25.30 ? 96  GLU A O   1 
ATOM   761  C CB  . GLU A 1 96  ? 4.002   10.055  6.699   1.00 29.94 ? 96  GLU A CB  1 
ATOM   762  C CG  . GLU A 1 96  ? 3.324   10.564  7.963   1.00 35.46 ? 96  GLU A CG  1 
ATOM   763  C CD  . GLU A 1 96  ? 4.183   11.559  8.734   1.00 38.59 ? 96  GLU A CD  1 
ATOM   764  O OE1 . GLU A 1 96  ? 4.662   12.545  8.126   1.00 39.21 ? 96  GLU A OE1 1 
ATOM   765  O OE2 . GLU A 1 96  ? 4.367   11.357  9.956   1.00 41.19 ? 96  GLU A OE2 1 
ATOM   766  N N   . GLN A 1 97  ? 0.800   8.972   6.272   1.00 25.55 ? 97  GLN A N   1 
ATOM   767  C CA  . GLN A 1 97  ? -0.566  9.396   6.007   1.00 25.70 ? 97  GLN A CA  1 
ATOM   768  C C   . GLN A 1 97  ? -1.149  10.184  7.171   1.00 26.28 ? 97  GLN A C   1 
ATOM   769  O O   . GLN A 1 97  ? -0.831  9.930   8.330   1.00 25.66 ? 97  GLN A O   1 
ATOM   770  C CB  . GLN A 1 97  ? -1.455  8.181   5.734   1.00 25.04 ? 97  GLN A CB  1 
ATOM   771  C CG  . GLN A 1 97  ? -0.942  7.251   4.644   1.00 24.64 ? 97  GLN A CG  1 
ATOM   772  C CD  . GLN A 1 97  ? -1.856  6.063   4.420   1.00 23.83 ? 97  GLN A CD  1 
ATOM   773  O OE1 . GLN A 1 97  ? -2.219  5.359   5.361   1.00 23.93 ? 97  GLN A OE1 1 
ATOM   774  N NE2 . GLN A 1 97  ? -2.222  5.826   3.166   1.00 24.85 ? 97  GLN A NE2 1 
ATOM   775  N N   . LYS A 1 98  ? -2.003  11.145  6.842   1.00 27.70 ? 98  LYS A N   1 
ATOM   776  C CA  . LYS A 1 98  ? -2.672  11.977  7.835   1.00 29.28 ? 98  LYS A CA  1 
ATOM   777  C C   . LYS A 1 98  ? -4.163  11.964  7.514   1.00 29.14 ? 98  LYS A C   1 
ATOM   778  O O   . LYS A 1 98  ? -4.567  12.345  6.414   1.00 28.65 ? 98  LYS A O   1 
ATOM   779  C CB  . LYS A 1 98  ? -2.162  13.421  7.765   1.00 31.01 ? 98  LYS A CB  1 
ATOM   780  C CG  . LYS A 1 98  ? -0.663  13.594  7.951   1.00 33.87 ? 98  LYS A CG  1 
ATOM   781  C CD  . LYS A 1 98  ? -0.281  15.070  7.825   1.00 36.86 ? 98  LYS A CD  1 
ATOM   782  C CE  . LYS A 1 98  ? 1.221   15.290  7.976   1.00 38.79 ? 98  LYS A CE  1 
ATOM   783  N NZ  . LYS A 1 98  ? 1.597   16.734  7.833   1.00 40.12 ? 98  LYS A NZ  1 
ATOM   784  N N   . LEU A 1 99  ? -4.980  11.510  8.456   1.00 30.27 ? 99  LEU A N   1 
ATOM   785  C CA  . LEU A 1 99  ? -6.418  11.489  8.227   1.00 31.37 ? 99  LEU A CA  1 
ATOM   786  C C   . LEU A 1 99  ? -6.889  12.905  7.944   1.00 32.54 ? 99  LEU A C   1 
ATOM   787  O O   . LEU A 1 99  ? -6.435  13.855  8.582   1.00 32.57 ? 99  LEU A O   1 
ATOM   788  C CB  . LEU A 1 99  ? -7.159  10.953  9.450   1.00 31.17 ? 99  LEU A CB  1 
ATOM   789  C CG  . LEU A 1 99  ? -7.017  9.472   9.776   1.00 31.43 ? 99  LEU A CG  1 
ATOM   790  C CD1 . LEU A 1 99  ? -7.844  9.147   11.014  1.00 31.22 ? 99  LEU A CD1 1 
ATOM   791  C CD2 . LEU A 1 99  ? -7.496  8.643   8.592   1.00 30.90 ? 99  LEU A CD2 1 
ATOM   792  N N   . LEU A 1 100 ? -7.785  13.050  6.977   1.00 33.83 ? 100 LEU A N   1 
ATOM   793  C CA  . LEU A 1 100 ? -8.310  14.364  6.641   1.00 35.80 ? 100 LEU A CA  1 
ATOM   794  C C   . LEU A 1 100 ? -9.314  14.775  7.699   1.00 37.35 ? 100 LEU A C   1 
ATOM   795  O O   . LEU A 1 100 ? -9.418  15.948  8.047   1.00 37.45 ? 100 LEU A O   1 
ATOM   796  C CB  . LEU A 1 100 ? -8.995  14.341  5.274   1.00 35.41 ? 100 LEU A CB  1 
ATOM   797  C CG  . LEU A 1 100 ? -8.096  14.096  4.067   1.00 36.07 ? 100 LEU A CG  1 
ATOM   798  C CD1 . LEU A 1 100 ? -8.921  14.097  2.794   1.00 36.02 ? 100 LEU A CD1 1 
ATOM   799  C CD2 . LEU A 1 100 ? -7.044  15.177  4.009   1.00 36.34 ? 100 LEU A CD2 1 
ATOM   800  N N   . LYS A 1 101 ? -10.038 13.794  8.225   1.00 39.03 ? 101 LYS A N   1 
ATOM   801  C CA  . LYS A 1 101 ? -11.052 14.068  9.227   1.00 40.27 ? 101 LYS A CA  1 
ATOM   802  C C   . LYS A 1 101 ? -11.056 12.997  10.311  1.00 40.51 ? 101 LYS A C   1 
ATOM   803  O O   . LYS A 1 101 ? -10.879 11.811  10.024  1.00 40.49 ? 101 LYS A O   1 
ATOM   804  C CB  . LYS A 1 101 ? -12.420 14.126  8.541   1.00 41.54 ? 101 LYS A CB  1 
ATOM   805  C CG  . LYS A 1 101 ? -13.548 14.704  9.371   1.00 43.33 ? 101 LYS A CG  1 
ATOM   806  C CD  . LYS A 1 101 ? -14.829 14.749  8.543   1.00 44.90 ? 101 LYS A CD  1 
ATOM   807  C CE  . LYS A 1 101 ? -15.945 15.479  9.273   1.00 46.41 ? 101 LYS A CE  1 
ATOM   808  N NZ  . LYS A 1 101 ? -15.589 16.908  9.527   1.00 47.03 ? 101 LYS A NZ  1 
ATOM   809  N N   . GLY A 1 102 ? -11.251 13.421  11.557  1.00 40.33 ? 102 GLY A N   1 
ATOM   810  C CA  . GLY A 1 102 ? -11.297 12.484  12.666  1.00 40.26 ? 102 GLY A CA  1 
ATOM   811  C C   . GLY A 1 102 ? -9.958  11.944  13.127  1.00 40.14 ? 102 GLY A C   1 
ATOM   812  O O   . GLY A 1 102 ? -8.899  12.443  12.742  1.00 40.72 ? 102 GLY A O   1 
ATOM   813  N N   . GLU A 1 103 ? -10.016 10.918  13.970  1.00 40.12 ? 103 GLU A N   1 
ATOM   814  C CA  . GLU A 1 103 ? -8.817  10.282  14.505  1.00 39.68 ? 103 GLU A CA  1 
ATOM   815  C C   . GLU A 1 103 ? -8.830  8.787   14.236  1.00 38.02 ? 103 GLU A C   1 
ATOM   816  O O   . GLU A 1 103 ? -9.860  8.212   13.877  1.00 37.62 ? 103 GLU A O   1 
ATOM   817  C CB  . GLU A 1 103 ? -8.703  10.516  16.018  1.00 42.44 ? 103 GLU A CB  1 
ATOM   818  C CG  . GLU A 1 103 ? -8.329  11.937  16.434  1.00 46.74 ? 103 GLU A CG  1 
ATOM   819  C CD  . GLU A 1 103 ? -9.356  12.978  16.020  1.00 49.69 ? 103 GLU A CD  1 
ATOM   820  O OE1 . GLU A 1 103 ? -10.528 12.860  16.447  1.00 51.83 ? 103 GLU A OE1 1 
ATOM   821  O OE2 . GLU A 1 103 ? -8.991  13.914  15.272  1.00 51.36 ? 103 GLU A OE2 1 
ATOM   822  N N   . GLY A 1 104 ? -7.672  8.164   14.418  1.00 35.66 ? 104 GLY A N   1 
ATOM   823  C CA  . GLY A 1 104 ? -7.546  6.737   14.203  1.00 32.38 ? 104 GLY A CA  1 
ATOM   824  C C   . GLY A 1 104 ? -6.097  6.319   14.328  1.00 30.15 ? 104 GLY A C   1 
ATOM   825  O O   . GLY A 1 104 ? -5.236  7.156   14.600  1.00 30.09 ? 104 GLY A O   1 
ATOM   826  N N   . PRO A 1 105 ? -5.789  5.028   14.141  1.00 28.41 ? 105 PRO A N   1 
ATOM   827  C CA  . PRO A 1 105 ? -4.409  4.561   14.245  1.00 26.90 ? 105 PRO A CA  1 
ATOM   828  C C   . PRO A 1 105 ? -3.530  5.296   13.241  1.00 25.44 ? 105 PRO A C   1 
ATOM   829  O O   . PRO A 1 105 ? -3.998  5.708   12.179  1.00 24.40 ? 105 PRO A O   1 
ATOM   830  C CB  . PRO A 1 105 ? -4.536  3.075   13.913  1.00 27.07 ? 105 PRO A CB  1 
ATOM   831  C CG  . PRO A 1 105 ? -5.927  2.747   14.429  1.00 28.12 ? 105 PRO A CG  1 
ATOM   832  C CD  . PRO A 1 105 ? -6.676  3.902   13.803  1.00 28.28 ? 105 PRO A CD  1 
ATOM   833  N N   . LYS A 1 106 ? -2.263  5.479   13.587  1.00 24.43 ? 106 LYS A N   1 
ATOM   834  C CA  . LYS A 1 106 ? -1.346  6.141   12.679  1.00 24.33 ? 106 LYS A CA  1 
ATOM   835  C C   . LYS A 1 106 ? -1.026  5.094   11.629  1.00 22.60 ? 106 LYS A C   1 
ATOM   836  O O   . LYS A 1 106 ? -0.694  3.962   11.967  1.00 22.54 ? 106 LYS A O   1 
ATOM   837  C CB  . LYS A 1 106 ? -0.063  6.564   13.404  1.00 26.57 ? 106 LYS A CB  1 
ATOM   838  C CG  . LYS A 1 106 ? 0.960   7.225   12.490  1.00 29.87 ? 106 LYS A CG  1 
ATOM   839  C CD  . LYS A 1 106 ? 2.215   7.634   13.249  1.00 33.52 ? 106 LYS A CD  1 
ATOM   840  C CE  . LYS A 1 106 ? 3.240   8.255   12.315  1.00 34.91 ? 106 LYS A CE  1 
ATOM   841  N NZ  . LYS A 1 106 ? 2.687   9.446   11.610  1.00 36.70 ? 106 LYS A NZ  1 
ATOM   842  N N   . THR A 1 107 ? -1.146  5.458   10.360  1.00 21.71 ? 107 THR A N   1 
ATOM   843  C CA  . THR A 1 107 ? -0.870  4.511   9.290   1.00 19.75 ? 107 THR A CA  1 
ATOM   844  C C   . THR A 1 107 ? 0.165   5.051   8.330   1.00 19.51 ? 107 THR A C   1 
ATOM   845  O O   . THR A 1 107 ? 0.349   6.260   8.203   1.00 18.84 ? 107 THR A O   1 
ATOM   846  C CB  . THR A 1 107 ? -2.121  4.208   8.462   1.00 19.67 ? 107 THR A CB  1 
ATOM   847  O OG1 . THR A 1 107 ? -2.588  5.420   7.864   1.00 20.06 ? 107 THR A OG1 1 
ATOM   848  C CG2 . THR A 1 107 ? -3.214  3.614   9.328   1.00 19.90 ? 107 THR A CG2 1 
ATOM   849  N N   . SER A 1 108 ? 0.829   4.134   7.642   1.00 18.28 ? 108 SER A N   1 
ATOM   850  C CA  . SER A 1 108 ? 1.833   4.498   6.670   1.00 18.17 ? 108 SER A CA  1 
ATOM   851  C C   . SER A 1 108 ? 2.090   3.275   5.823   1.00 17.51 ? 108 SER A C   1 
ATOM   852  O O   . SER A 1 108 ? 1.653   2.169   6.142   1.00 17.43 ? 108 SER A O   1 
ATOM   853  C CB  . SER A 1 108 ? 3.139   4.882   7.355   1.00 19.02 ? 108 SER A CB  1 
ATOM   854  O OG  . SER A 1 108 ? 3.770   3.729   7.889   1.00 21.12 ? 108 SER A OG  1 
ATOM   855  N N   . TRP A 1 109 ? 2.796   3.486   4.728   1.00 16.86 ? 109 TRP A N   1 
ATOM   856  C CA  . TRP A 1 109 ? 3.162   2.389   3.869   1.00 16.17 ? 109 TRP A CA  1 
ATOM   857  C C   . TRP A 1 109 ? 4.493   2.704   3.236   1.00 16.93 ? 109 TRP A C   1 
ATOM   858  O O   . TRP A 1 109 ? 4.883   3.864   3.128   1.00 16.09 ? 109 TRP A O   1 
ATOM   859  C CB  . TRP A 1 109 ? 2.113   2.123   2.786   1.00 15.70 ? 109 TRP A CB  1 
ATOM   860  C CG  . TRP A 1 109 ? 1.781   3.259   1.862   1.00 15.24 ? 109 TRP A CG  1 
ATOM   861  C CD1 . TRP A 1 109 ? 0.680   4.060   1.923   1.00 15.19 ? 109 TRP A CD1 1 
ATOM   862  C CD2 . TRP A 1 109 ? 2.498   3.650   0.679   1.00 15.42 ? 109 TRP A CD2 1 
ATOM   863  N NE1 . TRP A 1 109 ? 0.658   4.920   0.847   1.00 15.85 ? 109 TRP A NE1 1 
ATOM   864  C CE2 . TRP A 1 109 ? 1.762   4.690   0.070   1.00 14.77 ? 109 TRP A CE2 1 
ATOM   865  C CE3 . TRP A 1 109 ? 3.689   3.220   0.074   1.00 15.91 ? 109 TRP A CE3 1 
ATOM   866  C CZ2 . TRP A 1 109 ? 2.174   5.310   -1.118  1.00 16.06 ? 109 TRP A CZ2 1 
ATOM   867  C CZ3 . TRP A 1 109 ? 4.101   3.838   -1.112  1.00 16.91 ? 109 TRP A CZ3 1 
ATOM   868  C CH2 . TRP A 1 109 ? 3.342   4.872   -1.692  1.00 16.26 ? 109 TRP A CH2 1 
ATOM   869  N N   . THR A 1 110 ? 5.199   1.652   2.848   1.00 16.68 ? 110 THR A N   1 
ATOM   870  C CA  . THR A 1 110 ? 6.484   1.794   2.203   1.00 16.34 ? 110 THR A CA  1 
ATOM   871  C C   . THR A 1 110 ? 6.513   0.775   1.081   1.00 15.97 ? 110 THR A C   1 
ATOM   872  O O   . THR A 1 110 ? 5.898   -0.287  1.176   1.00 15.33 ? 110 THR A O   1 
ATOM   873  C CB  . THR A 1 110 ? 7.661   1.482   3.160   1.00 17.34 ? 110 THR A CB  1 
ATOM   874  O OG1 . THR A 1 110 ? 7.652   0.089   3.502   1.00 17.67 ? 110 THR A OG1 1 
ATOM   875  C CG2 . THR A 1 110 ? 7.554   2.309   4.432   1.00 17.44 ? 110 THR A CG2 1 
ATOM   876  N N   . ARG A 1 111 ? 7.193   1.126   0.001   1.00 15.88 ? 111 ARG A N   1 
ATOM   877  C CA  . ARG A 1 111 ? 7.350   0.228   -1.128  1.00 16.48 ? 111 ARG A CA  1 
ATOM   878  C C   . ARG A 1 111 ? 8.830   0.225   -1.448  1.00 16.14 ? 111 ARG A C   1 
ATOM   879  O O   . ARG A 1 111 ? 9.442   1.280   -1.601  1.00 15.81 ? 111 ARG A O   1 
ATOM   880  C CB  . ARG A 1 111 ? 6.538   0.697   -2.339  1.00 16.41 ? 111 ARG A CB  1 
ATOM   881  C CG  . ARG A 1 111 ? 5.040   0.455   -2.206  1.00 16.13 ? 111 ARG A CG  1 
ATOM   882  C CD  . ARG A 1 111 ? 4.351   0.643   -3.546  1.00 18.47 ? 111 ARG A CD  1 
ATOM   883  N NE  . ARG A 1 111 ? 2.994   0.105   -3.557  1.00 19.35 ? 111 ARG A NE  1 
ATOM   884  C CZ  . ARG A 1 111 ? 1.946   0.673   -2.970  1.00 20.35 ? 111 ARG A CZ  1 
ATOM   885  N NH1 . ARG A 1 111 ? 2.082   1.817   -2.312  1.00 20.82 ? 111 ARG A NH1 1 
ATOM   886  N NH2 . ARG A 1 111 ? 0.754   0.092   -3.050  1.00 21.05 ? 111 ARG A NH2 1 
ATOM   887  N N   . GLU A 1 112 ? 9.413   -0.963  -1.513  1.00 16.80 ? 112 GLU A N   1 
ATOM   888  C CA  . GLU A 1 112 ? 10.827  -1.070  -1.798  1.00 17.09 ? 112 GLU A CA  1 
ATOM   889  C C   . GLU A 1 112 ? 11.057  -2.063  -2.911  1.00 17.76 ? 112 GLU A C   1 
ATOM   890  O O   . GLU A 1 112 ? 10.459  -3.138  -2.936  1.00 15.94 ? 112 GLU A O   1 
ATOM   891  C CB  . GLU A 1 112 ? 11.595  -1.509  -0.550  1.00 18.67 ? 112 GLU A CB  1 
ATOM   892  C CG  . GLU A 1 112 ? 13.112  -1.549  -0.741  1.00 21.20 ? 112 GLU A CG  1 
ATOM   893  C CD  . GLU A 1 112 ? 13.865  -1.872  0.544   1.00 22.07 ? 112 GLU A CD  1 
ATOM   894  O OE1 . GLU A 1 112 ? 15.112  -1.789  0.542   1.00 23.09 ? 112 GLU A OE1 1 
ATOM   895  O OE2 . GLU A 1 112 ? 13.217  -2.211  1.554   1.00 21.50 ? 112 GLU A OE2 1 
ATOM   896  N N   . LEU A 1 113 ? 11.922  -1.685  -3.840  1.00 17.41 ? 113 LEU A N   1 
ATOM   897  C CA  . LEU A 1 113 ? 12.266  -2.544  -4.956  1.00 19.92 ? 113 LEU A CA  1 
ATOM   898  C C   . LEU A 1 113 ? 13.581  -3.192  -4.515  1.00 19.46 ? 113 LEU A C   1 
ATOM   899  O O   . LEU A 1 113 ? 14.549  -2.492  -4.206  1.00 20.04 ? 113 LEU A O   1 
ATOM   900  C CB  . LEU A 1 113 ? 12.461  -1.688  -6.209  1.00 21.30 ? 113 LEU A CB  1 
ATOM   901  C CG  . LEU A 1 113 ? 12.393  -2.343  -7.584  1.00 24.47 ? 113 LEU A CG  1 
ATOM   902  C CD1 . LEU A 1 113 ? 11.013  -2.963  -7.791  1.00 25.20 ? 113 LEU A CD1 1 
ATOM   903  C CD2 . LEU A 1 113 ? 12.660  -1.291  -8.650  1.00 25.01 ? 113 LEU A CD2 1 
ATOM   904  N N   . THR A 1 114 ? 13.615  -4.518  -4.452  1.00 18.72 ? 114 THR A N   1 
ATOM   905  C CA  . THR A 1 114 ? 14.838  -5.197  -4.016  1.00 19.15 ? 114 THR A CA  1 
ATOM   906  C C   . THR A 1 114 ? 15.804  -5.369  -5.184  1.00 19.69 ? 114 THR A C   1 
ATOM   907  O O   . THR A 1 114 ? 15.382  -5.432  -6.334  1.00 17.88 ? 114 THR A O   1 
ATOM   908  C CB  . THR A 1 114 ? 14.528  -6.583  -3.414  1.00 18.34 ? 114 THR A CB  1 
ATOM   909  O OG1 . THR A 1 114 ? 14.025  -7.451  -4.439  1.00 18.61 ? 114 THR A OG1 1 
ATOM   910  C CG2 . THR A 1 114 ? 13.485  -6.453  -2.310  1.00 16.26 ? 114 THR A CG2 1 
ATOM   911  N N   . ASN A 1 115 ? 17.099  -5.445  -4.890  1.00 21.23 ? 115 ASN A N   1 
ATOM   912  C CA  . ASN A 1 115 ? 18.077  -5.605  -5.958  1.00 22.47 ? 115 ASN A CA  1 
ATOM   913  C C   . ASN A 1 115 ? 17.890  -6.906  -6.725  1.00 21.91 ? 115 ASN A C   1 
ATOM   914  O O   . ASN A 1 115 ? 18.276  -7.006  -7.887  1.00 22.42 ? 115 ASN A O   1 
ATOM   915  C CB  . ASN A 1 115 ? 19.512  -5.504  -5.421  1.00 24.19 ? 115 ASN A CB  1 
ATOM   916  C CG  . ASN A 1 115 ? 19.869  -4.095  -4.992  1.00 27.49 ? 115 ASN A CG  1 
ATOM   917  O OD1 . ASN A 1 115 ? 19.429  -3.120  -5.605  1.00 28.50 ? 115 ASN A OD1 1 
ATOM   918  N ND2 . ASN A 1 115 ? 20.699  -3.977  -3.958  1.00 30.25 ? 115 ASN A ND2 1 
ATOM   919  N N   . ASP A 1 116 ? 17.272  -7.893  -6.095  1.00 21.70 ? 116 ASP A N   1 
ATOM   920  C CA  . ASP A 1 116 ? 17.068  -9.164  -6.776  1.00 21.39 ? 116 ASP A CA  1 
ATOM   921  C C   . ASP A 1 116 ? 15.705  -9.257  -7.453  1.00 21.44 ? 116 ASP A C   1 
ATOM   922  O O   . ASP A 1 116 ? 15.243  -10.366 -7.741  1.00 22.63 ? 116 ASP A O   1 
ATOM   923  C CB  . ASP A 1 116 ? 17.304  -10.350 -5.834  1.00 21.96 ? 116 ASP A CB  1 
ATOM   924  C CG  . ASP A 1 116 ? 16.693  -10.202 -4.478  1.00 22.93 ? 116 ASP A CG  1 
ATOM   925  O OD1 . ASP A 1 116 ? 15.840  -9.308  -4.292  1.00 22.95 ? 116 ASP A OD1 1 
ATOM   926  O OD2 . ASP A 1 116 ? 17.066  -10.990 -3.581  1.00 22.63 ? 116 ASP A OD2 1 
ATOM   927  N N   . GLY A 1 117 ? 15.061  -8.105  -7.714  1.00 20.78 ? 117 GLY A N   1 
ATOM   928  C CA  . GLY A 1 117 ? 13.835  -8.058  -8.503  1.00 19.89 ? 117 GLY A CA  1 
ATOM   929  C C   . GLY A 1 117 ? 12.476  -8.130  -7.810  1.00 19.57 ? 117 GLY A C   1 
ATOM   930  O O   . GLY A 1 117 ? 11.475  -8.314  -8.501  1.00 19.89 ? 117 GLY A O   1 
ATOM   931  N N   . GLU A 1 118 ? 12.401  -8.012  -6.488  1.00 17.55 ? 118 GLU A N   1 
ATOM   932  C CA  . GLU A 1 118 ? 11.070  -8.109  -5.867  1.00 17.38 ? 118 GLU A CA  1 
ATOM   933  C C   . GLU A 1 118 ? 10.587  -6.774  -5.324  1.00 17.84 ? 118 GLU A C   1 
ATOM   934  O O   . GLU A 1 118 ? 11.347  -5.805  -5.230  1.00 18.12 ? 118 GLU A O   1 
ATOM   935  C CB  . GLU A 1 118 ? 11.101  -9.181  -4.782  1.00 16.97 ? 118 GLU A CB  1 
ATOM   936  C CG  . GLU A 1 118 ? 10.946  -10.582 -5.351  1.00 18.11 ? 118 GLU A CG  1 
ATOM   937  C CD  . GLU A 1 118 ? 11.120  -11.691 -4.334  1.00 19.09 ? 118 GLU A CD  1 
ATOM   938  O OE1 . GLU A 1 118 ? 10.799  -11.454 -3.145  1.00 17.92 ? 118 GLU A OE1 1 
ATOM   939  O OE2 . GLU A 1 118 ? 11.559  -12.797 -4.722  1.00 20.10 ? 118 GLU A OE2 1 
ATOM   940  N N   . LEU A 1 119 ? 9.302   -6.727  -4.995  1.00 17.05 ? 119 LEU A N   1 
ATOM   941  C CA  . LEU A 1 119 ? 8.688   -5.522  -4.463  1.00 16.34 ? 119 LEU A CA  1 
ATOM   942  C C   . LEU A 1 119 ? 8.110   -5.838  -3.093  1.00 16.64 ? 119 LEU A C   1 
ATOM   943  O O   . LEU A 1 119 ? 7.296   -6.760  -2.940  1.00 15.25 ? 119 LEU A O   1 
ATOM   944  C CB  . LEU A 1 119 ? 7.572   -5.043  -5.393  1.00 17.03 ? 119 LEU A CB  1 
ATOM   945  C CG  . LEU A 1 119 ? 6.759   -3.827  -4.936  1.00 18.44 ? 119 LEU A CG  1 
ATOM   946  C CD1 . LEU A 1 119 ? 7.668   -2.636  -4.779  1.00 20.47 ? 119 LEU A CD1 1 
ATOM   947  C CD2 . LEU A 1 119 ? 5.672   -3.522  -5.964  1.00 19.86 ? 119 LEU A CD2 1 
ATOM   948  N N   . ILE A 1 120 ? 8.547   -5.081  -2.095  1.00 15.68 ? 120 ILE A N   1 
ATOM   949  C CA  . ILE A 1 120 ? 8.066   -5.280  -0.741  1.00 15.87 ? 120 ILE A CA  1 
ATOM   950  C C   . ILE A 1 120 ? 7.178   -4.102  -0.359  1.00 15.81 ? 120 ILE A C   1 
ATOM   951  O O   . ILE A 1 120 ? 7.603   -2.946  -0.391  1.00 15.88 ? 120 ILE A O   1 
ATOM   952  C CB  . ILE A 1 120 ? 9.237   -5.374  0.269   1.00 16.37 ? 120 ILE A CB  1 
ATOM   953  C CG1 . ILE A 1 120 ? 10.153  -6.543  -0.102  1.00 17.75 ? 120 ILE A CG1 1 
ATOM   954  C CG2 . ILE A 1 120 ? 8.693   -5.570  1.689   1.00 17.42 ? 120 ILE A CG2 1 
ATOM   955  C CD1 . ILE A 1 120 ? 11.391  -6.661  0.774   1.00 19.37 ? 120 ILE A CD1 1 
ATOM   956  N N   . LEU A 1 121 ? 5.929   -4.404  -0.034  1.00 15.73 ? 121 LEU A N   1 
ATOM   957  C CA  . LEU A 1 121 ? 4.986   -3.389  0.403   1.00 15.31 ? 121 LEU A CA  1 
ATOM   958  C C   . LEU A 1 121 ? 4.837   -3.583  1.895   1.00 16.43 ? 121 LEU A C   1 
ATOM   959  O O   . LEU A 1 121 ? 4.560   -4.686  2.359   1.00 16.36 ? 121 LEU A O   1 
ATOM   960  C CB  . LEU A 1 121 ? 3.614   -3.581  -0.247  1.00 15.42 ? 121 LEU A CB  1 
ATOM   961  C CG  . LEU A 1 121 ? 2.469   -2.783  0.399   1.00 16.71 ? 121 LEU A CG  1 
ATOM   962  C CD1 . LEU A 1 121 ? 2.742   -1.292  0.298   1.00 15.29 ? 121 LEU A CD1 1 
ATOM   963  C CD2 . LEU A 1 121 ? 1.139   -3.143  -0.280  1.00 15.12 ? 121 LEU A CD2 1 
ATOM   964  N N   . THR A 1 122 ? 5.029   -2.518  2.649   1.00 17.16 ? 122 THR A N   1 
ATOM   965  C CA  . THR A 1 122 ? 4.870   -2.606  4.084   1.00 17.73 ? 122 THR A CA  1 
ATOM   966  C C   . THR A 1 122 ? 3.779   -1.615  4.455   1.00 18.09 ? 122 THR A C   1 
ATOM   967  O O   . THR A 1 122 ? 3.811   -0.464  4.024   1.00 17.36 ? 122 THR A O   1 
ATOM   968  C CB  . THR A 1 122 ? 6.167   -2.226  4.821   1.00 18.67 ? 122 THR A CB  1 
ATOM   969  O OG1 . THR A 1 122 ? 7.204   -3.158  4.484   1.00 21.20 ? 122 THR A OG1 1 
ATOM   970  C CG2 . THR A 1 122 ? 5.944   -2.246  6.314   1.00 20.46 ? 122 THR A CG2 1 
ATOM   971  N N   . MET A 1 123 ? 2.798   -2.077  5.220   1.00 17.09 ? 123 MET A N   1 
ATOM   972  C CA  . MET A 1 123 ? 1.725   -1.207  5.680   1.00 17.22 ? 123 MET A CA  1 
ATOM   973  C C   . MET A 1 123 ? 1.706   -1.307  7.189   1.00 17.10 ? 123 MET A C   1 
ATOM   974  O O   . MET A 1 123 ? 1.863   -2.392  7.750   1.00 16.37 ? 123 MET A O   1 
ATOM   975  C CB  . MET A 1 123 ? 0.370   -1.636  5.105   1.00 17.54 ? 123 MET A CB  1 
ATOM   976  C CG  . MET A 1 123 ? 0.198   -1.301  3.632   1.00 19.22 ? 123 MET A CG  1 
ATOM   977  S SD  . MET A 1 123 ? -1.422  -1.772  3.005   1.00 22.97 ? 123 MET A SD  1 
ATOM   978  C CE  . MET A 1 123 ? -1.296  -3.534  3.118   1.00 21.56 ? 123 MET A CE  1 
ATOM   979  N N   . THR A 1 124 ? 1.531   -0.170  7.847   1.00 16.56 ? 124 THR A N   1 
ATOM   980  C CA  . THR A 1 124 ? 1.512   -0.154  9.295   1.00 18.06 ? 124 THR A CA  1 
ATOM   981  C C   . THR A 1 124 ? 0.294   0.592   9.821   1.00 18.93 ? 124 THR A C   1 
ATOM   982  O O   . THR A 1 124 ? -0.188  1.543   9.204   1.00 18.50 ? 124 THR A O   1 
ATOM   983  C CB  . THR A 1 124 ? 2.766   0.546   9.851   1.00 18.67 ? 124 THR A CB  1 
ATOM   984  O OG1 . THR A 1 124 ? 2.734   1.928   9.471   1.00 21.28 ? 124 THR A OG1 1 
ATOM   985  C CG2 . THR A 1 124 ? 4.033   -0.084  9.280   1.00 18.31 ? 124 THR A CG2 1 
ATOM   986  N N   . ALA A 1 125 ? -0.189  0.143   10.969  1.00 19.54 ? 125 ALA A N   1 
ATOM   987  C CA  . ALA A 1 125 ? -1.316  0.756   11.659  1.00 21.12 ? 125 ALA A CA  1 
ATOM   988  C C   . ALA A 1 125 ? -0.856  0.641   13.106  1.00 21.99 ? 125 ALA A C   1 
ATOM   989  O O   . ALA A 1 125 ? -0.835  -0.446  13.674  1.00 20.61 ? 125 ALA A O   1 
ATOM   990  C CB  . ALA A 1 125 ? -2.587  -0.040  11.425  1.00 20.99 ? 125 ALA A CB  1 
ATOM   991  N N   . ASP A 1 126 ? -0.472  1.769   13.688  1.00 24.10 ? 126 ASP A N   1 
ATOM   992  C CA  . ASP A 1 126 ? 0.060   1.785   15.040  1.00 26.15 ? 126 ASP A CA  1 
ATOM   993  C C   . ASP A 1 126 ? 1.262   0.844   15.113  1.00 26.28 ? 126 ASP A C   1 
ATOM   994  O O   . ASP A 1 126 ? 2.222   1.012   14.367  1.00 27.01 ? 126 ASP A O   1 
ATOM   995  C CB  . ASP A 1 126 ? -0.995  1.385   16.079  1.00 28.62 ? 126 ASP A CB  1 
ATOM   996  C CG  . ASP A 1 126 ? -2.036  2.469   16.300  1.00 31.54 ? 126 ASP A CG  1 
ATOM   997  O OD1 . ASP A 1 126 ? -1.664  3.664   16.268  1.00 32.43 ? 126 ASP A OD1 1 
ATOM   998  O OD2 . ASP A 1 126 ? -3.217  2.130   16.533  1.00 32.83 ? 126 ASP A OD2 1 
ATOM   999  N N   . ASP A 1 127 ? 1.196   -0.154  15.985  1.00 26.56 ? 127 ASP A N   1 
ATOM   1000 C CA  . ASP A 1 127 ? 2.296   -1.096  16.172  1.00 26.81 ? 127 ASP A CA  1 
ATOM   1001 C C   . ASP A 1 127 ? 2.286   -2.306  15.241  1.00 25.84 ? 127 ASP A C   1 
ATOM   1002 O O   . ASP A 1 127 ? 3.244   -3.078  15.217  1.00 26.39 ? 127 ASP A O   1 
ATOM   1003 C CB  . ASP A 1 127 ? 2.296   -1.594  17.618  1.00 29.59 ? 127 ASP A CB  1 
ATOM   1004 C CG  . ASP A 1 127 ? 1.033   -2.359  17.966  1.00 32.15 ? 127 ASP A CG  1 
ATOM   1005 O OD1 . ASP A 1 127 ? -0.070  -1.803  17.779  1.00 35.08 ? 127 ASP A OD1 1 
ATOM   1006 O OD2 . ASP A 1 127 ? 1.137   -3.514  18.434  1.00 34.17 ? 127 ASP A OD2 1 
ATOM   1007 N N   . VAL A 1 128 ? 1.213   -2.484  14.481  1.00 23.48 ? 128 VAL A N   1 
ATOM   1008 C CA  . VAL A 1 128 ? 1.132   -3.629  13.588  1.00 21.09 ? 128 VAL A CA  1 
ATOM   1009 C C   . VAL A 1 128 ? 1.819   -3.377  12.250  1.00 19.92 ? 128 VAL A C   1 
ATOM   1010 O O   . VAL A 1 128 ? 1.629   -2.336  11.625  1.00 19.07 ? 128 VAL A O   1 
ATOM   1011 C CB  . VAL A 1 128 ? -0.329  -4.035  13.346  1.00 22.00 ? 128 VAL A CB  1 
ATOM   1012 C CG1 . VAL A 1 128 ? -0.396  -5.173  12.334  1.00 21.61 ? 128 VAL A CG1 1 
ATOM   1013 C CG2 . VAL A 1 128 ? -0.962  -4.465  14.667  1.00 22.69 ? 128 VAL A CG2 1 
ATOM   1014 N N   . VAL A 1 129 ? 2.630   -4.337  11.826  1.00 18.33 ? 129 VAL A N   1 
ATOM   1015 C CA  . VAL A 1 129 ? 3.346   -4.218  10.569  1.00 18.13 ? 129 VAL A CA  1 
ATOM   1016 C C   . VAL A 1 129 ? 2.934   -5.336  9.631   1.00 17.71 ? 129 VAL A C   1 
ATOM   1017 O O   . VAL A 1 129 ? 3.103   -6.515  9.930   1.00 17.20 ? 129 VAL A O   1 
ATOM   1018 C CB  . VAL A 1 129 ? 4.877   -4.273  10.783  1.00 18.42 ? 129 VAL A CB  1 
ATOM   1019 C CG1 . VAL A 1 129 ? 5.592   -4.162  9.449   1.00 17.96 ? 129 VAL A CG1 1 
ATOM   1020 C CG2 . VAL A 1 129 ? 5.311   -3.142  11.700  1.00 19.17 ? 129 VAL A CG2 1 
ATOM   1021 N N   . CYS A 1 130 ? 2.365   -4.946  8.500   1.00 16.83 ? 130 CYS A N   1 
ATOM   1022 C CA  . CYS A 1 130 ? 1.923   -5.890  7.494   1.00 15.55 ? 130 CYS A CA  1 
ATOM   1023 C C   . CYS A 1 130 ? 2.931   -5.887  6.358   1.00 14.83 ? 130 CYS A C   1 
ATOM   1024 O O   . CYS A 1 130 ? 3.245   -4.831  5.805   1.00 13.86 ? 130 CYS A O   1 
ATOM   1025 C CB  . CYS A 1 130 ? 0.550   -5.482  6.973   1.00 16.07 ? 130 CYS A CB  1 
ATOM   1026 S SG  . CYS A 1 130 ? 0.044   -6.410  5.535   1.00 17.48 ? 130 CYS A SG  1 
ATOM   1027 N N   . THR A 1 131 ? 3.432   -7.069  6.008   1.00 13.38 ? 131 THR A N   1 
ATOM   1028 C CA  . THR A 1 131 ? 4.421   -7.188  4.945   1.00 14.56 ? 131 THR A CA  1 
ATOM   1029 C C   . THR A 1 131 ? 3.862   -8.000  3.787   1.00 15.06 ? 131 THR A C   1 
ATOM   1030 O O   . THR A 1 131 ? 3.413   -9.135  3.975   1.00 15.90 ? 131 THR A O   1 
ATOM   1031 C CB  . THR A 1 131 ? 5.711   -7.876  5.463   1.00 14.68 ? 131 THR A CB  1 
ATOM   1032 O OG1 . THR A 1 131 ? 6.221   -7.146  6.587   1.00 14.49 ? 131 THR A OG1 1 
ATOM   1033 C CG2 . THR A 1 131 ? 6.779   -7.917  4.369   1.00 14.49 ? 131 THR A CG2 1 
ATOM   1034 N N   . ARG A 1 132 ? 3.871   -7.406  2.597   1.00 15.04 ? 132 ARG A N   1 
ATOM   1035 C CA  . ARG A 1 132 ? 3.383   -8.072  1.394   1.00 15.90 ? 132 ARG A CA  1 
ATOM   1036 C C   . ARG A 1 132 ? 4.488   -8.029  0.343   1.00 15.35 ? 132 ARG A C   1 
ATOM   1037 O O   . ARG A 1 132 ? 5.090   -6.982  0.097   1.00 15.18 ? 132 ARG A O   1 
ATOM   1038 C CB  . ARG A 1 132 ? 2.096   -7.399  0.911   1.00 16.17 ? 132 ARG A CB  1 
ATOM   1039 C CG  . ARG A 1 132 ? 0.938   -7.627  1.892   1.00 18.45 ? 132 ARG A CG  1 
ATOM   1040 C CD  . ARG A 1 132 ? -0.232  -6.683  1.676   1.00 18.54 ? 132 ARG A CD  1 
ATOM   1041 N NE  . ARG A 1 132 ? -0.966  -6.853  0.422   1.00 19.56 ? 132 ARG A NE  1 
ATOM   1042 C CZ  . ARG A 1 132 ? -1.833  -7.829  0.160   1.00 18.47 ? 132 ARG A CZ  1 
ATOM   1043 N NH1 . ARG A 1 132 ? -2.103  -8.770  1.060   1.00 18.71 ? 132 ARG A NH1 1 
ATOM   1044 N NH2 . ARG A 1 132 ? -2.472  -7.835  -0.995  1.00 18.45 ? 132 ARG A NH2 1 
ATOM   1045 N N   . VAL A 1 133 ? 4.768   -9.183  -0.254  1.00 14.95 ? 133 VAL A N   1 
ATOM   1046 C CA  . VAL A 1 133 ? 5.838   -9.296  -1.236  1.00 15.26 ? 133 VAL A CA  1 
ATOM   1047 C C   . VAL A 1 133 ? 5.279   -9.622  -2.613  1.00 16.27 ? 133 VAL A C   1 
ATOM   1048 O O   . VAL A 1 133 ? 4.440   -10.517 -2.749  1.00 16.25 ? 133 VAL A O   1 
ATOM   1049 C CB  . VAL A 1 133 ? 6.823   -10.412 -0.829  1.00 14.90 ? 133 VAL A CB  1 
ATOM   1050 C CG1 . VAL A 1 133 ? 8.031   -10.403 -1.747  1.00 16.07 ? 133 VAL A CG1 1 
ATOM   1051 C CG2 . VAL A 1 133 ? 7.240   -10.235 0.631   1.00 15.45 ? 133 VAL A CG2 1 
ATOM   1052 N N   . TYR A 1 134 ? 5.743   -8.895  -3.627  1.00 16.44 ? 134 TYR A N   1 
ATOM   1053 C CA  . TYR A 1 134 ? 5.285   -9.114  -4.992  1.00 17.62 ? 134 TYR A CA  1 
ATOM   1054 C C   . TYR A 1 134 ? 6.451   -9.374  -5.932  1.00 18.65 ? 134 TYR A C   1 
ATOM   1055 O O   . TYR A 1 134 ? 7.568   -8.914  -5.700  1.00 17.29 ? 134 TYR A O   1 
ATOM   1056 C CB  . TYR A 1 134 ? 4.531   -7.896  -5.528  1.00 18.29 ? 134 TYR A CB  1 
ATOM   1057 C CG  . TYR A 1 134 ? 3.459   -7.362  -4.620  1.00 19.44 ? 134 TYR A CG  1 
ATOM   1058 C CD1 . TYR A 1 134 ? 3.795   -6.771  -3.409  1.00 21.00 ? 134 TYR A CD1 1 
ATOM   1059 C CD2 . TYR A 1 134 ? 2.113   -7.433  -4.971  1.00 20.94 ? 134 TYR A CD2 1 
ATOM   1060 C CE1 . TYR A 1 134 ? 2.831   -6.265  -2.569  1.00 22.71 ? 134 TYR A CE1 1 
ATOM   1061 C CE2 . TYR A 1 134 ? 1.124   -6.920  -4.125  1.00 22.19 ? 134 TYR A CE2 1 
ATOM   1062 C CZ  . TYR A 1 134 ? 1.504   -6.339  -2.928  1.00 22.93 ? 134 TYR A CZ  1 
ATOM   1063 O OH  . TYR A 1 134 ? 0.578   -5.823  -2.064  1.00 26.33 ? 134 TYR A OH  1 
ATOM   1064 N N   . VAL A 1 135 ? 6.168   -10.116 -6.996  1.00 19.01 ? 135 VAL A N   1 
ATOM   1065 C CA  . VAL A 1 135 ? 7.159   -10.422 -8.010  1.00 20.51 ? 135 VAL A CA  1 
ATOM   1066 C C   . VAL A 1 135 ? 6.485   -10.020 -9.312  1.00 22.07 ? 135 VAL A C   1 
ATOM   1067 O O   . VAL A 1 135 ? 5.254   -9.954  -9.380  1.00 22.15 ? 135 VAL A O   1 
ATOM   1068 C CB  . VAL A 1 135 ? 7.499   -11.924 -8.036  1.00 20.34 ? 135 VAL A CB  1 
ATOM   1069 C CG1 . VAL A 1 135 ? 8.057   -12.355 -6.683  1.00 20.90 ? 135 VAL A CG1 1 
ATOM   1070 C CG2 . VAL A 1 135 ? 6.267   -12.734 -8.383  1.00 20.13 ? 135 VAL A CG2 1 
ATOM   1071 N N   . ARG A 1 136 ? 7.267   -9.723  -10.338 1.00 24.94 ? 136 ARG A N   1 
ATOM   1072 C CA  . ARG A 1 136 ? 6.663   -9.330  -11.601 1.00 28.40 ? 136 ARG A CA  1 
ATOM   1073 C C   . ARG A 1 136 ? 5.989   -10.507 -12.271 1.00 31.06 ? 136 ARG A C   1 
ATOM   1074 O O   . ARG A 1 136 ? 6.444   -11.638 -12.150 1.00 31.30 ? 136 ARG A O   1 
ATOM   1075 C CB  . ARG A 1 136 ? 7.702   -8.749  -12.565 1.00 28.83 ? 136 ARG A CB  1 
ATOM   1076 C CG  . ARG A 1 136 ? 8.239   -7.391  -12.177 1.00 27.70 ? 136 ARG A CG  1 
ATOM   1077 C CD  . ARG A 1 136 ? 8.662   -6.636  -13.430 1.00 30.42 ? 136 ARG A CD  1 
ATOM   1078 N NE  . ARG A 1 136 ? 9.143   -5.294  -13.123 1.00 28.54 ? 136 ARG A NE  1 
ATOM   1079 C CZ  . ARG A 1 136 ? 10.289  -5.054  -12.504 1.00 28.33 ? 136 ARG A CZ  1 
ATOM   1080 N NH1 . ARG A 1 136 ? 11.057  -6.067  -12.135 1.00 30.30 ? 136 ARG A NH1 1 
ATOM   1081 N NH2 . ARG A 1 136 ? 10.659  -3.811  -12.241 1.00 27.59 ? 136 ARG A NH2 1 
ATOM   1082 N N   . GLU A 1 137 ? 4.886   -10.241 -12.959 1.00 34.58 ? 137 GLU A N   1 
ATOM   1083 C CA  . GLU A 1 137 ? 4.201   -11.299 -13.680 1.00 38.66 ? 137 GLU A CA  1 
ATOM   1084 C C   . GLU A 1 137 ? 4.245   -10.922 -15.154 1.00 39.70 ? 137 GLU A C   1 
ATOM   1085 O O   . GLU A 1 137 ? 4.904   -11.657 -15.917 1.00 41.03 ? 137 GLU A O   1 
ATOM   1086 C CB  . GLU A 1 137 ? 2.750   -11.455 -13.210 1.00 40.27 ? 137 GLU A CB  1 
ATOM   1087 C CG  . GLU A 1 137 ? 1.848   -10.263 -13.463 1.00 43.25 ? 137 GLU A CG  1 
ATOM   1088 C CD  . GLU A 1 137 ? 0.406   -10.548 -13.085 1.00 44.73 ? 137 GLU A CD  1 
ATOM   1089 O OE1 . GLU A 1 137 ? -0.164  -11.517 -13.629 1.00 46.26 ? 137 GLU A OE1 1 
ATOM   1090 O OE2 . GLU A 1 137 ? -0.156  -9.809  -12.249 1.00 46.36 ? 137 GLU A OE2 1 
ATOM   1091 O OXT . GLU A 1 137 ? 3.652   -9.884  -15.523 1.00 40.99 ? 137 GLU A OXT 1 
HETATM 1092 C C1  . R12 B 2 .   ? -14.044 -1.840  4.205   1.00 18.85 ? 200 R12 A C1  1 
HETATM 1093 C C2  . R12 B 2 .   ? -12.834 -2.277  4.670   1.00 19.70 ? 200 R12 A C2  1 
HETATM 1094 C C3  . R12 B 2 .   ? -11.959 -2.996  3.850   1.00 18.11 ? 200 R12 A C3  1 
HETATM 1095 C C4  . R12 B 2 .   ? -12.350 -3.276  2.517   1.00 17.50 ? 200 R12 A C4  1 
HETATM 1096 C C5  . R12 B 2 .   ? -13.601 -2.825  2.030   1.00 17.00 ? 200 R12 A C5  1 
HETATM 1097 C C6  . R12 B 2 .   ? -14.467 -2.095  2.889   1.00 17.93 ? 200 R12 A C6  1 
HETATM 1098 C C7  . R12 B 2 .   ? -11.448 -4.039  1.619   1.00 16.90 ? 200 R12 A C7  1 
HETATM 1099 C C8  . R12 B 2 .   ? -10.191 -3.736  1.306   1.00 15.83 ? 200 R12 A C8  1 
HETATM 1100 C C9  . R12 B 2 .   ? -9.305  -4.480  0.484   1.00 14.04 ? 200 R12 A C9  1 
HETATM 1101 C C10 . R12 B 2 .   ? -8.028  -4.082  0.464   1.00 12.02 ? 200 R12 A C10 1 
HETATM 1102 C C11 . R12 B 2 .   ? -6.994  -4.568  -0.382  1.00 13.33 ? 200 R12 A C11 1 
HETATM 1103 C C12 . R12 B 2 .   ? -5.749  -4.106  -0.328  1.00 14.13 ? 200 R12 A C12 1 
HETATM 1104 C C13 . R12 B 2 .   ? -4.664  -4.520  -1.135  1.00 14.56 ? 200 R12 A C13 1 
HETATM 1105 C C14 . R12 B 2 .   ? -3.389  -3.913  -0.945  1.00 15.83 ? 200 R12 A C14 1 
HETATM 1106 C C15 . R12 B 2 .   ? -2.119  -4.118  -1.611  1.00 16.85 ? 200 R12 A C15 1 
HETATM 1107 C C18 . R12 B 2 .   ? -4.864  -5.573  -2.177  1.00 14.21 ? 200 R12 A C18 1 
HETATM 1108 C C19 . R12 B 2 .   ? -9.804  -5.656  -0.323  1.00 13.02 ? 200 R12 A C19 1 
HETATM 1109 C C20 . R12 B 2 .   ? -14.014 -3.121  0.605   1.00 15.22 ? 200 R12 A C20 1 
HETATM 1110 C C23 . R12 B 2 .   ? -10.643 -3.445  4.434   1.00 17.99 ? 200 R12 A C23 1 
HETATM 1111 O O1  . R12 B 2 .   ? -14.916 -1.139  4.984   1.00 19.48 ? 200 R12 A O1  1 
HETATM 1112 O O2  . R12 B 2 .   ? -1.386  -3.199  -1.881  1.00 18.57 ? 200 R12 A O2  1 
HETATM 1113 O O3  . R12 B 2 .   ? -1.832  -5.374  -1.901  1.00 17.01 ? 200 R12 A O3  1 
HETATM 1114 O O   . HOH C 3 .   ? 4.961   -15.159 4.866   1.00 38.08 ? 301 HOH A O   1 
HETATM 1115 O O   . HOH C 3 .   ? 2.348   -12.948 11.523  1.00 29.39 ? 302 HOH A O   1 
HETATM 1116 O O   . HOH C 3 .   ? -1.446  -11.879 5.880   1.00 18.92 ? 304 HOH A O   1 
HETATM 1117 O O   . HOH C 3 .   ? -0.022  -16.074 -4.138  1.00 46.27 ? 305 HOH A O   1 
HETATM 1118 O O   . HOH C 3 .   ? -2.611  -0.696  -1.732  1.00 28.59 ? 306 HOH A O   1 
HETATM 1119 O O   . HOH C 3 .   ? -12.429 0.368   9.421   1.00 31.69 ? 307 HOH A O   1 
HETATM 1120 O O   . HOH C 3 .   ? -14.447 -1.017  7.613   1.00 27.88 ? 308 HOH A O   1 
HETATM 1121 O O   . HOH C 3 .   ? -3.970  7.509   9.285   1.00 37.90 ? 309 HOH A O   1 
HETATM 1122 O O   . HOH C 3 .   ? -5.147  4.468   -1.625  1.00 32.59 ? 310 HOH A O   1 
HETATM 1123 O O   . HOH C 3 .   ? -1.226  3.211   -1.031  1.00 39.69 ? 311 HOH A O   1 
HETATM 1124 O O   . HOH C 3 .   ? 4.611   -8.224  8.494   1.00 18.48 ? 312 HOH A O   1 
HETATM 1125 O O   . HOH C 3 .   ? 2.444   -2.622  -4.247  1.00 19.83 ? 313 HOH A O   1 
HETATM 1126 O O   . HOH C 3 .   ? -9.733  -9.904  -5.661  1.00 25.35 ? 314 HOH A O   1 
HETATM 1127 O O   . HOH C 3 .   ? 1.810   13.923  -5.443  1.00 21.97 ? 315 HOH A O   1 
HETATM 1128 O O   . HOH C 3 .   ? 4.145   12.272  -2.422  1.00 25.22 ? 316 HOH A O   1 
HETATM 1129 O O   . HOH C 3 .   ? 8.393   -5.241  6.388   1.00 24.45 ? 318 HOH A O   1 
HETATM 1130 O O   . HOH C 3 .   ? 12.905  -4.764  -10.829 1.00 28.34 ? 319 HOH A O   1 
HETATM 1131 O O   . HOH C 3 .   ? -7.316  -2.489  -3.823  1.00 31.39 ? 320 HOH A O   1 
HETATM 1132 O O   . HOH C 3 .   ? -3.600  2.727   5.229   1.00 24.97 ? 321 HOH A O   1 
HETATM 1133 O O   . HOH C 3 .   ? -16.148 -5.373  -8.399  1.00 24.26 ? 322 HOH A O   1 
HETATM 1134 O O   . HOH C 3 .   ? 11.128  -2.664  2.755   1.00 19.91 ? 323 HOH A O   1 
HETATM 1135 O O   . HOH C 3 .   ? -1.250  1.138   6.330   1.00 32.36 ? 324 HOH A O   1 
HETATM 1136 O O   . HOH C 3 .   ? 8.486   -1.987  1.934   1.00 18.84 ? 325 HOH A O   1 
HETATM 1137 O O   . HOH C 3 .   ? 13.861  -13.939 -4.198  1.00 41.61 ? 326 HOH A O   1 
HETATM 1138 O O   . HOH C 3 .   ? -3.758  11.091  11.089  1.00 34.27 ? 327 HOH A O   1 
HETATM 1139 O O   . HOH C 3 .   ? -13.499 -11.740 -0.963  1.00 29.78 ? 328 HOH A O   1 
HETATM 1140 O O   . HOH C 3 .   ? -8.676  5.391   -6.072  1.00 35.72 ? 329 HOH A O   1 
HETATM 1141 O O   . HOH C 3 .   ? -4.463  -11.310 1.412   1.00 31.48 ? 330 HOH A O   1 
HETATM 1142 O O   . HOH C 3 .   ? 14.342  -1.609  3.868   1.00 29.91 ? 331 HOH A O   1 
HETATM 1143 O O   . HOH C 3 .   ? -6.363  5.942   10.510  1.00 44.23 ? 332 HOH A O   1 
HETATM 1144 O O   . HOH C 3 .   ? 3.615   -10.235 14.153  1.00 22.42 ? 333 HOH A O   1 
HETATM 1145 O O   . HOH C 3 .   ? -0.212  -2.340  -4.112  1.00 20.55 ? 334 HOH A O   1 
HETATM 1146 O O   . HOH C 3 .   ? 10.271  0.025   -17.570 1.00 48.54 ? 335 HOH A O   1 
HETATM 1147 O O   . HOH C 3 .   ? -15.923 -2.345  9.719   1.00 21.91 ? 336 HOH A O   1 
HETATM 1148 O O   . HOH C 3 .   ? 6.108   -6.480  -14.941 1.00 38.06 ? 337 HOH A O   1 
HETATM 1149 O O   . HOH C 3 .   ? -1.459  -11.233 -7.071  1.00 24.62 ? 338 HOH A O   1 
HETATM 1150 O O   . HOH C 3 .   ? -3.277  1.481   -5.587  1.00 21.76 ? 339 HOH A O   1 
HETATM 1151 O O   . HOH C 3 .   ? 9.764   -3.886  8.171   1.00 40.76 ? 340 HOH A O   1 
HETATM 1152 O O   . HOH C 3 .   ? -7.183  -0.270  -0.325  1.00 32.70 ? 342 HOH A O   1 
HETATM 1153 O O   . HOH C 3 .   ? -10.574 -14.690 4.456   1.00 32.02 ? 343 HOH A O   1 
HETATM 1154 O O   . HOH C 3 .   ? 10.774  -15.195 -4.253  1.00 26.95 ? 344 HOH A O   1 
HETATM 1155 O O   . HOH C 3 .   ? 9.395   -0.609  5.514   1.00 29.88 ? 345 HOH A O   1 
HETATM 1156 O O   . HOH C 3 .   ? 9.995   -10.332 -9.505  1.00 32.68 ? 347 HOH A O   1 
HETATM 1157 O O   . HOH C 3 .   ? 10.770  -2.716  5.498   1.00 34.92 ? 348 HOH A O   1 
HETATM 1158 O O   . HOH C 3 .   ? -9.497  10.612  -0.458  1.00 33.56 ? 349 HOH A O   1 
HETATM 1159 O O   . HOH C 3 .   ? -0.139  -13.170 8.971   1.00 27.06 ? 350 HOH A O   1 
HETATM 1160 O O   . HOH C 3 .   ? 16.587  0.315   1.168   1.00 33.14 ? 351 HOH A O   1 
HETATM 1161 O O   . HOH C 3 .   ? -5.677  -0.825  -2.414  1.00 28.72 ? 352 HOH A O   1 
HETATM 1162 O O   . HOH C 3 .   ? 15.260  7.243   -7.090  1.00 49.96 ? 354 HOH A O   1 
HETATM 1163 O O   . HOH C 3 .   ? 15.533  -3.542  -9.303  1.00 33.10 ? 355 HOH A O   1 
HETATM 1164 O O   . HOH C 3 .   ? 3.319   19.119  -1.195  1.00 35.08 ? 357 HOH A O   1 
HETATM 1165 O O   . HOH C 3 .   ? -4.141  0.168   0.728   1.00 37.51 ? 358 HOH A O   1 
HETATM 1166 O O   . HOH C 3 .   ? -2.124  1.507   -2.988  1.00 29.50 ? 362 HOH A O   1 
HETATM 1167 O O   . HOH C 3 .   ? -12.944 2.695   -7.091  1.00 40.67 ? 363 HOH A O   1 
HETATM 1168 O O   . HOH C 3 .   ? 17.697  -5.010  -2.141  1.00 33.08 ? 364 HOH A O   1 
HETATM 1169 O O   . HOH C 3 .   ? 16.581  -6.278  -9.586  1.00 25.43 ? 366 HOH A O   1 
HETATM 1170 O O   . HOH C 3 .   ? 0.608   10.001  -11.359 1.00 42.94 ? 367 HOH A O   1 
# 
loop_
_pdbx_poly_seq_scheme.asym_id 
_pdbx_poly_seq_scheme.entity_id 
_pdbx_poly_seq_scheme.seq_id 
_pdbx_poly_seq_scheme.mon_id 
_pdbx_poly_seq_scheme.ndb_seq_num 
_pdbx_poly_seq_scheme.pdb_seq_num 
_pdbx_poly_seq_scheme.auth_seq_num 
_pdbx_poly_seq_scheme.pdb_mon_id 
_pdbx_poly_seq_scheme.auth_mon_id 
_pdbx_poly_seq_scheme.pdb_strand_id 
_pdbx_poly_seq_scheme.pdb_ins_code 
_pdbx_poly_seq_scheme.hetero 
A 1 1   PRO 1   1   1   PRO PRO A . n 
A 1 2   ASN 2   2   2   ASN ASN A . n 
A 1 3   PHE 3   3   3   PHE PHE A . n 
A 1 4   SER 4   4   4   SER SER A . n 
A 1 5   GLY 5   5   5   GLY GLY A . n 
A 1 6   ASN 6   6   6   ASN ASN A . n 
A 1 7   TRP 7   7   7   TRP TRP A . n 
A 1 8   LYS 8   8   8   LYS LYS A . n 
A 1 9   ILE 9   9   9   ILE ILE A . n 
A 1 10  ILE 10  10  10  ILE ILE A . n 
A 1 11  ARG 11  11  11  ARG ARG A . n 
A 1 12  SER 12  12  12  SER SER A . n 
A 1 13  GLU 13  13  13  GLU GLU A . n 
A 1 14  ASN 14  14  14  ASN ASN A . n 
A 1 15  PHE 15  15  15  PHE PHE A . n 
A 1 16  GLU 16  16  16  GLU GLU A . n 
A 1 17  GLU 17  17  17  GLU GLU A . n 
A 1 18  LEU 18  18  18  LEU LEU A . n 
A 1 19  LEU 19  19  19  LEU LEU A . n 
A 1 20  LYS 20  20  20  LYS LYS A . n 
A 1 21  VAL 21  21  21  VAL VAL A . n 
A 1 22  LEU 22  22  22  LEU LEU A . n 
A 1 23  GLY 23  23  23  GLY GLY A . n 
A 1 24  VAL 24  24  24  VAL VAL A . n 
A 1 25  ASN 25  25  25  ASN ASN A . n 
A 1 26  VAL 26  26  26  VAL VAL A . n 
A 1 27  MET 27  27  27  MET MET A . n 
A 1 28  LEU 28  28  28  LEU LEU A . n 
A 1 29  ARG 29  29  29  ARG ARG A . n 
A 1 30  LYS 30  30  30  LYS LYS A . n 
A 1 31  ILE 31  31  31  ILE ILE A . n 
A 1 32  ALA 32  32  32  ALA ALA A . n 
A 1 33  VAL 33  33  33  VAL VAL A . n 
A 1 34  ALA 34  34  34  ALA ALA A . n 
A 1 35  ALA 35  35  35  ALA ALA A . n 
A 1 36  ALA 36  36  36  ALA ALA A . n 
A 1 37  SER 37  37  37  SER SER A . n 
A 1 38  LYS 38  38  38  LYS LYS A . n 
A 1 39  PRO 39  39  39  PRO PRO A . n 
A 1 40  ALA 40  40  40  ALA ALA A . n 
A 1 41  VAL 41  41  41  VAL VAL A . n 
A 1 42  GLU 42  42  42  GLU GLU A . n 
A 1 43  ILE 43  43  43  ILE ILE A . n 
A 1 44  LYS 44  44  44  LYS LYS A . n 
A 1 45  GLN 45  45  45  GLN GLN A . n 
A 1 46  GLU 46  46  46  GLU GLU A . n 
A 1 47  GLY 47  47  47  GLY GLY A . n 
A 1 48  ASP 48  48  48  ASP ASP A . n 
A 1 49  THR 49  49  49  THR THR A . n 
A 1 50  PHE 50  50  50  PHE PHE A . n 
A 1 51  TYR 51  51  51  TYR TYR A . n 
A 1 52  ILE 52  52  52  ILE ILE A . n 
A 1 53  LYS 53  53  53  LYS LYS A . n 
A 1 54  THR 54  54  54  THR THR A . n 
A 1 55  SER 55  55  55  SER SER A . n 
A 1 56  THR 56  56  56  THR THR A . n 
A 1 57  THR 57  57  57  THR THR A . n 
A 1 58  VAL 58  58  58  VAL VAL A . n 
A 1 59  ARG 59  59  59  ARG ARG A . n 
A 1 60  THR 60  60  60  THR THR A . n 
A 1 61  THR 61  61  61  THR THR A . n 
A 1 62  GLU 62  62  62  GLU GLU A . n 
A 1 63  ILE 63  63  63  ILE ILE A . n 
A 1 64  ASN 64  64  64  ASN ASN A . n 
A 1 65  PHE 65  65  65  PHE PHE A . n 
A 1 66  LYS 66  66  66  LYS LYS A . n 
A 1 67  VAL 67  67  67  VAL VAL A . n 
A 1 68  GLY 68  68  68  GLY GLY A . n 
A 1 69  GLU 69  69  69  GLU GLU A . n 
A 1 70  GLU 70  70  70  GLU GLU A . n 
A 1 71  PHE 71  71  71  PHE PHE A . n 
A 1 72  GLU 72  72  72  GLU GLU A . n 
A 1 73  GLU 73  73  73  GLU GLU A . n 
A 1 74  GLN 74  74  74  GLN GLN A . n 
A 1 75  THR 75  75  75  THR THR A . n 
A 1 76  VAL 76  76  76  VAL VAL A . n 
A 1 77  ASP 77  77  77  ASP ASP A . n 
A 1 78  GLY 78  78  78  GLY GLY A . n 
A 1 79  ARG 79  79  79  ARG ARG A . n 
A 1 80  PRO 80  80  80  PRO PRO A . n 
A 1 81  CYS 81  81  81  CYS CYS A . n 
A 1 82  LYS 82  82  82  LYS LYS A . n 
A 1 83  SER 83  83  83  SER SER A . n 
A 1 84  LEU 84  84  84  LEU LEU A . n 
A 1 85  VAL 85  85  85  VAL VAL A . n 
A 1 86  LYS 86  86  86  LYS LYS A . n 
A 1 87  TRP 87  87  87  TRP TRP A . n 
A 1 88  GLU 88  88  88  GLU GLU A . n 
A 1 89  SER 89  89  89  SER SER A . n 
A 1 90  GLU 90  90  90  GLU GLU A . n 
A 1 91  ASN 91  91  91  ASN ASN A . n 
A 1 92  LYS 92  92  92  LYS LYS A . n 
A 1 93  MET 93  93  93  MET MET A . n 
A 1 94  VAL 94  94  94  VAL VAL A . n 
A 1 95  CYS 95  95  95  CYS CYS A . n 
A 1 96  GLU 96  96  96  GLU GLU A . n 
A 1 97  GLN 97  97  97  GLN GLN A . n 
A 1 98  LYS 98  98  98  LYS LYS A . n 
A 1 99  LEU 99  99  99  LEU LEU A . n 
A 1 100 LEU 100 100 100 LEU LEU A . n 
A 1 101 LYS 101 101 101 LYS LYS A . n 
A 1 102 GLY 102 102 102 GLY GLY A . n 
A 1 103 GLU 103 103 103 GLU GLU A . n 
A 1 104 GLY 104 104 104 GLY GLY A . n 
A 1 105 PRO 105 105 105 PRO PRO A . n 
A 1 106 LYS 106 106 106 LYS LYS A . n 
A 1 107 THR 107 107 107 THR THR A . n 
A 1 108 SER 108 108 108 SER SER A . n 
A 1 109 TRP 109 109 109 TRP TRP A . n 
A 1 110 THR 110 110 110 THR THR A . n 
A 1 111 ARG 111 111 111 ARG ARG A . n 
A 1 112 GLU 112 112 112 GLU GLU A . n 
A 1 113 LEU 113 113 113 LEU LEU A . n 
A 1 114 THR 114 114 114 THR THR A . n 
A 1 115 ASN 115 115 115 ASN ASN A . n 
A 1 116 ASP 116 116 116 ASP ASP A . n 
A 1 117 GLY 117 117 117 GLY GLY A . n 
A 1 118 GLU 118 118 118 GLU GLU A . n 
A 1 119 LEU 119 119 119 LEU LEU A . n 
A 1 120 ILE 120 120 120 ILE ILE A . n 
A 1 121 LEU 121 121 121 LEU LEU A . n 
A 1 122 THR 122 122 122 THR THR A . n 
A 1 123 MET 123 123 123 MET MET A . n 
A 1 124 THR 124 124 124 THR THR A . n 
A 1 125 ALA 125 125 125 ALA ALA A . n 
A 1 126 ASP 126 126 126 ASP ASP A . n 
A 1 127 ASP 127 127 127 ASP ASP A . n 
A 1 128 VAL 128 128 128 VAL VAL A . n 
A 1 129 VAL 129 129 129 VAL VAL A . n 
A 1 130 CYS 130 130 130 CYS CYS A . n 
A 1 131 THR 131 131 131 THR THR A . n 
A 1 132 ARG 132 132 132 ARG ARG A . n 
A 1 133 VAL 133 133 133 VAL VAL A . n 
A 1 134 TYR 134 134 134 TYR TYR A . n 
A 1 135 VAL 135 135 135 VAL VAL A . n 
A 1 136 ARG 136 136 136 ARG ARG A . n 
A 1 137 GLU 137 137 137 GLU GLU A . n 
# 
loop_
_pdbx_nonpoly_scheme.asym_id 
_pdbx_nonpoly_scheme.entity_id 
_pdbx_nonpoly_scheme.mon_id 
_pdbx_nonpoly_scheme.ndb_seq_num 
_pdbx_nonpoly_scheme.pdb_seq_num 
_pdbx_nonpoly_scheme.auth_seq_num 
_pdbx_nonpoly_scheme.pdb_mon_id 
_pdbx_nonpoly_scheme.auth_mon_id 
_pdbx_nonpoly_scheme.pdb_strand_id 
_pdbx_nonpoly_scheme.pdb_ins_code 
B 2 R12 1  200 200 R12 R12 A . 
C 3 HOH 1  301 301 HOH HOH A . 
C 3 HOH 2  302 302 HOH HOH A . 
C 3 HOH 3  304 304 HOH HOH A . 
C 3 HOH 4  305 305 HOH HOH A . 
C 3 HOH 5  306 306 HOH HOH A . 
C 3 HOH 6  307 307 HOH HOH A . 
C 3 HOH 7  308 308 HOH HOH A . 
C 3 HOH 8  309 309 HOH HOH A . 
C 3 HOH 9  310 310 HOH HOH A . 
C 3 HOH 10 311 311 HOH HOH A . 
C 3 HOH 11 312 312 HOH HOH A . 
C 3 HOH 12 313 313 HOH HOH A . 
C 3 HOH 13 314 314 HOH HOH A . 
C 3 HOH 14 315 315 HOH HOH A . 
C 3 HOH 15 316 316 HOH HOH A . 
C 3 HOH 16 318 318 HOH HOH A . 
C 3 HOH 17 319 319 HOH HOH A . 
C 3 HOH 18 320 320 HOH HOH A . 
C 3 HOH 19 321 321 HOH HOH A . 
C 3 HOH 20 322 322 HOH HOH A . 
C 3 HOH 21 323 323 HOH HOH A . 
C 3 HOH 22 324 324 HOH HOH A . 
C 3 HOH 23 325 325 HOH HOH A . 
C 3 HOH 24 326 326 HOH HOH A . 
C 3 HOH 25 327 327 HOH HOH A . 
C 3 HOH 26 328 328 HOH HOH A . 
C 3 HOH 27 329 329 HOH HOH A . 
C 3 HOH 28 330 330 HOH HOH A . 
C 3 HOH 29 331 331 HOH HOH A . 
C 3 HOH 30 332 332 HOH HOH A . 
C 3 HOH 31 333 333 HOH HOH A . 
C 3 HOH 32 334 334 HOH HOH A . 
C 3 HOH 33 335 335 HOH HOH A . 
C 3 HOH 34 336 336 HOH HOH A . 
C 3 HOH 35 337 337 HOH HOH A . 
C 3 HOH 36 338 338 HOH HOH A . 
C 3 HOH 37 339 339 HOH HOH A . 
C 3 HOH 38 340 340 HOH HOH A . 
C 3 HOH 39 342 342 HOH HOH A . 
C 3 HOH 40 343 343 HOH HOH A . 
C 3 HOH 41 344 344 HOH HOH A . 
C 3 HOH 42 345 345 HOH HOH A . 
C 3 HOH 43 347 347 HOH HOH A . 
C 3 HOH 44 348 348 HOH HOH A . 
C 3 HOH 45 349 349 HOH HOH A . 
C 3 HOH 46 350 350 HOH HOH A . 
C 3 HOH 47 351 351 HOH HOH A . 
C 3 HOH 48 352 352 HOH HOH A . 
C 3 HOH 49 354 354 HOH HOH A . 
C 3 HOH 50 355 355 HOH HOH A . 
C 3 HOH 51 357 357 HOH HOH A . 
C 3 HOH 52 358 358 HOH HOH A . 
C 3 HOH 53 362 362 HOH HOH A . 
C 3 HOH 54 363 363 HOH HOH A . 
C 3 HOH 55 364 364 HOH HOH A . 
C 3 HOH 56 366 366 HOH HOH A . 
C 3 HOH 57 367 367 HOH HOH A . 
# 
_pdbx_struct_assembly.id                   1 
_pdbx_struct_assembly.details              author_defined_assembly 
_pdbx_struct_assembly.method_details       ? 
_pdbx_struct_assembly.oligomeric_details   monomeric 
_pdbx_struct_assembly.oligomeric_count     1 
# 
_pdbx_struct_assembly_gen.assembly_id       1 
_pdbx_struct_assembly_gen.oper_expression   1 
_pdbx_struct_assembly_gen.asym_id_list      A,B,C 
# 
_pdbx_struct_oper_list.id                   1 
_pdbx_struct_oper_list.type                 'identity operation' 
_pdbx_struct_oper_list.name                 1_555 
_pdbx_struct_oper_list.symmetry_operation   x,y,z 
_pdbx_struct_oper_list.matrix[1][1]         1.0000000000 
_pdbx_struct_oper_list.matrix[1][2]         0.0000000000 
_pdbx_struct_oper_list.matrix[1][3]         0.0000000000 
_pdbx_struct_oper_list.vector[1]            0.0000000000 
_pdbx_struct_oper_list.matrix[2][1]         0.0000000000 
_pdbx_struct_oper_list.matrix[2][2]         1.0000000000 
_pdbx_struct_oper_list.matrix[2][3]         0.0000000000 
_pdbx_struct_oper_list.vector[2]            0.0000000000 
_pdbx_struct_oper_list.matrix[3][1]         0.0000000000 
_pdbx_struct_oper_list.matrix[3][2]         0.0000000000 
_pdbx_struct_oper_list.matrix[3][3]         1.0000000000 
_pdbx_struct_oper_list.vector[3]            0.0000000000 
# 
loop_
_pdbx_audit_revision_history.ordinal 
_pdbx_audit_revision_history.data_content_type 
_pdbx_audit_revision_history.major_revision 
_pdbx_audit_revision_history.minor_revision 
_pdbx_audit_revision_history.revision_date 
1 'Structure model' 1 0 1999-12-22 
2 'Structure model' 1 1 2008-04-26 
3 'Structure model' 1 2 2011-07-13 
4 'Structure model' 1 3 2011-11-02 
5 'Structure model' 1 4 2019-11-06 
6 'Structure model' 1 5 2023-08-30 
# 
_pdbx_audit_revision_details.ordinal             1 
_pdbx_audit_revision_details.revision_ordinal    1 
_pdbx_audit_revision_details.data_content_type   'Structure model' 
_pdbx_audit_revision_details.provider            repository 
_pdbx_audit_revision_details.type                'Initial release' 
_pdbx_audit_revision_details.description         ? 
_pdbx_audit_revision_details.details             ? 
# 
loop_
_pdbx_audit_revision_group.ordinal 
_pdbx_audit_revision_group.revision_ordinal 
_pdbx_audit_revision_group.data_content_type 
_pdbx_audit_revision_group.group 
1 2 'Structure model' 'Version format compliance' 
2 3 'Structure model' 'Version format compliance' 
3 4 'Structure model' 'Non-polymer description'   
4 5 'Structure model' 'Data collection'           
5 5 'Structure model' 'Database references'       
6 6 'Structure model' 'Data collection'           
7 6 'Structure model' 'Database references'       
8 6 'Structure model' 'Derived calculations'      
9 6 'Structure model' 'Refinement description'    
# 
loop_
_pdbx_audit_revision_category.ordinal 
_pdbx_audit_revision_category.revision_ordinal 
_pdbx_audit_revision_category.data_content_type 
_pdbx_audit_revision_category.category 
1 5 'Structure model' citation                      
2 5 'Structure model' citation_author               
3 6 'Structure model' chem_comp_atom                
4 6 'Structure model' chem_comp_bond                
5 6 'Structure model' database_2                    
6 6 'Structure model' pdbx_initial_refinement_model 
7 6 'Structure model' struct_site                   
# 
loop_
_pdbx_audit_revision_item.ordinal 
_pdbx_audit_revision_item.revision_ordinal 
_pdbx_audit_revision_item.data_content_type 
_pdbx_audit_revision_item.item 
1  5 'Structure model' '_citation.page_last'                 
2  5 'Structure model' '_citation.pdbx_database_id_DOI'      
3  5 'Structure model' '_citation.pdbx_database_id_PubMed'   
4  5 'Structure model' '_citation.title'                     
5  5 'Structure model' '_citation_author.name'               
6  6 'Structure model' '_database_2.pdbx_DOI'                
7  6 'Structure model' '_database_2.pdbx_database_accession' 
8  6 'Structure model' '_struct_site.pdbx_auth_asym_id'      
9  6 'Structure model' '_struct_site.pdbx_auth_comp_id'      
10 6 'Structure model' '_struct_site.pdbx_auth_seq_id'       
# 
loop_
_software.name 
_software.classification 
_software.version 
_software.citation_id 
_software.pdbx_ordinal 
AMoRE     phasing          .   ? 1 
CNS       refinement       0.3 ? 2 
DENZO     'data reduction' .   ? 3 
SCALEPACK 'data scaling'   .   ? 4 
# 
loop_
_pdbx_validate_torsion.id 
_pdbx_validate_torsion.PDB_model_num 
_pdbx_validate_torsion.auth_comp_id 
_pdbx_validate_torsion.auth_asym_id 
_pdbx_validate_torsion.auth_seq_id 
_pdbx_validate_torsion.PDB_ins_code 
_pdbx_validate_torsion.label_alt_id 
_pdbx_validate_torsion.phi 
_pdbx_validate_torsion.psi 
1 1 LYS A 38  ? ? -140.64 56.26   
2 1 GLU A 73  ? ? -152.32 -155.35 
3 1 ASP A 126 ? ? 56.44   -121.31 
# 
_pdbx_unobs_or_zero_occ_atoms.id               1 
_pdbx_unobs_or_zero_occ_atoms.PDB_model_num    1 
_pdbx_unobs_or_zero_occ_atoms.polymer_flag     N 
_pdbx_unobs_or_zero_occ_atoms.occupancy_flag   1 
_pdbx_unobs_or_zero_occ_atoms.auth_asym_id     A 
_pdbx_unobs_or_zero_occ_atoms.auth_comp_id     R12 
_pdbx_unobs_or_zero_occ_atoms.auth_seq_id      200 
_pdbx_unobs_or_zero_occ_atoms.PDB_ins_code     ? 
_pdbx_unobs_or_zero_occ_atoms.auth_atom_id     C16 
_pdbx_unobs_or_zero_occ_atoms.label_alt_id     ? 
_pdbx_unobs_or_zero_occ_atoms.label_asym_id    B 
_pdbx_unobs_or_zero_occ_atoms.label_comp_id    R12 
_pdbx_unobs_or_zero_occ_atoms.label_seq_id     1 
_pdbx_unobs_or_zero_occ_atoms.label_atom_id    C16 
# 
loop_
_chem_comp_atom.comp_id 
_chem_comp_atom.atom_id 
_chem_comp_atom.type_symbol 
_chem_comp_atom.pdbx_aromatic_flag 
_chem_comp_atom.pdbx_stereo_config 
_chem_comp_atom.pdbx_ordinal 
ALA N    N N N 1   
ALA CA   C N S 2   
ALA C    C N N 3   
ALA O    O N N 4   
ALA CB   C N N 5   
ALA OXT  O N N 6   
ALA H    H N N 7   
ALA H2   H N N 8   
ALA HA   H N N 9   
ALA HB1  H N N 10  
ALA HB2  H N N 11  
ALA HB3  H N N 12  
ALA HXT  H N N 13  
ARG N    N N N 14  
ARG CA   C N S 15  
ARG C    C N N 16  
ARG O    O N N 17  
ARG CB   C N N 18  
ARG CG   C N N 19  
ARG CD   C N N 20  
ARG NE   N N N 21  
ARG CZ   C N N 22  
ARG NH1  N N N 23  
ARG NH2  N N N 24  
ARG OXT  O N N 25  
ARG H    H N N 26  
ARG H2   H N N 27  
ARG HA   H N N 28  
ARG HB2  H N N 29  
ARG HB3  H N N 30  
ARG HG2  H N N 31  
ARG HG3  H N N 32  
ARG HD2  H N N 33  
ARG HD3  H N N 34  
ARG HE   H N N 35  
ARG HH11 H N N 36  
ARG HH12 H N N 37  
ARG HH21 H N N 38  
ARG HH22 H N N 39  
ARG HXT  H N N 40  
ASN N    N N N 41  
ASN CA   C N S 42  
ASN C    C N N 43  
ASN O    O N N 44  
ASN CB   C N N 45  
ASN CG   C N N 46  
ASN OD1  O N N 47  
ASN ND2  N N N 48  
ASN OXT  O N N 49  
ASN H    H N N 50  
ASN H2   H N N 51  
ASN HA   H N N 52  
ASN HB2  H N N 53  
ASN HB3  H N N 54  
ASN HD21 H N N 55  
ASN HD22 H N N 56  
ASN HXT  H N N 57  
ASP N    N N N 58  
ASP CA   C N S 59  
ASP C    C N N 60  
ASP O    O N N 61  
ASP CB   C N N 62  
ASP CG   C N N 63  
ASP OD1  O N N 64  
ASP OD2  O N N 65  
ASP OXT  O N N 66  
ASP H    H N N 67  
ASP H2   H N N 68  
ASP HA   H N N 69  
ASP HB2  H N N 70  
ASP HB3  H N N 71  
ASP HD2  H N N 72  
ASP HXT  H N N 73  
CYS N    N N N 74  
CYS CA   C N R 75  
CYS C    C N N 76  
CYS O    O N N 77  
CYS CB   C N N 78  
CYS SG   S N N 79  
CYS OXT  O N N 80  
CYS H    H N N 81  
CYS H2   H N N 82  
CYS HA   H N N 83  
CYS HB2  H N N 84  
CYS HB3  H N N 85  
CYS HG   H N N 86  
CYS HXT  H N N 87  
GLN N    N N N 88  
GLN CA   C N S 89  
GLN C    C N N 90  
GLN O    O N N 91  
GLN CB   C N N 92  
GLN CG   C N N 93  
GLN CD   C N N 94  
GLN OE1  O N N 95  
GLN NE2  N N N 96  
GLN OXT  O N N 97  
GLN H    H N N 98  
GLN H2   H N N 99  
GLN HA   H N N 100 
GLN HB2  H N N 101 
GLN HB3  H N N 102 
GLN HG2  H N N 103 
GLN HG3  H N N 104 
GLN HE21 H N N 105 
GLN HE22 H N N 106 
GLN HXT  H N N 107 
GLU N    N N N 108 
GLU CA   C N S 109 
GLU C    C N N 110 
GLU O    O N N 111 
GLU CB   C N N 112 
GLU CG   C N N 113 
GLU CD   C N N 114 
GLU OE1  O N N 115 
GLU OE2  O N N 116 
GLU OXT  O N N 117 
GLU H    H N N 118 
GLU H2   H N N 119 
GLU HA   H N N 120 
GLU HB2  H N N 121 
GLU HB3  H N N 122 
GLU HG2  H N N 123 
GLU HG3  H N N 124 
GLU HE2  H N N 125 
GLU HXT  H N N 126 
GLY N    N N N 127 
GLY CA   C N N 128 
GLY C    C N N 129 
GLY O    O N N 130 
GLY OXT  O N N 131 
GLY H    H N N 132 
GLY H2   H N N 133 
GLY HA2  H N N 134 
GLY HA3  H N N 135 
GLY HXT  H N N 136 
HOH O    O N N 137 
HOH H1   H N N 138 
HOH H2   H N N 139 
ILE N    N N N 140 
ILE CA   C N S 141 
ILE C    C N N 142 
ILE O    O N N 143 
ILE CB   C N S 144 
ILE CG1  C N N 145 
ILE CG2  C N N 146 
ILE CD1  C N N 147 
ILE OXT  O N N 148 
ILE H    H N N 149 
ILE H2   H N N 150 
ILE HA   H N N 151 
ILE HB   H N N 152 
ILE HG12 H N N 153 
ILE HG13 H N N 154 
ILE HG21 H N N 155 
ILE HG22 H N N 156 
ILE HG23 H N N 157 
ILE HD11 H N N 158 
ILE HD12 H N N 159 
ILE HD13 H N N 160 
ILE HXT  H N N 161 
LEU N    N N N 162 
LEU CA   C N S 163 
LEU C    C N N 164 
LEU O    O N N 165 
LEU CB   C N N 166 
LEU CG   C N N 167 
LEU CD1  C N N 168 
LEU CD2  C N N 169 
LEU OXT  O N N 170 
LEU H    H N N 171 
LEU H2   H N N 172 
LEU HA   H N N 173 
LEU HB2  H N N 174 
LEU HB3  H N N 175 
LEU HG   H N N 176 
LEU HD11 H N N 177 
LEU HD12 H N N 178 
LEU HD13 H N N 179 
LEU HD21 H N N 180 
LEU HD22 H N N 181 
LEU HD23 H N N 182 
LEU HXT  H N N 183 
LYS N    N N N 184 
LYS CA   C N S 185 
LYS C    C N N 186 
LYS O    O N N 187 
LYS CB   C N N 188 
LYS CG   C N N 189 
LYS CD   C N N 190 
LYS CE   C N N 191 
LYS NZ   N N N 192 
LYS OXT  O N N 193 
LYS H    H N N 194 
LYS H2   H N N 195 
LYS HA   H N N 196 
LYS HB2  H N N 197 
LYS HB3  H N N 198 
LYS HG2  H N N 199 
LYS HG3  H N N 200 
LYS HD2  H N N 201 
LYS HD3  H N N 202 
LYS HE2  H N N 203 
LYS HE3  H N N 204 
LYS HZ1  H N N 205 
LYS HZ2  H N N 206 
LYS HZ3  H N N 207 
LYS HXT  H N N 208 
MET N    N N N 209 
MET CA   C N S 210 
MET C    C N N 211 
MET O    O N N 212 
MET CB   C N N 213 
MET CG   C N N 214 
MET SD   S N N 215 
MET CE   C N N 216 
MET OXT  O N N 217 
MET H    H N N 218 
MET H2   H N N 219 
MET HA   H N N 220 
MET HB2  H N N 221 
MET HB3  H N N 222 
MET HG2  H N N 223 
MET HG3  H N N 224 
MET HE1  H N N 225 
MET HE2  H N N 226 
MET HE3  H N N 227 
MET HXT  H N N 228 
PHE N    N N N 229 
PHE CA   C N S 230 
PHE C    C N N 231 
PHE O    O N N 232 
PHE CB   C N N 233 
PHE CG   C Y N 234 
PHE CD1  C Y N 235 
PHE CD2  C Y N 236 
PHE CE1  C Y N 237 
PHE CE2  C Y N 238 
PHE CZ   C Y N 239 
PHE OXT  O N N 240 
PHE H    H N N 241 
PHE H2   H N N 242 
PHE HA   H N N 243 
PHE HB2  H N N 244 
PHE HB3  H N N 245 
PHE HD1  H N N 246 
PHE HD2  H N N 247 
PHE HE1  H N N 248 
PHE HE2  H N N 249 
PHE HZ   H N N 250 
PHE HXT  H N N 251 
PRO N    N N N 252 
PRO CA   C N S 253 
PRO C    C N N 254 
PRO O    O N N 255 
PRO CB   C N N 256 
PRO CG   C N N 257 
PRO CD   C N N 258 
PRO OXT  O N N 259 
PRO H    H N N 260 
PRO HA   H N N 261 
PRO HB2  H N N 262 
PRO HB3  H N N 263 
PRO HG2  H N N 264 
PRO HG3  H N N 265 
PRO HD2  H N N 266 
PRO HD3  H N N 267 
PRO HXT  H N N 268 
R12 C1   C Y N 269 
R12 C2   C Y N 270 
R12 C3   C Y N 271 
R12 C4   C Y N 272 
R12 C5   C Y N 273 
R12 C6   C Y N 274 
R12 C7   C N N 275 
R12 C8   C N N 276 
R12 C9   C N N 277 
R12 C10  C N N 278 
R12 C11  C N N 279 
R12 C12  C N N 280 
R12 C13  C N N 281 
R12 C14  C N N 282 
R12 C15  C N N 283 
R12 C18  C N N 284 
R12 C19  C N N 285 
R12 C20  C N N 286 
R12 C23  C N N 287 
R12 O1   O N N 288 
R12 O2   O N N 289 
R12 O3   O N N 290 
R12 H2   H N N 291 
R12 H3   H N N 292 
R12 H4   H N N 293 
R12 H5   H N N 294 
R12 H6   H N N 295 
R12 H7   H N N 296 
R12 H8   H N N 297 
R12 H9   H N N 298 
R12 H10  H N N 299 
R12 H11  H N N 300 
R12 H12  H N N 301 
R12 H13  H N N 302 
R12 H14  H N N 303 
R12 H15  H N N 304 
R12 H16  H N N 305 
R12 H17  H N N 306 
R12 H18  H N N 307 
R12 H19  H N N 308 
R12 H20  H N N 309 
R12 H21  H N N 310 
R12 H22  H N N 311 
R12 C16  C N N 312 
R12 H1   H N N 313 
R12 H23  H N N 314 
R12 H24  H N N 315 
SER N    N N N 316 
SER CA   C N S 317 
SER C    C N N 318 
SER O    O N N 319 
SER CB   C N N 320 
SER OG   O N N 321 
SER OXT  O N N 322 
SER H    H N N 323 
SER H2   H N N 324 
SER HA   H N N 325 
SER HB2  H N N 326 
SER HB3  H N N 327 
SER HG   H N N 328 
SER HXT  H N N 329 
THR N    N N N 330 
THR CA   C N S 331 
THR C    C N N 332 
THR O    O N N 333 
THR CB   C N R 334 
THR OG1  O N N 335 
THR CG2  C N N 336 
THR OXT  O N N 337 
THR H    H N N 338 
THR H2   H N N 339 
THR HA   H N N 340 
THR HB   H N N 341 
THR HG1  H N N 342 
THR HG21 H N N 343 
THR HG22 H N N 344 
THR HG23 H N N 345 
THR HXT  H N N 346 
TRP N    N N N 347 
TRP CA   C N S 348 
TRP C    C N N 349 
TRP O    O N N 350 
TRP CB   C N N 351 
TRP CG   C Y N 352 
TRP CD1  C Y N 353 
TRP CD2  C Y N 354 
TRP NE1  N Y N 355 
TRP CE2  C Y N 356 
TRP CE3  C Y N 357 
TRP CZ2  C Y N 358 
TRP CZ3  C Y N 359 
TRP CH2  C Y N 360 
TRP OXT  O N N 361 
TRP H    H N N 362 
TRP H2   H N N 363 
TRP HA   H N N 364 
TRP HB2  H N N 365 
TRP HB3  H N N 366 
TRP HD1  H N N 367 
TRP HE1  H N N 368 
TRP HE3  H N N 369 
TRP HZ2  H N N 370 
TRP HZ3  H N N 371 
TRP HH2  H N N 372 
TRP HXT  H N N 373 
TYR N    N N N 374 
TYR CA   C N S 375 
TYR C    C N N 376 
TYR O    O N N 377 
TYR CB   C N N 378 
TYR CG   C Y N 379 
TYR CD1  C Y N 380 
TYR CD2  C Y N 381 
TYR CE1  C Y N 382 
TYR CE2  C Y N 383 
TYR CZ   C Y N 384 
TYR OH   O N N 385 
TYR OXT  O N N 386 
TYR H    H N N 387 
TYR H2   H N N 388 
TYR HA   H N N 389 
TYR HB2  H N N 390 
TYR HB3  H N N 391 
TYR HD1  H N N 392 
TYR HD2  H N N 393 
TYR HE1  H N N 394 
TYR HE2  H N N 395 
TYR HH   H N N 396 
TYR HXT  H N N 397 
VAL N    N N N 398 
VAL CA   C N S 399 
VAL C    C N N 400 
VAL O    O N N 401 
VAL CB   C N N 402 
VAL CG1  C N N 403 
VAL CG2  C N N 404 
VAL OXT  O N N 405 
VAL H    H N N 406 
VAL H2   H N N 407 
VAL HA   H N N 408 
VAL HB   H N N 409 
VAL HG11 H N N 410 
VAL HG12 H N N 411 
VAL HG13 H N N 412 
VAL HG21 H N N 413 
VAL HG22 H N N 414 
VAL HG23 H N N 415 
VAL HXT  H N N 416 
# 
loop_
_chem_comp_bond.comp_id 
_chem_comp_bond.atom_id_1 
_chem_comp_bond.atom_id_2 
_chem_comp_bond.value_order 
_chem_comp_bond.pdbx_aromatic_flag 
_chem_comp_bond.pdbx_stereo_config 
_chem_comp_bond.pdbx_ordinal 
ALA N   CA   sing N N 1   
ALA N   H    sing N N 2   
ALA N   H2   sing N N 3   
ALA CA  C    sing N N 4   
ALA CA  CB   sing N N 5   
ALA CA  HA   sing N N 6   
ALA C   O    doub N N 7   
ALA C   OXT  sing N N 8   
ALA CB  HB1  sing N N 9   
ALA CB  HB2  sing N N 10  
ALA CB  HB3  sing N N 11  
ALA OXT HXT  sing N N 12  
ARG N   CA   sing N N 13  
ARG N   H    sing N N 14  
ARG N   H2   sing N N 15  
ARG CA  C    sing N N 16  
ARG CA  CB   sing N N 17  
ARG CA  HA   sing N N 18  
ARG C   O    doub N N 19  
ARG C   OXT  sing N N 20  
ARG CB  CG   sing N N 21  
ARG CB  HB2  sing N N 22  
ARG CB  HB3  sing N N 23  
ARG CG  CD   sing N N 24  
ARG CG  HG2  sing N N 25  
ARG CG  HG3  sing N N 26  
ARG CD  NE   sing N N 27  
ARG CD  HD2  sing N N 28  
ARG CD  HD3  sing N N 29  
ARG NE  CZ   sing N N 30  
ARG NE  HE   sing N N 31  
ARG CZ  NH1  sing N N 32  
ARG CZ  NH2  doub N N 33  
ARG NH1 HH11 sing N N 34  
ARG NH1 HH12 sing N N 35  
ARG NH2 HH21 sing N N 36  
ARG NH2 HH22 sing N N 37  
ARG OXT HXT  sing N N 38  
ASN N   CA   sing N N 39  
ASN N   H    sing N N 40  
ASN N   H2   sing N N 41  
ASN CA  C    sing N N 42  
ASN CA  CB   sing N N 43  
ASN CA  HA   sing N N 44  
ASN C   O    doub N N 45  
ASN C   OXT  sing N N 46  
ASN CB  CG   sing N N 47  
ASN CB  HB2  sing N N 48  
ASN CB  HB3  sing N N 49  
ASN CG  OD1  doub N N 50  
ASN CG  ND2  sing N N 51  
ASN ND2 HD21 sing N N 52  
ASN ND2 HD22 sing N N 53  
ASN OXT HXT  sing N N 54  
ASP N   CA   sing N N 55  
ASP N   H    sing N N 56  
ASP N   H2   sing N N 57  
ASP CA  C    sing N N 58  
ASP CA  CB   sing N N 59  
ASP CA  HA   sing N N 60  
ASP C   O    doub N N 61  
ASP C   OXT  sing N N 62  
ASP CB  CG   sing N N 63  
ASP CB  HB2  sing N N 64  
ASP CB  HB3  sing N N 65  
ASP CG  OD1  doub N N 66  
ASP CG  OD2  sing N N 67  
ASP OD2 HD2  sing N N 68  
ASP OXT HXT  sing N N 69  
CYS N   CA   sing N N 70  
CYS N   H    sing N N 71  
CYS N   H2   sing N N 72  
CYS CA  C    sing N N 73  
CYS CA  CB   sing N N 74  
CYS CA  HA   sing N N 75  
CYS C   O    doub N N 76  
CYS C   OXT  sing N N 77  
CYS CB  SG   sing N N 78  
CYS CB  HB2  sing N N 79  
CYS CB  HB3  sing N N 80  
CYS SG  HG   sing N N 81  
CYS OXT HXT  sing N N 82  
GLN N   CA   sing N N 83  
GLN N   H    sing N N 84  
GLN N   H2   sing N N 85  
GLN CA  C    sing N N 86  
GLN CA  CB   sing N N 87  
GLN CA  HA   sing N N 88  
GLN C   O    doub N N 89  
GLN C   OXT  sing N N 90  
GLN CB  CG   sing N N 91  
GLN CB  HB2  sing N N 92  
GLN CB  HB3  sing N N 93  
GLN CG  CD   sing N N 94  
GLN CG  HG2  sing N N 95  
GLN CG  HG3  sing N N 96  
GLN CD  OE1  doub N N 97  
GLN CD  NE2  sing N N 98  
GLN NE2 HE21 sing N N 99  
GLN NE2 HE22 sing N N 100 
GLN OXT HXT  sing N N 101 
GLU N   CA   sing N N 102 
GLU N   H    sing N N 103 
GLU N   H2   sing N N 104 
GLU CA  C    sing N N 105 
GLU CA  CB   sing N N 106 
GLU CA  HA   sing N N 107 
GLU C   O    doub N N 108 
GLU C   OXT  sing N N 109 
GLU CB  CG   sing N N 110 
GLU CB  HB2  sing N N 111 
GLU CB  HB3  sing N N 112 
GLU CG  CD   sing N N 113 
GLU CG  HG2  sing N N 114 
GLU CG  HG3  sing N N 115 
GLU CD  OE1  doub N N 116 
GLU CD  OE2  sing N N 117 
GLU OE2 HE2  sing N N 118 
GLU OXT HXT  sing N N 119 
GLY N   CA   sing N N 120 
GLY N   H    sing N N 121 
GLY N   H2   sing N N 122 
GLY CA  C    sing N N 123 
GLY CA  HA2  sing N N 124 
GLY CA  HA3  sing N N 125 
GLY C   O    doub N N 126 
GLY C   OXT  sing N N 127 
GLY OXT HXT  sing N N 128 
HOH O   H1   sing N N 129 
HOH O   H2   sing N N 130 
ILE N   CA   sing N N 131 
ILE N   H    sing N N 132 
ILE N   H2   sing N N 133 
ILE CA  C    sing N N 134 
ILE CA  CB   sing N N 135 
ILE CA  HA   sing N N 136 
ILE C   O    doub N N 137 
ILE C   OXT  sing N N 138 
ILE CB  CG1  sing N N 139 
ILE CB  CG2  sing N N 140 
ILE CB  HB   sing N N 141 
ILE CG1 CD1  sing N N 142 
ILE CG1 HG12 sing N N 143 
ILE CG1 HG13 sing N N 144 
ILE CG2 HG21 sing N N 145 
ILE CG2 HG22 sing N N 146 
ILE CG2 HG23 sing N N 147 
ILE CD1 HD11 sing N N 148 
ILE CD1 HD12 sing N N 149 
ILE CD1 HD13 sing N N 150 
ILE OXT HXT  sing N N 151 
LEU N   CA   sing N N 152 
LEU N   H    sing N N 153 
LEU N   H2   sing N N 154 
LEU CA  C    sing N N 155 
LEU CA  CB   sing N N 156 
LEU CA  HA   sing N N 157 
LEU C   O    doub N N 158 
LEU C   OXT  sing N N 159 
LEU CB  CG   sing N N 160 
LEU CB  HB2  sing N N 161 
LEU CB  HB3  sing N N 162 
LEU CG  CD1  sing N N 163 
LEU CG  CD2  sing N N 164 
LEU CG  HG   sing N N 165 
LEU CD1 HD11 sing N N 166 
LEU CD1 HD12 sing N N 167 
LEU CD1 HD13 sing N N 168 
LEU CD2 HD21 sing N N 169 
LEU CD2 HD22 sing N N 170 
LEU CD2 HD23 sing N N 171 
LEU OXT HXT  sing N N 172 
LYS N   CA   sing N N 173 
LYS N   H    sing N N 174 
LYS N   H2   sing N N 175 
LYS CA  C    sing N N 176 
LYS CA  CB   sing N N 177 
LYS CA  HA   sing N N 178 
LYS C   O    doub N N 179 
LYS C   OXT  sing N N 180 
LYS CB  CG   sing N N 181 
LYS CB  HB2  sing N N 182 
LYS CB  HB3  sing N N 183 
LYS CG  CD   sing N N 184 
LYS CG  HG2  sing N N 185 
LYS CG  HG3  sing N N 186 
LYS CD  CE   sing N N 187 
LYS CD  HD2  sing N N 188 
LYS CD  HD3  sing N N 189 
LYS CE  NZ   sing N N 190 
LYS CE  HE2  sing N N 191 
LYS CE  HE3  sing N N 192 
LYS NZ  HZ1  sing N N 193 
LYS NZ  HZ2  sing N N 194 
LYS NZ  HZ3  sing N N 195 
LYS OXT HXT  sing N N 196 
MET N   CA   sing N N 197 
MET N   H    sing N N 198 
MET N   H2   sing N N 199 
MET CA  C    sing N N 200 
MET CA  CB   sing N N 201 
MET CA  HA   sing N N 202 
MET C   O    doub N N 203 
MET C   OXT  sing N N 204 
MET CB  CG   sing N N 205 
MET CB  HB2  sing N N 206 
MET CB  HB3  sing N N 207 
MET CG  SD   sing N N 208 
MET CG  HG2  sing N N 209 
MET CG  HG3  sing N N 210 
MET SD  CE   sing N N 211 
MET CE  HE1  sing N N 212 
MET CE  HE2  sing N N 213 
MET CE  HE3  sing N N 214 
MET OXT HXT  sing N N 215 
PHE N   CA   sing N N 216 
PHE N   H    sing N N 217 
PHE N   H2   sing N N 218 
PHE CA  C    sing N N 219 
PHE CA  CB   sing N N 220 
PHE CA  HA   sing N N 221 
PHE C   O    doub N N 222 
PHE C   OXT  sing N N 223 
PHE CB  CG   sing N N 224 
PHE CB  HB2  sing N N 225 
PHE CB  HB3  sing N N 226 
PHE CG  CD1  doub Y N 227 
PHE CG  CD2  sing Y N 228 
PHE CD1 CE1  sing Y N 229 
PHE CD1 HD1  sing N N 230 
PHE CD2 CE2  doub Y N 231 
PHE CD2 HD2  sing N N 232 
PHE CE1 CZ   doub Y N 233 
PHE CE1 HE1  sing N N 234 
PHE CE2 CZ   sing Y N 235 
PHE CE2 HE2  sing N N 236 
PHE CZ  HZ   sing N N 237 
PHE OXT HXT  sing N N 238 
PRO N   CA   sing N N 239 
PRO N   CD   sing N N 240 
PRO N   H    sing N N 241 
PRO CA  C    sing N N 242 
PRO CA  CB   sing N N 243 
PRO CA  HA   sing N N 244 
PRO C   O    doub N N 245 
PRO C   OXT  sing N N 246 
PRO CB  CG   sing N N 247 
PRO CB  HB2  sing N N 248 
PRO CB  HB3  sing N N 249 
PRO CG  CD   sing N N 250 
PRO CG  HG2  sing N N 251 
PRO CG  HG3  sing N N 252 
PRO CD  HD2  sing N N 253 
PRO CD  HD3  sing N N 254 
PRO OXT HXT  sing N N 255 
R12 O2  C15  doub N N 256 
R12 C15 O3   sing N N 257 
R12 C15 C14  sing N N 258 
R12 C14 C13  doub N E 259 
R12 C13 C18  sing N N 260 
R12 C13 C12  sing N N 261 
R12 C12 C11  doub N E 262 
R12 C11 C10  sing N N 263 
R12 C10 C9   doub N E 264 
R12 C9  C19  sing N N 265 
R12 C9  C8   sing N N 266 
R12 C8  C7   doub N E 267 
R12 C7  C4   sing N N 268 
R12 C20 C5   sing N N 269 
R12 C4  C5   doub Y N 270 
R12 C4  C3   sing Y N 271 
R12 C5  C6   sing Y N 272 
R12 C23 C3   sing N N 273 
R12 C3  C2   doub Y N 274 
R12 C6  C1   doub Y N 275 
R12 C2  C1   sing Y N 276 
R12 C1  O1   sing N N 277 
R12 C6  H2   sing N N 278 
R12 C7  H3   sing N N 279 
R12 C8  H4   sing N N 280 
R12 C10 H5   sing N N 281 
R12 C11 H6   sing N N 282 
R12 C12 H7   sing N N 283 
R12 C14 H8   sing N N 284 
R12 C18 H9   sing N N 285 
R12 C18 H10  sing N N 286 
R12 C18 H11  sing N N 287 
R12 C19 H12  sing N N 288 
R12 C19 H13  sing N N 289 
R12 C19 H14  sing N N 290 
R12 C20 H15  sing N N 291 
R12 C20 H16  sing N N 292 
R12 C20 H17  sing N N 293 
R12 C23 H18  sing N N 294 
R12 C23 H19  sing N N 295 
R12 C23 H20  sing N N 296 
R12 O1  H21  sing N N 297 
R12 O3  H22  sing N N 298 
R12 C2  C16  sing N N 299 
R12 C16 H1   sing N N 300 
R12 C16 H23  sing N N 301 
R12 C16 H24  sing N N 302 
SER N   CA   sing N N 303 
SER N   H    sing N N 304 
SER N   H2   sing N N 305 
SER CA  C    sing N N 306 
SER CA  CB   sing N N 307 
SER CA  HA   sing N N 308 
SER C   O    doub N N 309 
SER C   OXT  sing N N 310 
SER CB  OG   sing N N 311 
SER CB  HB2  sing N N 312 
SER CB  HB3  sing N N 313 
SER OG  HG   sing N N 314 
SER OXT HXT  sing N N 315 
THR N   CA   sing N N 316 
THR N   H    sing N N 317 
THR N   H2   sing N N 318 
THR CA  C    sing N N 319 
THR CA  CB   sing N N 320 
THR CA  HA   sing N N 321 
THR C   O    doub N N 322 
THR C   OXT  sing N N 323 
THR CB  OG1  sing N N 324 
THR CB  CG2  sing N N 325 
THR CB  HB   sing N N 326 
THR OG1 HG1  sing N N 327 
THR CG2 HG21 sing N N 328 
THR CG2 HG22 sing N N 329 
THR CG2 HG23 sing N N 330 
THR OXT HXT  sing N N 331 
TRP N   CA   sing N N 332 
TRP N   H    sing N N 333 
TRP N   H2   sing N N 334 
TRP CA  C    sing N N 335 
TRP CA  CB   sing N N 336 
TRP CA  HA   sing N N 337 
TRP C   O    doub N N 338 
TRP C   OXT  sing N N 339 
TRP CB  CG   sing N N 340 
TRP CB  HB2  sing N N 341 
TRP CB  HB3  sing N N 342 
TRP CG  CD1  doub Y N 343 
TRP CG  CD2  sing Y N 344 
TRP CD1 NE1  sing Y N 345 
TRP CD1 HD1  sing N N 346 
TRP CD2 CE2  doub Y N 347 
TRP CD2 CE3  sing Y N 348 
TRP NE1 CE2  sing Y N 349 
TRP NE1 HE1  sing N N 350 
TRP CE2 CZ2  sing Y N 351 
TRP CE3 CZ3  doub Y N 352 
TRP CE3 HE3  sing N N 353 
TRP CZ2 CH2  doub Y N 354 
TRP CZ2 HZ2  sing N N 355 
TRP CZ3 CH2  sing Y N 356 
TRP CZ3 HZ3  sing N N 357 
TRP CH2 HH2  sing N N 358 
TRP OXT HXT  sing N N 359 
TYR N   CA   sing N N 360 
TYR N   H    sing N N 361 
TYR N   H2   sing N N 362 
TYR CA  C    sing N N 363 
TYR CA  CB   sing N N 364 
TYR CA  HA   sing N N 365 
TYR C   O    doub N N 366 
TYR C   OXT  sing N N 367 
TYR CB  CG   sing N N 368 
TYR CB  HB2  sing N N 369 
TYR CB  HB3  sing N N 370 
TYR CG  CD1  doub Y N 371 
TYR CG  CD2  sing Y N 372 
TYR CD1 CE1  sing Y N 373 
TYR CD1 HD1  sing N N 374 
TYR CD2 CE2  doub Y N 375 
TYR CD2 HD2  sing N N 376 
TYR CE1 CZ   doub Y N 377 
TYR CE1 HE1  sing N N 378 
TYR CE2 CZ   sing Y N 379 
TYR CE2 HE2  sing N N 380 
TYR CZ  OH   sing N N 381 
TYR OH  HH   sing N N 382 
TYR OXT HXT  sing N N 383 
VAL N   CA   sing N N 384 
VAL N   H    sing N N 385 
VAL N   H2   sing N N 386 
VAL CA  C    sing N N 387 
VAL CA  CB   sing N N 388 
VAL CA  HA   sing N N 389 
VAL C   O    doub N N 390 
VAL C   OXT  sing N N 391 
VAL CB  CG1  sing N N 392 
VAL CB  CG2  sing N N 393 
VAL CB  HB   sing N N 394 
VAL CG1 HG11 sing N N 395 
VAL CG1 HG12 sing N N 396 
VAL CG1 HG13 sing N N 397 
VAL CG2 HG21 sing N N 398 
VAL CG2 HG22 sing N N 399 
VAL CG2 HG23 sing N N 400 
VAL OXT HXT  sing N N 401 
# 
loop_
_pdbx_entity_nonpoly.entity_id 
_pdbx_entity_nonpoly.name 
_pdbx_entity_nonpoly.comp_id 
2 '(2E,4E,6E,8E)-9-(4-hydroxy-2,3,6-trimethylphenyl)-3,7-dimethylnona-2,4,6,8-tetraenoic acid' R12 
3 water                                                                                        HOH 
# 
_pdbx_initial_refinement_model.id               1 
_pdbx_initial_refinement_model.entity_id_list   ? 
_pdbx_initial_refinement_model.type             'experimental model' 
_pdbx_initial_refinement_model.source_name      PDB 
_pdbx_initial_refinement_model.accession_code   1CBS 
_pdbx_initial_refinement_model.details          ? 
# 
